data_1GUL
#
_entry.id   1GUL
#
_cell.length_a   155.300
_cell.length_b   156.100
_cell.length_c   101.300
_cell.angle_alpha   90.00
_cell.angle_beta   90.00
_cell.angle_gamma   90.00
#
_symmetry.space_group_name_H-M   'P 21 21 2'
#
loop_
_entity.id
_entity.type
_entity.pdbx_description
1 polymer 'Glutathione S-transferase A4'
2 non-polymer GAMMA-GLUTAMYL[S-(2-IODOBENZYL)CYSTEINYL]GLYCINE
3 water water
#
_entity_poly.entity_id   1
_entity_poly.type   'polypeptide(L)'
_entity_poly.pdbx_seq_one_letter_code
;MAARPKLHYPNGRGRMESVRWVLAAAGVEFDEEFLETKEQLYKLQDGNHLLFQQVPMVEIDGMKLVQTRSILHYIADKHN
LFGKNLKERTLIDMYVEGTLDLLELLIMHPFLKPDDQQKEVVNMAQKAIIRYFPVFEKILRGHGQSFLVGNQLSLADVIL
LQTILALEEKIPNILSAFPFLQEYTVKLSNIPTIKRFLEPGSKKKPPPDEIYVRTVYNIFRP
;
_entity_poly.pdbx_strand_id   A,B,C,D,E,F,G,H
#
# COMPACT_ATOMS: atom_id res chain seq x y z
N ARG A 4 61.47 -7.80 -26.51
CA ARG A 4 61.31 -9.24 -26.79
C ARG A 4 60.70 -9.97 -25.57
N PRO A 5 59.50 -10.57 -25.74
CA PRO A 5 58.83 -11.21 -24.64
C PRO A 5 59.59 -12.27 -23.99
N LYS A 6 59.33 -12.33 -22.71
CA LYS A 6 59.98 -13.29 -21.89
C LYS A 6 58.94 -14.13 -21.17
N LEU A 7 59.11 -15.40 -21.41
CA LEU A 7 58.25 -16.40 -20.91
C LEU A 7 58.77 -17.13 -19.72
N HIS A 8 57.97 -17.08 -18.65
CA HIS A 8 58.33 -17.79 -17.45
C HIS A 8 57.57 -19.05 -17.31
N TYR A 9 58.26 -20.15 -17.26
CA TYR A 9 57.58 -21.38 -17.13
C TYR A 9 58.64 -22.42 -17.10
N PRO A 10 58.22 -23.56 -16.67
CA PRO A 10 59.04 -24.72 -16.71
C PRO A 10 59.34 -24.98 -18.16
N ASN A 11 60.35 -25.81 -18.38
CA ASN A 11 60.66 -26.08 -19.77
C ASN A 11 59.86 -27.23 -20.30
N GLY A 12 58.64 -26.93 -20.77
CA GLY A 12 57.73 -27.94 -21.28
C GLY A 12 56.51 -27.22 -21.74
N ARG A 13 55.58 -27.99 -22.25
CA ARG A 13 54.38 -27.42 -22.82
C ARG A 13 53.46 -26.73 -21.83
N GLY A 14 52.86 -27.58 -21.01
CA GLY A 14 51.87 -27.21 -20.03
C GLY A 14 50.89 -26.28 -20.63
N ARG A 15 50.61 -25.22 -19.87
CA ARG A 15 49.70 -24.21 -20.34
C ARG A 15 50.33 -23.15 -21.22
N MET A 16 51.66 -23.04 -21.17
CA MET A 16 52.38 -22.01 -21.92
C MET A 16 52.46 -22.19 -23.43
N GLU A 17 52.30 -23.45 -23.82
CA GLU A 17 52.42 -23.75 -25.21
C GLU A 17 51.55 -22.96 -26.14
N SER A 18 50.36 -22.66 -25.70
CA SER A 18 49.47 -21.90 -26.53
C SER A 18 50.05 -20.57 -26.83
N VAL A 19 50.66 -20.04 -25.81
CA VAL A 19 51.33 -18.76 -25.94
C VAL A 19 52.49 -18.84 -26.91
N ARG A 20 53.25 -19.93 -26.81
CA ARG A 20 54.30 -20.07 -27.80
C ARG A 20 53.69 -20.12 -29.17
N TRP A 21 52.68 -20.95 -29.35
CA TRP A 21 52.07 -21.02 -30.66
C TRP A 21 51.66 -19.70 -31.22
N VAL A 22 51.02 -18.90 -30.40
CA VAL A 22 50.53 -17.66 -30.88
C VAL A 22 51.61 -16.70 -31.24
N LEU A 23 52.54 -16.57 -30.34
CA LEU A 23 53.66 -15.70 -30.58
C LEU A 23 54.31 -16.07 -31.89
N ALA A 24 54.68 -17.37 -32.01
CA ALA A 24 55.31 -17.91 -33.22
C ALA A 24 54.52 -17.61 -34.44
N ALA A 25 53.25 -17.89 -34.37
CA ALA A 25 52.42 -17.66 -35.51
C ALA A 25 52.42 -16.24 -35.93
N ALA A 26 52.39 -15.35 -34.95
CA ALA A 26 52.34 -13.92 -35.19
C ALA A 26 53.70 -13.42 -35.66
N GLY A 27 54.62 -14.33 -35.76
CA GLY A 27 55.94 -14.01 -36.18
C GLY A 27 56.80 -13.34 -35.13
N VAL A 28 56.41 -13.39 -33.86
CA VAL A 28 57.16 -12.75 -32.79
C VAL A 28 58.18 -13.64 -32.12
N GLU A 29 59.42 -13.13 -31.99
CA GLU A 29 60.53 -13.86 -31.35
C GLU A 29 60.46 -13.59 -29.88
N PHE A 30 60.86 -14.56 -29.05
CA PHE A 30 60.75 -14.30 -27.65
C PHE A 30 61.71 -15.10 -26.90
N ASP A 31 61.81 -14.76 -25.62
CA ASP A 31 62.73 -15.51 -24.83
C ASP A 31 62.00 -16.31 -23.82
N GLU A 32 62.74 -17.21 -23.19
CA GLU A 32 62.19 -18.05 -22.19
C GLU A 32 63.08 -18.13 -20.95
N GLU A 33 62.49 -18.12 -19.75
CA GLU A 33 63.22 -18.26 -18.55
C GLU A 33 62.66 -19.42 -17.78
N PHE A 34 63.34 -20.54 -17.86
CA PHE A 34 62.80 -21.72 -17.28
C PHE A 34 62.78 -21.95 -15.83
N LEU A 35 61.66 -22.46 -15.35
CA LEU A 35 61.66 -22.86 -13.97
C LEU A 35 62.05 -24.31 -13.89
N GLU A 36 62.96 -24.57 -12.94
CA GLU A 36 63.45 -25.90 -12.62
C GLU A 36 63.21 -26.41 -11.20
N THR A 37 63.01 -25.48 -10.24
CA THR A 37 62.81 -25.77 -8.82
C THR A 37 61.79 -24.89 -8.10
N LYS A 38 61.37 -25.40 -6.92
CA LYS A 38 60.44 -24.65 -6.06
C LYS A 38 61.01 -23.26 -5.82
N GLU A 39 62.26 -23.31 -5.49
CA GLU A 39 62.99 -22.12 -5.16
C GLU A 39 63.00 -21.04 -6.21
N GLN A 40 63.23 -21.42 -7.45
CA GLN A 40 63.15 -20.38 -8.46
C GLN A 40 61.77 -19.79 -8.56
N LEU A 41 60.77 -20.64 -8.31
CA LEU A 41 59.43 -20.19 -8.32
C LEU A 41 59.28 -19.21 -7.18
N TYR A 42 59.77 -19.60 -6.01
CA TYR A 42 59.71 -18.64 -4.88
C TYR A 42 60.30 -17.30 -5.16
N LYS A 43 61.42 -17.32 -5.81
CA LYS A 43 61.98 -16.02 -6.05
C LYS A 43 61.12 -15.19 -6.95
N LEU A 44 60.49 -15.85 -7.84
CA LEU A 44 59.69 -15.13 -8.78
C LEU A 44 58.52 -14.53 -8.05
N GLN A 45 58.02 -15.35 -7.16
CA GLN A 45 56.88 -15.00 -6.38
C GLN A 45 57.24 -13.92 -5.46
N ASP A 46 58.34 -14.19 -4.77
CA ASP A 46 58.88 -13.26 -3.80
C ASP A 46 59.09 -11.87 -4.38
N GLY A 47 59.61 -11.73 -5.57
CA GLY A 47 59.79 -10.40 -6.05
C GLY A 47 58.53 -9.79 -6.57
N ASN A 48 57.40 -10.45 -6.37
CA ASN A 48 56.15 -9.89 -6.83
C ASN A 48 56.06 -9.82 -8.33
N HIS A 49 56.54 -10.85 -9.00
CA HIS A 49 56.42 -10.77 -10.42
C HIS A 49 55.20 -11.43 -10.98
N LEU A 50 54.64 -12.34 -10.19
CA LEU A 50 53.49 -13.09 -10.50
C LEU A 50 52.32 -12.48 -9.80
N LEU A 51 51.44 -11.81 -10.55
CA LEU A 51 50.28 -11.16 -9.99
C LEU A 51 49.52 -12.01 -9.06
N PHE A 52 49.37 -13.27 -9.42
CA PHE A 52 48.58 -14.17 -8.59
C PHE A 52 49.42 -15.34 -8.14
N GLN A 53 50.73 -15.18 -8.18
CA GLN A 53 51.61 -16.21 -7.72
C GLN A 53 51.71 -17.42 -8.61
N GLN A 54 51.18 -17.31 -9.80
CA GLN A 54 51.29 -18.44 -10.67
C GLN A 54 51.84 -18.01 -11.97
N VAL A 55 52.22 -19.04 -12.73
CA VAL A 55 52.64 -19.00 -14.11
C VAL A 55 51.58 -19.79 -14.90
N PRO A 56 51.44 -19.54 -16.19
CA PRO A 56 52.26 -18.67 -16.97
C PRO A 56 52.29 -17.24 -16.61
N MET A 57 53.45 -16.66 -16.83
CA MET A 57 53.62 -15.21 -16.75
C MET A 57 54.48 -14.86 -17.95
N VAL A 58 54.15 -13.82 -18.62
CA VAL A 58 54.92 -13.41 -19.77
C VAL A 58 55.16 -11.92 -19.66
N GLU A 59 56.42 -11.58 -19.84
CA GLU A 59 56.77 -10.18 -19.78
C GLU A 59 56.79 -9.62 -21.14
N ILE A 60 55.87 -8.73 -21.34
CA ILE A 60 55.73 -8.15 -22.63
C ILE A 60 55.23 -6.71 -22.56
N ASP A 61 55.78 -5.90 -23.41
CA ASP A 61 55.40 -4.49 -23.52
C ASP A 61 55.40 -3.79 -22.21
N GLY A 62 56.39 -4.19 -21.44
CA GLY A 62 56.61 -3.65 -20.12
C GLY A 62 55.70 -4.15 -19.03
N MET A 63 54.86 -5.16 -19.33
CA MET A 63 53.98 -5.69 -18.35
C MET A 63 54.40 -7.10 -18.04
N LYS A 64 53.85 -7.60 -16.94
CA LYS A 64 54.01 -8.95 -16.57
C LYS A 64 52.64 -9.59 -16.57
N LEU A 65 52.22 -10.02 -17.71
CA LEU A 65 50.93 -10.62 -17.78
C LEU A 65 50.97 -12.02 -17.32
N VAL A 66 49.85 -12.39 -16.71
CA VAL A 66 49.49 -13.69 -16.11
C VAL A 66 48.09 -14.16 -16.58
N GLN A 67 47.77 -15.45 -16.43
CA GLN A 67 46.50 -16.01 -16.90
C GLN A 67 46.60 -16.22 -18.36
N THR A 68 46.74 -17.47 -18.70
CA THR A 68 46.86 -17.85 -20.10
C THR A 68 45.90 -17.18 -21.00
N ARG A 69 44.61 -17.22 -20.69
CA ARG A 69 43.71 -16.59 -21.64
C ARG A 69 43.90 -15.11 -21.84
N SER A 70 44.25 -14.45 -20.77
CA SER A 70 44.40 -13.01 -20.79
C SER A 70 45.61 -12.64 -21.60
N ILE A 71 46.60 -13.46 -21.45
CA ILE A 71 47.80 -13.30 -22.20
C ILE A 71 47.52 -13.46 -23.69
N LEU A 72 46.83 -14.52 -24.03
CA LEU A 72 46.47 -14.81 -25.43
C LEU A 72 45.68 -13.69 -26.01
N HIS A 73 44.69 -13.20 -25.29
CA HIS A 73 43.94 -12.06 -25.85
C HIS A 73 44.84 -10.86 -26.08
N TYR A 74 45.75 -10.59 -25.16
CA TYR A 74 46.59 -9.43 -25.39
C TYR A 74 47.35 -9.55 -26.70
N ILE A 75 48.01 -10.69 -26.87
CA ILE A 75 48.77 -10.85 -28.07
C ILE A 75 47.94 -10.78 -29.29
N ALA A 76 46.79 -11.42 -29.25
CA ALA A 76 45.92 -11.43 -30.40
C ALA A 76 45.58 -10.03 -30.78
N ASP A 77 45.23 -9.28 -29.82
CA ASP A 77 44.85 -7.91 -30.04
C ASP A 77 46.02 -7.08 -30.48
N LYS A 78 47.23 -7.41 -30.10
CA LYS A 78 48.33 -6.63 -30.60
C LYS A 78 48.66 -7.14 -31.99
N HIS A 79 48.10 -8.24 -32.45
CA HIS A 79 48.58 -8.68 -33.73
C HIS A 79 47.56 -9.07 -34.74
N ASN A 80 46.41 -8.40 -34.73
CA ASN A 80 45.41 -8.77 -35.68
C ASN A 80 44.99 -10.23 -35.68
N LEU A 81 44.92 -10.83 -34.52
CA LEU A 81 44.49 -12.22 -34.51
C LEU A 81 43.16 -12.31 -33.81
N PHE A 82 42.51 -11.17 -33.64
CA PHE A 82 41.22 -11.13 -32.90
C PHE A 82 40.03 -10.60 -33.66
N GLY A 83 40.08 -10.77 -34.97
CA GLY A 83 38.97 -10.33 -35.76
C GLY A 83 39.08 -8.87 -36.12
N LYS A 84 38.00 -8.37 -36.69
CA LYS A 84 37.88 -6.99 -37.18
C LYS A 84 36.65 -6.33 -36.63
N ASN A 85 35.89 -7.09 -35.85
CA ASN A 85 34.74 -6.50 -35.23
C ASN A 85 34.15 -7.38 -34.13
N LEU A 86 33.22 -6.82 -33.34
CA LEU A 86 32.61 -7.54 -32.23
C LEU A 86 32.11 -8.92 -32.60
N LYS A 87 31.46 -8.96 -33.74
CA LYS A 87 30.88 -10.20 -34.20
C LYS A 87 31.88 -11.29 -34.32
N GLU A 88 32.95 -10.95 -34.98
CA GLU A 88 34.07 -11.82 -35.20
C GLU A 88 34.72 -12.19 -33.90
N ARG A 89 35.08 -11.14 -33.20
CA ARG A 89 35.73 -11.26 -31.94
C ARG A 89 34.96 -12.20 -31.07
N THR A 90 33.66 -12.02 -31.14
CA THR A 90 32.80 -12.92 -30.35
C THR A 90 32.94 -14.42 -30.70
N LEU A 91 33.00 -14.71 -32.02
CA LEU A 91 33.14 -16.06 -32.50
C LEU A 91 34.46 -16.65 -32.12
N ILE A 92 35.48 -15.87 -32.36
CA ILE A 92 36.83 -16.30 -32.09
C ILE A 92 36.94 -16.64 -30.65
N ASP A 93 36.34 -15.80 -29.83
CA ASP A 93 36.40 -16.02 -28.39
C ASP A 93 35.79 -17.36 -28.00
N MET A 94 34.57 -17.56 -28.47
CA MET A 94 33.95 -18.79 -28.17
C MET A 94 34.70 -19.99 -28.64
N TYR A 95 35.20 -19.89 -29.86
CA TYR A 95 35.88 -21.02 -30.43
C TYR A 95 37.05 -21.37 -29.59
N VAL A 96 37.72 -20.33 -29.26
CA VAL A 96 38.87 -20.51 -28.43
C VAL A 96 38.56 -21.14 -27.10
N GLU A 97 37.56 -20.61 -26.40
CA GLU A 97 37.26 -21.22 -25.10
C GLU A 97 36.88 -22.67 -25.22
N GLY A 98 36.05 -22.95 -26.21
CA GLY A 98 35.64 -24.34 -26.40
C GLY A 98 36.86 -25.18 -26.64
N THR A 99 37.70 -24.71 -27.51
CA THR A 99 38.92 -25.45 -27.82
C THR A 99 39.81 -25.69 -26.63
N LEU A 100 40.02 -24.65 -25.81
CA LEU A 100 40.80 -24.79 -24.57
C LEU A 100 40.21 -25.86 -23.64
N ASP A 101 38.93 -26.04 -23.75
CA ASP A 101 38.35 -27.09 -22.93
C ASP A 101 38.76 -28.48 -23.39
N LEU A 102 39.02 -28.59 -24.65
CA LEU A 102 39.43 -29.83 -25.21
C LEU A 102 40.89 -30.04 -24.93
N LEU A 103 41.65 -29.01 -25.19
CA LEU A 103 43.06 -29.03 -24.94
C LEU A 103 43.40 -29.39 -23.52
N GLU A 104 42.55 -29.03 -22.62
CA GLU A 104 42.78 -29.34 -21.23
C GLU A 104 43.01 -30.79 -20.96
N LEU A 105 42.30 -31.59 -21.66
CA LEU A 105 42.50 -33.02 -21.54
C LEU A 105 43.95 -33.41 -21.82
N LEU A 106 44.48 -32.75 -22.80
CA LEU A 106 45.86 -33.03 -23.15
C LEU A 106 46.79 -32.55 -22.04
N ILE A 107 46.50 -31.32 -21.55
CA ILE A 107 47.27 -30.71 -20.44
C ILE A 107 47.32 -31.53 -19.16
N MET A 108 46.16 -32.08 -18.80
CA MET A 108 46.08 -32.92 -17.62
C MET A 108 46.67 -34.30 -17.77
N HIS A 109 46.63 -34.80 -18.97
CA HIS A 109 47.02 -36.14 -19.27
C HIS A 109 48.19 -36.75 -18.55
N PRO A 110 49.33 -36.15 -18.67
CA PRO A 110 50.53 -36.65 -18.02
C PRO A 110 50.46 -36.76 -16.53
N PHE A 111 49.56 -36.07 -15.91
CA PHE A 111 49.51 -36.19 -14.46
C PHE A 111 48.49 -37.18 -13.94
N LEU A 112 47.92 -37.94 -14.84
CA LEU A 112 46.95 -38.97 -14.55
C LEU A 112 47.70 -40.17 -14.12
N LYS A 113 46.96 -41.07 -13.51
CA LYS A 113 47.47 -42.35 -13.11
C LYS A 113 47.36 -43.21 -14.34
N PRO A 114 48.51 -43.58 -14.77
CA PRO A 114 48.81 -44.43 -15.91
C PRO A 114 47.67 -45.34 -16.38
N ASP A 115 46.98 -45.87 -15.40
CA ASP A 115 45.84 -46.69 -15.66
C ASP A 115 44.75 -45.83 -16.35
N ASP A 116 44.49 -44.68 -15.74
CA ASP A 116 43.51 -43.76 -16.25
C ASP A 116 43.93 -43.06 -17.50
N GLN A 117 45.21 -43.13 -17.76
CA GLN A 117 45.67 -42.43 -18.91
C GLN A 117 45.07 -42.92 -20.17
N GLN A 118 44.92 -44.21 -20.21
CA GLN A 118 44.36 -44.81 -21.37
C GLN A 118 42.90 -44.56 -21.60
N LYS A 119 42.14 -44.67 -20.52
CA LYS A 119 40.73 -44.39 -20.63
C LYS A 119 40.52 -42.98 -21.21
N GLU A 120 41.38 -42.12 -20.77
CA GLU A 120 41.42 -40.74 -21.14
C GLU A 120 41.64 -40.40 -22.56
N VAL A 121 42.53 -41.18 -23.15
CA VAL A 121 42.77 -40.97 -24.53
C VAL A 121 41.50 -41.27 -25.31
N VAL A 122 40.87 -42.33 -24.93
CA VAL A 122 39.62 -42.69 -25.56
C VAL A 122 38.65 -41.55 -25.41
N ASN A 123 38.61 -41.01 -24.21
CA ASN A 123 37.73 -39.88 -24.03
C ASN A 123 38.03 -38.66 -24.90
N MET A 124 39.30 -38.27 -25.03
CA MET A 124 39.62 -37.14 -25.89
C MET A 124 39.13 -37.44 -27.25
N ALA A 125 39.34 -38.70 -27.65
CA ALA A 125 38.92 -39.06 -29.00
C ALA A 125 37.47 -38.78 -29.15
N GLN A 126 36.69 -39.32 -28.22
CA GLN A 126 35.27 -39.08 -28.34
C GLN A 126 34.83 -37.65 -28.31
N LYS A 127 35.41 -36.86 -27.42
CA LYS A 127 34.99 -35.50 -27.33
C LYS A 127 35.29 -34.77 -28.60
N ALA A 128 36.51 -35.03 -29.08
CA ALA A 128 36.95 -34.35 -30.26
C ALA A 128 35.99 -34.61 -31.39
N ILE A 129 35.76 -35.89 -31.57
CA ILE A 129 34.96 -36.40 -32.67
C ILE A 129 33.55 -35.95 -32.62
N ILE A 130 33.04 -36.01 -31.46
CA ILE A 130 31.65 -35.67 -31.29
C ILE A 130 31.31 -34.23 -30.94
N ARG A 131 32.09 -33.63 -30.09
CA ARG A 131 31.76 -32.34 -29.63
C ARG A 131 32.40 -31.19 -30.29
N TYR A 132 33.67 -31.33 -30.72
CA TYR A 132 34.40 -30.24 -31.35
C TYR A 132 34.61 -30.24 -32.85
N PHE A 133 35.29 -31.27 -33.32
CA PHE A 133 35.61 -31.35 -34.75
C PHE A 133 34.44 -31.04 -35.69
N PRO A 134 33.30 -31.48 -35.26
CA PRO A 134 32.15 -31.29 -36.12
C PRO A 134 31.69 -29.87 -36.35
N VAL A 135 31.97 -29.03 -35.39
CA VAL A 135 31.58 -27.66 -35.39
C VAL A 135 32.46 -26.94 -36.35
N PHE A 136 33.71 -27.25 -36.23
CA PHE A 136 34.65 -26.58 -37.07
C PHE A 136 34.54 -27.05 -38.47
N GLU A 137 34.43 -28.37 -38.64
CA GLU A 137 34.28 -28.92 -39.95
C GLU A 137 33.11 -28.24 -40.69
N LYS A 138 32.02 -28.11 -40.01
CA LYS A 138 30.90 -27.46 -40.63
C LYS A 138 31.11 -26.00 -40.89
N ILE A 139 31.83 -25.33 -40.04
CA ILE A 139 32.03 -23.92 -40.26
C ILE A 139 32.72 -23.68 -41.55
N LEU A 140 33.80 -24.42 -41.66
CA LEU A 140 34.70 -24.38 -42.79
C LEU A 140 34.02 -24.81 -44.05
N ARG A 141 33.24 -25.87 -43.90
CA ARG A 141 32.55 -26.43 -45.02
C ARG A 141 31.55 -25.40 -45.41
N GLY A 142 31.10 -24.69 -44.46
CA GLY A 142 30.11 -23.74 -44.84
C GLY A 142 30.57 -22.49 -45.55
N HIS A 143 31.81 -22.06 -45.45
CA HIS A 143 32.17 -20.80 -46.11
C HIS A 143 33.28 -20.96 -47.12
N GLY A 144 33.90 -22.13 -47.07
CA GLY A 144 34.96 -22.50 -47.96
C GLY A 144 36.28 -21.78 -47.72
N GLN A 145 36.35 -20.87 -46.72
CA GLN A 145 37.63 -20.18 -46.48
C GLN A 145 38.65 -20.97 -45.74
N SER A 146 39.85 -20.43 -45.72
CA SER A 146 40.89 -21.19 -45.06
C SER A 146 41.05 -20.89 -43.58
N PHE A 147 40.23 -19.98 -43.08
CA PHE A 147 40.22 -19.56 -41.72
C PHE A 147 38.87 -19.71 -41.17
N LEU A 148 38.79 -19.96 -39.87
CA LEU A 148 37.51 -20.14 -39.20
C LEU A 148 36.63 -18.92 -39.24
N VAL A 149 37.34 -17.82 -39.06
CA VAL A 149 36.68 -16.54 -38.99
C VAL A 149 37.43 -15.45 -39.73
N GLY A 150 36.59 -14.65 -40.41
CA GLY A 150 36.97 -13.48 -41.17
C GLY A 150 37.99 -13.64 -42.30
N ASN A 151 38.16 -14.83 -42.76
CA ASN A 151 39.08 -15.04 -43.84
C ASN A 151 40.45 -14.54 -43.59
N GLN A 152 40.77 -14.58 -42.35
CA GLN A 152 42.09 -14.26 -41.89
C GLN A 152 42.41 -15.08 -40.66
N LEU A 153 43.69 -15.21 -40.43
CA LEU A 153 44.12 -15.98 -39.30
C LEU A 153 43.67 -15.26 -38.04
N SER A 154 43.25 -16.07 -37.09
CA SER A 154 42.78 -15.63 -35.84
C SER A 154 43.35 -16.51 -34.79
N LEU A 155 43.15 -16.04 -33.61
CA LEU A 155 43.58 -16.79 -32.47
C LEU A 155 42.89 -18.16 -32.45
N ALA A 156 41.65 -18.22 -32.94
CA ALA A 156 40.92 -19.46 -32.97
C ALA A 156 41.64 -20.52 -33.82
N ASP A 157 42.16 -20.09 -34.97
CA ASP A 157 42.84 -21.06 -35.81
C ASP A 157 44.11 -21.59 -35.15
N VAL A 158 44.85 -20.74 -34.50
CA VAL A 158 46.08 -21.26 -33.89
C VAL A 158 45.83 -22.30 -32.81
N ILE A 159 44.89 -21.98 -31.91
CA ILE A 159 44.59 -22.89 -30.81
C ILE A 159 44.06 -24.21 -31.30
N LEU A 160 43.27 -24.10 -32.36
CA LEU A 160 42.68 -25.26 -32.95
C LEU A 160 43.74 -26.08 -33.59
N LEU A 161 44.55 -25.42 -34.37
CA LEU A 161 45.66 -26.12 -34.94
C LEU A 161 46.53 -26.79 -33.88
N GLN A 162 46.83 -26.04 -32.85
CA GLN A 162 47.66 -26.60 -31.81
C GLN A 162 47.13 -27.87 -31.20
N THR A 163 45.83 -27.82 -30.98
CA THR A 163 45.09 -28.87 -30.33
C THR A 163 44.95 -30.11 -31.19
N ILE A 164 44.55 -29.88 -32.40
CA ILE A 164 44.42 -30.98 -33.33
C ILE A 164 45.74 -31.73 -33.46
N LEU A 165 46.82 -30.96 -33.66
CA LEU A 165 48.09 -31.64 -33.77
C LEU A 165 48.47 -32.43 -32.56
N ALA A 166 48.15 -31.88 -31.42
CA ALA A 166 48.47 -32.57 -30.19
C ALA A 166 47.67 -33.85 -30.05
N LEU A 167 46.45 -33.80 -30.53
CA LEU A 167 45.62 -34.95 -30.44
C LEU A 167 46.16 -35.99 -31.38
N GLU A 168 46.52 -35.52 -32.57
CA GLU A 168 47.06 -36.46 -33.52
C GLU A 168 48.28 -37.17 -33.01
N GLU A 169 48.96 -36.55 -32.11
CA GLU A 169 50.09 -37.24 -31.59
C GLU A 169 49.62 -38.46 -30.86
N LYS A 170 48.44 -38.43 -30.26
CA LYS A 170 47.97 -39.61 -29.56
C LYS A 170 47.04 -40.46 -30.41
N ILE A 171 46.29 -39.81 -31.31
CA ILE A 171 45.29 -40.48 -32.16
C ILE A 171 45.37 -39.89 -33.53
N PRO A 172 46.28 -40.50 -34.17
CA PRO A 172 46.80 -40.18 -35.45
C PRO A 172 45.84 -40.04 -36.55
N ASN A 173 44.72 -40.73 -36.44
CA ASN A 173 43.68 -40.71 -37.44
C ASN A 173 42.48 -39.99 -36.92
N ILE A 174 42.67 -39.17 -35.94
CA ILE A 174 41.55 -38.53 -35.39
C ILE A 174 40.79 -37.66 -36.37
N LEU A 175 41.51 -37.16 -37.39
CA LEU A 175 40.88 -36.28 -38.39
C LEU A 175 40.30 -36.96 -39.61
N SER A 176 40.47 -38.28 -39.62
CA SER A 176 40.01 -39.18 -40.68
C SER A 176 38.67 -38.72 -41.20
N ALA A 177 37.69 -38.61 -40.36
CA ALA A 177 36.39 -38.20 -40.84
C ALA A 177 36.17 -36.71 -41.07
N PHE A 178 37.24 -35.87 -40.97
CA PHE A 178 37.15 -34.44 -41.10
C PHE A 178 38.09 -33.90 -42.12
N PRO A 179 37.67 -34.13 -43.31
CA PRO A 179 38.34 -33.79 -44.54
C PRO A 179 38.57 -32.31 -44.64
N PHE A 180 37.59 -31.52 -44.24
CA PHE A 180 37.82 -30.07 -44.24
C PHE A 180 38.89 -29.72 -43.24
N LEU A 181 38.76 -30.30 -42.04
CA LEU A 181 39.72 -30.04 -41.02
C LEU A 181 41.08 -30.53 -41.49
N GLN A 182 41.10 -31.62 -42.24
CA GLN A 182 42.42 -32.04 -42.66
C GLN A 182 43.06 -31.05 -43.59
N GLU A 183 42.31 -30.56 -44.51
CA GLU A 183 42.90 -29.64 -45.40
C GLU A 183 43.30 -28.38 -44.73
N TYR A 184 42.40 -27.86 -43.93
CA TYR A 184 42.64 -26.64 -43.19
C TYR A 184 43.98 -26.71 -42.42
N THR A 185 44.16 -27.86 -41.79
CA THR A 185 45.35 -28.11 -40.99
C THR A 185 46.57 -28.05 -41.83
N VAL A 186 46.43 -28.67 -42.94
CA VAL A 186 47.55 -28.69 -43.83
C VAL A 186 47.96 -27.31 -44.28
N LYS A 187 47.02 -26.59 -44.78
CA LYS A 187 47.34 -25.25 -45.16
C LYS A 187 47.90 -24.39 -44.06
N LEU A 188 47.25 -24.43 -42.91
CA LEU A 188 47.67 -23.60 -41.83
C LEU A 188 49.09 -23.95 -41.55
N SER A 189 49.36 -25.24 -41.61
CA SER A 189 50.69 -25.61 -41.23
C SER A 189 51.71 -25.14 -42.20
N ASN A 190 51.21 -24.66 -43.33
CA ASN A 190 52.13 -24.17 -44.36
C ASN A 190 52.39 -22.71 -44.27
N ILE A 191 51.69 -22.03 -43.37
CA ILE A 191 51.97 -20.64 -43.09
C ILE A 191 53.37 -20.66 -42.50
N PRO A 192 54.11 -19.80 -43.08
CA PRO A 192 55.52 -19.73 -42.88
C PRO A 192 56.01 -19.66 -41.48
N THR A 193 55.40 -18.79 -40.69
CA THR A 193 55.76 -18.70 -39.27
C THR A 193 55.50 -20.04 -38.65
N ILE A 194 54.34 -20.57 -39.02
CA ILE A 194 53.89 -21.85 -38.52
C ILE A 194 54.75 -22.95 -39.01
N LYS A 195 55.01 -22.86 -40.31
CA LYS A 195 55.86 -23.86 -40.92
C LYS A 195 57.18 -23.93 -40.19
N ARG A 196 57.74 -22.76 -39.82
CA ARG A 196 58.99 -22.74 -39.08
C ARG A 196 58.85 -23.31 -37.69
N PHE A 197 57.76 -22.94 -37.05
CA PHE A 197 57.53 -23.36 -35.68
C PHE A 197 57.50 -24.86 -35.64
N LEU A 198 56.92 -25.40 -36.68
CA LEU A 198 56.85 -26.82 -36.76
C LEU A 198 58.17 -27.45 -37.08
N GLU A 199 59.03 -26.70 -37.72
CA GLU A 199 60.36 -27.19 -38.04
C GLU A 199 61.27 -27.15 -36.83
N PRO A 200 62.38 -27.83 -36.98
CA PRO A 200 63.37 -27.94 -35.96
C PRO A 200 64.03 -26.66 -35.54
N GLY A 201 64.34 -26.67 -34.24
CA GLY A 201 64.96 -25.52 -33.65
C GLY A 201 64.01 -24.38 -33.26
N SER A 202 62.67 -24.64 -33.17
CA SER A 202 61.66 -23.65 -32.79
C SER A 202 61.57 -23.68 -31.29
N LYS A 203 60.79 -22.78 -30.68
CA LYS A 203 60.68 -22.89 -29.24
C LYS A 203 59.49 -23.83 -28.87
N LYS A 204 58.89 -24.41 -29.90
CA LYS A 204 57.86 -25.36 -29.80
C LYS A 204 58.39 -26.47 -28.94
N LYS A 205 57.62 -26.93 -27.98
CA LYS A 205 58.04 -27.97 -27.06
C LYS A 205 57.44 -29.32 -27.37
N PRO A 206 58.16 -30.28 -26.96
CA PRO A 206 57.85 -31.69 -27.09
C PRO A 206 56.87 -32.13 -26.08
N PRO A 207 56.35 -33.25 -26.37
CA PRO A 207 55.35 -33.82 -25.52
C PRO A 207 56.14 -34.15 -24.34
N PRO A 208 55.54 -33.91 -23.22
CA PRO A 208 56.07 -34.13 -21.91
C PRO A 208 56.42 -35.55 -21.60
N ASP A 209 57.57 -35.69 -20.93
CA ASP A 209 58.22 -36.91 -20.47
C ASP A 209 58.16 -37.03 -18.96
N GLU A 210 58.63 -38.18 -18.55
CA GLU A 210 58.71 -38.51 -17.16
C GLU A 210 59.48 -37.42 -16.42
N ILE A 211 60.41 -36.82 -17.10
CA ILE A 211 61.16 -35.79 -16.42
C ILE A 211 60.36 -34.56 -16.14
N TYR A 212 59.81 -33.97 -17.22
CA TYR A 212 59.01 -32.79 -17.11
C TYR A 212 58.00 -33.05 -15.99
N VAL A 213 57.44 -34.24 -16.07
CA VAL A 213 56.47 -34.53 -15.07
C VAL A 213 56.98 -34.46 -13.68
N ARG A 214 58.09 -35.09 -13.50
CA ARG A 214 58.79 -35.06 -12.25
C ARG A 214 59.07 -33.65 -11.83
N THR A 215 59.68 -32.93 -12.72
CA THR A 215 60.02 -31.57 -12.42
C THR A 215 58.85 -30.72 -12.03
N VAL A 216 57.74 -30.86 -12.76
CA VAL A 216 56.65 -29.99 -12.43
C VAL A 216 56.21 -30.26 -11.06
N TYR A 217 56.13 -31.52 -10.76
CA TYR A 217 55.79 -31.88 -9.40
C TYR A 217 56.77 -31.28 -8.44
N ASN A 218 58.01 -31.27 -8.81
CA ASN A 218 58.91 -30.71 -7.86
C ASN A 218 58.76 -29.22 -7.66
N ILE A 219 58.29 -28.50 -8.64
CA ILE A 219 58.19 -27.09 -8.44
C ILE A 219 56.90 -26.68 -7.84
N PHE A 220 55.87 -27.53 -7.90
CA PHE A 220 54.54 -27.13 -7.39
C PHE A 220 53.77 -28.13 -6.45
N ARG B 4 15.16 -9.16 -24.96
CA ARG B 4 15.43 -9.54 -23.56
C ARG B 4 16.14 -10.90 -23.48
N PRO B 5 17.39 -10.92 -22.93
CA PRO B 5 18.16 -12.14 -22.89
C PRO B 5 17.51 -13.24 -22.19
N LYS B 6 17.82 -14.40 -22.73
CA LYS B 6 17.29 -15.61 -22.19
C LYS B 6 18.42 -16.54 -21.82
N LEU B 7 18.35 -16.91 -20.57
CA LEU B 7 19.31 -17.74 -19.94
C LEU B 7 18.90 -19.16 -19.80
N HIS B 8 19.74 -20.02 -20.38
CA HIS B 8 19.49 -21.45 -20.26
C HIS B 8 20.36 -22.07 -19.24
N TYR B 9 19.75 -22.65 -18.24
CA TYR B 9 20.53 -23.27 -17.23
C TYR B 9 19.57 -23.83 -16.26
N PRO B 10 20.09 -24.69 -15.46
CA PRO B 10 19.37 -25.23 -14.36
C PRO B 10 19.02 -24.08 -13.47
N ASN B 11 18.08 -24.32 -12.57
CA ASN B 11 17.72 -23.22 -11.69
C ASN B 11 18.59 -23.20 -10.47
N GLY B 12 19.75 -22.55 -10.60
CA GLY B 12 20.73 -22.47 -9.52
C GLY B 12 21.86 -21.67 -10.01
N ARG B 13 22.83 -21.47 -9.14
CA ARG B 13 23.95 -20.63 -9.46
C ARG B 13 24.86 -21.12 -10.57
N GLY B 14 25.56 -22.19 -10.21
CA GLY B 14 26.55 -22.84 -11.03
C GLY B 14 27.44 -21.81 -11.64
N ARG B 15 27.66 -22.00 -12.94
CA ARG B 15 28.47 -21.05 -13.67
C ARG B 15 27.72 -19.85 -14.20
N MET B 16 26.38 -19.95 -14.24
CA MET B 16 25.54 -18.88 -14.79
C MET B 16 25.42 -17.61 -13.95
N GLU B 17 25.66 -17.81 -12.66
CA GLU B 17 25.51 -16.71 -11.76
C GLU B 17 26.27 -15.46 -12.09
N SER B 18 27.44 -15.65 -12.62
CA SER B 18 28.24 -14.50 -12.97
C SER B 18 27.54 -13.67 -14.01
N VAL B 19 26.93 -14.40 -14.91
CA VAL B 19 26.17 -13.76 -15.95
C VAL B 19 24.97 -13.03 -15.37
N ARG B 20 24.30 -13.65 -14.42
CA ARG B 20 23.22 -12.91 -13.79
C ARG B 20 23.79 -11.66 -13.17
N TRP B 21 24.84 -11.79 -12.40
CA TRP B 21 25.40 -10.60 -11.78
C TRP B 21 25.68 -9.49 -12.74
N VAL B 22 26.28 -9.81 -13.85
CA VAL B 22 26.65 -8.80 -14.77
C VAL B 22 25.49 -8.14 -15.40
N LEU B 23 24.58 -8.96 -15.87
CA LEU B 23 23.39 -8.44 -16.49
C LEU B 23 22.70 -7.49 -15.54
N ALA B 24 22.45 -7.98 -14.30
CA ALA B 24 21.80 -7.19 -13.26
C ALA B 24 22.52 -5.91 -13.01
N ALA B 25 23.80 -5.99 -12.85
CA ALA B 25 24.56 -4.81 -12.59
C ALA B 25 24.43 -3.80 -13.68
N ALA B 26 24.44 -4.28 -14.90
CA ALA B 26 24.35 -3.43 -16.09
C ALA B 26 22.95 -2.89 -16.25
N GLY B 27 22.09 -3.28 -15.35
CA GLY B 27 20.74 -2.87 -15.37
C GLY B 27 19.86 -3.56 -16.40
N VAL B 28 20.33 -4.69 -16.94
CA VAL B 28 19.57 -5.42 -17.96
C VAL B 28 18.65 -6.50 -17.41
N GLU B 29 17.39 -6.47 -17.85
CA GLU B 29 16.37 -7.45 -17.43
C GLU B 29 16.48 -8.64 -18.34
N PHE B 30 16.19 -9.84 -17.82
CA PHE B 30 16.35 -10.96 -18.69
C PHE B 30 15.50 -12.07 -18.26
N ASP B 31 15.42 -13.06 -19.13
CA ASP B 31 14.59 -14.18 -18.77
C ASP B 31 15.43 -15.37 -18.54
N GLU B 32 14.80 -16.38 -17.99
CA GLU B 32 15.46 -17.62 -17.71
C GLU B 32 14.63 -18.83 -18.15
N GLU B 33 15.26 -19.85 -18.71
CA GLU B 33 14.60 -21.04 -19.09
C GLU B 33 15.29 -22.21 -18.43
N PHE B 34 14.69 -22.68 -17.36
CA PHE B 34 15.36 -23.68 -16.59
C PHE B 34 15.46 -25.08 -17.03
N LEU B 35 16.64 -25.64 -16.86
CA LEU B 35 16.74 -27.05 -17.11
C LEU B 35 16.46 -27.79 -15.84
N GLU B 36 15.62 -28.83 -15.98
CA GLU B 36 15.24 -29.75 -14.91
C GLU B 36 15.59 -31.21 -15.11
N THR B 37 15.76 -31.64 -16.37
CA THR B 37 16.04 -33.03 -16.77
C THR B 37 17.02 -33.21 -17.93
N LYS B 38 17.53 -34.46 -18.02
CA LYS B 38 18.43 -34.82 -19.12
C LYS B 38 17.77 -34.45 -20.45
N GLU B 39 16.54 -34.86 -20.49
CA GLU B 39 15.73 -34.70 -21.65
C GLU B 39 15.61 -33.28 -22.14
N GLN B 40 15.34 -32.35 -21.25
CA GLN B 40 15.29 -30.98 -21.73
C GLN B 40 16.62 -30.53 -22.27
N LEU B 41 17.69 -31.06 -21.68
CA LEU B 41 18.99 -30.74 -22.15
C LEU B 41 19.10 -31.32 -23.54
N TYR B 42 18.71 -32.58 -23.69
CA TYR B 42 18.73 -33.14 -25.05
C TYR B 42 18.03 -32.36 -26.08
N LYS B 43 16.88 -31.86 -25.72
CA LYS B 43 16.22 -31.12 -26.75
C LYS B 43 16.97 -29.88 -27.13
N LEU B 44 17.61 -29.34 -26.18
CA LEU B 44 18.31 -28.11 -26.44
C LEU B 44 19.46 -28.41 -27.37
N GLN B 45 20.06 -29.53 -27.05
CA GLN B 45 21.20 -29.99 -27.77
C GLN B 45 20.81 -30.37 -29.13
N ASP B 46 19.75 -31.18 -29.14
CA ASP B 46 19.19 -31.67 -30.38
C ASP B 46 18.84 -30.56 -31.36
N GLY B 47 18.27 -29.47 -30.92
CA GLY B 47 17.95 -28.45 -31.88
C GLY B 47 19.14 -27.62 -32.26
N ASN B 48 20.32 -28.02 -31.81
CA ASN B 48 21.50 -27.27 -32.19
C ASN B 48 21.53 -25.89 -31.56
N HIS B 49 21.11 -25.79 -30.33
CA HIS B 49 21.14 -24.47 -29.78
C HIS B 49 22.39 -24.17 -29.00
N LEU B 50 23.05 -25.23 -28.56
CA LEU B 50 24.25 -25.20 -27.81
C LEU B 50 25.39 -25.47 -28.72
N LEU B 51 26.18 -24.44 -29.03
CA LEU B 51 27.31 -24.56 -29.93
C LEU B 51 28.17 -25.71 -29.63
N PHE B 52 28.41 -25.94 -28.35
CA PHE B 52 29.29 -27.02 -27.95
C PHE B 52 28.59 -28.01 -27.07
N GLN B 53 27.26 -27.99 -27.13
CA GLN B 53 26.49 -28.94 -26.35
C GLN B 53 26.44 -28.68 -24.88
N GLN B 54 26.91 -27.53 -24.46
CA GLN B 54 26.85 -27.26 -23.08
C GLN B 54 26.21 -25.95 -22.85
N VAL B 55 25.88 -25.76 -21.57
CA VAL B 55 25.40 -24.53 -20.96
C VAL B 55 26.49 -24.10 -19.95
N PRO B 56 26.54 -22.83 -19.61
CA PRO B 56 25.63 -21.81 -20.00
C PRO B 56 25.49 -21.49 -21.43
N MET B 57 24.28 -21.13 -21.80
CA MET B 57 24.01 -20.57 -23.12
C MET B 57 23.06 -19.41 -22.85
N VAL B 58 23.28 -18.33 -23.49
CA VAL B 58 22.44 -17.17 -23.31
C VAL B 58 22.08 -16.63 -24.67
N GLU B 59 20.79 -16.41 -24.83
CA GLU B 59 20.33 -15.87 -26.09
C GLU B 59 20.21 -14.41 -25.97
N ILE B 60 21.04 -13.76 -26.74
CA ILE B 60 21.07 -12.36 -26.69
C ILE B 60 21.47 -11.75 -28.02
N ASP B 61 20.81 -10.65 -28.33
CA ASP B 61 21.08 -9.91 -29.57
C ASP B 61 21.08 -10.76 -30.79
N GLY B 62 20.17 -11.71 -30.71
CA GLY B 62 19.96 -12.66 -31.78
C GLY B 62 20.95 -13.78 -31.86
N MET B 63 21.85 -13.92 -30.87
CA MET B 63 22.81 -14.96 -30.89
C MET B 63 22.53 -15.88 -29.74
N LYS B 64 23.17 -17.04 -29.81
CA LYS B 64 23.12 -18.00 -28.76
C LYS B 64 24.54 -18.16 -28.27
N LEU B 65 24.95 -17.31 -27.39
CA LEU B 65 26.27 -17.41 -26.89
C LEU B 65 26.36 -18.45 -25.84
N VAL B 66 27.54 -19.08 -25.84
CA VAL B 66 28.03 -20.15 -24.96
C VAL B 66 29.44 -19.84 -24.41
N GLN B 67 29.87 -20.53 -23.34
CA GLN B 67 31.17 -20.25 -22.69
C GLN B 67 31.00 -19.05 -21.85
N THR B 68 30.94 -19.32 -20.58
CA THR B 68 30.80 -18.25 -19.60
C THR B 68 31.67 -17.07 -19.85
N ARG B 69 32.96 -17.27 -20.03
CA ARG B 69 33.76 -16.07 -20.21
C ARG B 69 33.45 -15.25 -21.43
N SER B 70 33.09 -15.94 -22.47
CA SER B 70 32.83 -15.31 -23.74
C SER B 70 31.56 -14.50 -23.65
N ILE B 71 30.65 -15.07 -22.94
CA ILE B 71 29.40 -14.43 -22.69
C ILE B 71 29.63 -13.15 -21.88
N LEU B 72 30.40 -13.24 -20.82
CA LEU B 72 30.71 -12.10 -19.96
C LEU B 72 31.38 -11.04 -20.74
N HIS B 73 32.36 -11.38 -21.55
CA HIS B 73 32.99 -10.32 -22.36
C HIS B 73 31.99 -9.65 -23.27
N TYR B 74 31.10 -10.43 -23.87
CA TYR B 74 30.16 -9.77 -24.77
C TYR B 74 29.36 -8.70 -24.04
N ILE B 75 28.79 -9.11 -22.92
CA ILE B 75 27.98 -8.17 -22.19
C ILE B 75 28.76 -6.97 -21.75
N ALA B 76 29.95 -7.21 -21.26
CA ALA B 76 30.77 -6.12 -20.78
C ALA B 76 30.98 -5.14 -21.87
N ASP B 77 31.31 -5.63 -23.00
CA ASP B 77 31.57 -4.81 -24.13
C ASP B 77 30.31 -4.13 -24.62
N LYS B 78 29.16 -4.71 -24.43
CA LYS B 78 27.98 -4.00 -24.85
C LYS B 78 27.63 -3.01 -23.75
N HIS B 79 28.25 -3.04 -22.60
CA HIS B 79 27.76 -2.13 -21.61
C HIS B 79 28.76 -1.32 -20.86
N ASN B 80 29.84 -0.96 -21.52
CA ASN B 80 30.83 -0.21 -20.82
C ASN B 80 31.36 -0.80 -19.53
N LEU B 81 31.53 -2.11 -19.51
CA LEU B 81 32.08 -2.70 -18.31
C LEU B 81 33.43 -3.26 -18.61
N PHE B 82 34.00 -2.86 -19.73
CA PHE B 82 35.31 -3.40 -20.17
C PHE B 82 36.43 -2.40 -20.36
N GLY B 83 36.33 -1.31 -19.61
CA GLY B 83 37.36 -0.33 -19.72
C GLY B 83 37.12 0.63 -20.86
N LYS B 84 38.14 1.44 -21.11
CA LYS B 84 38.11 2.49 -22.12
C LYS B 84 39.32 2.40 -23.02
N ASN B 85 40.16 1.42 -22.73
CA ASN B 85 41.30 1.21 -23.58
C ASN B 85 42.00 -0.12 -23.32
N LEU B 86 42.92 -0.51 -24.23
CA LEU B 86 43.62 -1.76 -24.11
C LEU B 86 44.23 -2.01 -22.76
N LYS B 87 44.82 -0.96 -22.23
CA LYS B 87 45.48 -1.05 -20.94
C LYS B 87 44.57 -1.51 -19.86
N GLU B 88 43.43 -0.84 -19.82
CA GLU B 88 42.39 -1.13 -18.89
C GLU B 88 41.82 -2.49 -19.11
N ARG B 89 41.42 -2.68 -20.34
CA ARG B 89 40.84 -3.91 -20.76
C ARG B 89 41.73 -5.04 -20.35
N THR B 90 42.99 -4.80 -20.55
CA THR B 90 43.95 -5.84 -20.14
C THR B 90 43.92 -6.20 -18.64
N LEU B 91 43.82 -5.16 -17.79
CA LEU B 91 43.77 -5.35 -16.37
C LEU B 91 42.52 -6.04 -15.93
N ILE B 92 41.43 -5.56 -16.47
CA ILE B 92 40.14 -6.08 -16.14
C ILE B 92 40.10 -7.54 -16.48
N ASP B 93 40.68 -7.85 -17.64
CA ASP B 93 40.70 -9.23 -18.07
C ASP B 93 41.43 -10.13 -17.08
N MET B 94 42.64 -9.71 -16.75
CA MET B 94 43.37 -10.49 -15.81
C MET B 94 42.71 -10.65 -14.50
N TYR B 95 42.13 -9.56 -14.03
CA TYR B 95 41.52 -9.60 -12.72
C TYR B 95 40.42 -10.59 -12.72
N VAL B 96 39.69 -10.48 -13.77
CA VAL B 96 38.59 -11.38 -13.91
C VAL B 96 39.02 -12.82 -13.97
N GLU B 97 40.00 -13.14 -14.79
CA GLU B 97 40.40 -14.55 -14.85
C GLU B 97 40.90 -15.06 -13.52
N GLY B 98 41.69 -14.23 -12.87
CA GLY B 98 42.20 -14.65 -11.56
C GLY B 98 41.05 -14.89 -10.64
N THR B 99 40.13 -13.97 -10.63
CA THR B 99 38.97 -14.11 -9.77
C THR B 99 38.15 -15.36 -10.05
N LEU B 100 37.89 -15.64 -11.33
CA LEU B 100 37.18 -16.87 -11.72
C LEU B 100 37.90 -18.12 -11.21
N ASP B 101 39.19 -18.01 -11.06
CA ASP B 101 39.88 -19.17 -10.53
C ASP B 101 39.57 -19.40 -9.06
N LEU B 102 39.26 -18.36 -8.38
CA LEU B 102 38.91 -18.44 -7.00
C LEU B 102 37.49 -18.88 -6.87
N LEU B 103 36.65 -18.24 -7.63
CA LEU B 103 35.26 -18.58 -7.66
C LEU B 103 35.01 -20.04 -7.95
N GLU B 104 35.87 -20.62 -8.71
CA GLU B 104 35.72 -22.02 -9.05
C GLU B 104 35.61 -22.92 -7.87
N LEU B 105 36.36 -22.59 -6.87
CA LEU B 105 36.28 -23.34 -5.64
C LEU B 105 34.86 -23.39 -5.10
N LEU B 106 34.23 -22.25 -5.21
CA LEU B 106 32.86 -22.18 -4.74
C LEU B 106 31.95 -23.02 -5.62
N ILE B 107 32.16 -22.90 -6.95
CA ILE B 107 31.40 -23.68 -7.95
C ILE B 107 31.47 -25.19 -7.80
N MET B 108 32.69 -25.66 -7.52
CA MET B 108 32.89 -27.08 -7.31
C MET B 108 32.40 -27.60 -5.97
N HIS B 109 32.43 -26.75 -4.99
CA HIS B 109 32.13 -27.11 -3.63
C HIS B 109 31.04 -28.11 -3.36
N PRO B 110 29.85 -27.82 -3.79
CA PRO B 110 28.72 -28.71 -3.57
C PRO B 110 28.87 -30.09 -4.14
N PHE B 111 29.75 -30.27 -5.06
CA PHE B 111 29.87 -31.61 -5.62
C PHE B 111 30.98 -32.44 -5.02
N LEU B 112 31.57 -31.92 -3.97
CA LEU B 112 32.63 -32.57 -3.22
C LEU B 112 32.00 -33.54 -2.30
N LYS B 113 32.84 -34.43 -1.82
CA LYS B 113 32.45 -35.40 -0.82
C LYS B 113 32.57 -34.66 0.48
N PRO B 114 31.44 -34.54 1.07
CA PRO B 114 31.15 -33.91 2.35
C PRO B 114 32.34 -33.81 3.32
N ASP B 115 33.11 -34.87 3.31
CA ASP B 115 34.30 -34.92 4.11
C ASP B 115 35.28 -33.84 3.60
N ASP B 116 35.48 -33.86 2.27
CA ASP B 116 36.36 -32.92 1.63
C ASP B 116 35.82 -31.52 1.59
N GLN B 117 34.55 -31.41 1.83
CA GLN B 117 33.99 -30.12 1.74
C GLN B 117 34.57 -29.16 2.72
N GLN B 118 34.82 -29.67 3.88
CA GLN B 118 35.37 -28.86 4.91
C GLN B 118 36.80 -28.45 4.71
N LYS B 119 37.61 -29.40 4.28
CA LYS B 119 38.99 -29.08 4.02
C LYS B 119 39.06 -27.92 3.00
N GLU B 120 38.16 -27.99 2.09
CA GLU B 120 37.99 -27.05 1.02
C GLU B 120 37.68 -25.65 1.37
N VAL B 121 36.83 -25.54 2.36
CA VAL B 121 36.52 -24.23 2.81
C VAL B 121 37.76 -23.57 3.36
N VAL B 122 38.49 -24.33 4.11
CA VAL B 122 39.74 -23.84 4.64
C VAL B 122 40.63 -23.39 3.51
N ASN B 123 40.67 -24.22 2.49
CA ASN B 123 41.46 -23.81 1.35
C ASN B 123 41.03 -22.51 0.68
N MET B 124 39.74 -22.33 0.45
CA MET B 124 39.29 -21.07 -0.15
C MET B 124 39.75 -19.96 0.68
N ALA B 125 39.61 -20.18 2.00
CA ALA B 125 39.99 -19.09 2.91
C ALA B 125 41.42 -18.72 2.66
N GLN B 126 42.27 -19.74 2.67
CA GLN B 126 43.66 -19.42 2.45
C GLN B 126 44.00 -18.78 1.13
N LYS B 127 43.38 -19.27 0.05
CA LYS B 127 43.70 -18.71 -1.21
C LYS B 127 43.29 -17.28 -1.28
N ALA B 128 42.07 -17.05 -0.79
CA ALA B 128 41.52 -15.73 -0.84
C ALA B 128 42.45 -14.78 -0.15
N ILE B 129 42.77 -15.16 1.06
CA ILE B 129 43.56 -14.35 1.98
C ILE B 129 44.93 -14.09 1.47
N ILE B 130 45.50 -15.10 0.97
CA ILE B 130 46.86 -15.00 0.53
C ILE B 130 47.11 -14.65 -0.92
N ARG B 131 46.32 -15.21 -1.80
CA ARG B 131 46.57 -15.02 -3.19
C ARG B 131 45.80 -13.96 -3.88
N TYR B 132 44.54 -13.74 -3.49
CA TYR B 132 43.69 -12.75 -4.15
C TYR B 132 43.42 -11.43 -3.47
N PHE B 133 42.79 -11.51 -2.30
CA PHE B 133 42.42 -10.30 -1.58
C PHE B 133 43.52 -9.23 -1.49
N PRO B 134 44.71 -9.72 -1.35
CA PRO B 134 45.81 -8.78 -1.19
C PRO B 134 46.14 -7.90 -2.38
N VAL B 135 45.83 -8.42 -3.55
CA VAL B 135 46.11 -7.79 -4.79
C VAL B 135 45.14 -6.67 -4.95
N PHE B 136 43.93 -7.01 -4.67
CA PHE B 136 42.91 -6.03 -4.84
C PHE B 136 42.98 -4.99 -3.80
N GLU B 137 43.19 -5.42 -2.56
CA GLU B 137 43.32 -4.47 -1.49
C GLU B 137 44.40 -3.42 -1.82
N LYS B 138 45.51 -3.89 -2.29
CA LYS B 138 46.54 -2.96 -2.66
C LYS B 138 46.21 -2.11 -3.84
N ILE B 139 45.48 -2.61 -4.78
CA ILE B 139 45.15 -1.81 -5.94
C ILE B 139 44.39 -0.61 -5.53
N LEU B 140 43.36 -0.90 -4.77
CA LEU B 140 42.42 0.05 -4.24
C LEU B 140 43.07 1.04 -3.34
N ARG B 141 43.94 0.49 -2.50
CA ARG B 141 44.63 1.30 -1.53
C ARG B 141 45.52 2.17 -2.32
N GLY B 142 45.96 1.67 -3.41
CA GLY B 142 46.85 2.50 -4.14
C GLY B 142 46.26 3.66 -4.91
N HIS B 143 44.99 3.67 -5.26
CA HIS B 143 44.50 4.79 -6.10
C HIS B 143 43.37 5.54 -5.44
N GLY B 144 42.85 4.92 -4.37
CA GLY B 144 41.79 5.47 -3.60
C GLY B 144 40.42 5.48 -4.28
N GLN B 145 40.32 4.98 -5.54
CA GLN B 145 39.02 4.99 -6.20
C GLN B 145 38.08 3.90 -5.76
N SER B 146 36.85 4.03 -6.19
CA SER B 146 35.91 3.02 -5.76
C SER B 146 35.78 1.82 -6.68
N PHE B 147 36.54 1.84 -7.76
CA PHE B 147 36.58 0.81 -8.74
C PHE B 147 37.97 0.36 -8.92
N LEU B 148 38.12 -0.91 -9.30
CA LEU B 148 39.43 -1.50 -9.49
C LEU B 148 40.21 -0.85 -10.61
N VAL B 149 39.43 -0.58 -11.65
CA VAL B 149 40.00 -0.03 -12.85
C VAL B 149 39.13 1.07 -13.46
N GLY B 150 39.87 2.08 -13.90
CA GLY B 150 39.37 3.26 -14.59
C GLY B 150 38.31 4.12 -13.89
N ASN B 151 38.21 3.99 -12.62
CA ASN B 151 37.27 4.78 -11.89
C ASN B 151 35.88 4.69 -12.38
N GLN B 152 35.61 3.55 -12.89
CA GLN B 152 34.29 3.17 -13.31
C GLN B 152 34.09 1.69 -13.12
N LEU B 153 32.85 1.33 -13.02
CA LEU B 153 32.52 -0.05 -12.83
C LEU B 153 32.97 -0.83 -14.06
N SER B 154 33.49 -2.00 -13.78
CA SER B 154 33.99 -2.89 -14.75
C SER B 154 33.54 -4.26 -14.41
N LEU B 155 33.75 -5.10 -15.37
CA LEU B 155 33.43 -6.48 -15.19
C LEU B 155 34.23 -7.04 -14.00
N ALA B 156 35.46 -6.55 -13.80
CA ALA B 156 36.27 -7.01 -12.71
C ALA B 156 35.60 -6.77 -11.35
N ASP B 157 35.00 -5.60 -11.19
CA ASP B 157 34.36 -5.33 -9.92
C ASP B 157 33.16 -6.24 -9.67
N VAL B 158 32.38 -6.51 -10.69
CA VAL B 158 31.23 -7.37 -10.42
C VAL B 158 31.61 -8.78 -9.99
N ILE B 159 32.57 -9.37 -10.73
CA ILE B 159 32.98 -10.73 -10.44
C ILE B 159 33.59 -10.85 -9.07
N LEU B 160 34.32 -9.79 -8.73
CA LEU B 160 34.97 -9.74 -7.46
C LEU B 160 33.97 -9.61 -6.39
N LEU B 161 33.07 -8.68 -6.58
CA LEU B 161 31.99 -8.57 -5.64
C LEU B 161 31.22 -9.87 -5.48
N GLN B 162 30.91 -10.48 -6.59
CA GLN B 162 30.17 -11.72 -6.50
C GLN B 162 30.84 -12.79 -5.67
N THR B 163 32.13 -12.87 -5.89
CA THR B 163 32.98 -13.85 -5.27
C THR B 163 33.18 -13.62 -3.80
N ILE B 164 33.51 -12.41 -3.48
CA ILE B 164 33.68 -12.06 -2.09
C ILE B 164 32.42 -12.37 -1.29
N LEU B 165 31.28 -11.93 -1.84
CA LEU B 165 30.07 -12.24 -1.11
C LEU B 165 29.80 -13.70 -0.93
N ALA B 166 30.13 -14.45 -1.95
CA ALA B 166 29.92 -15.87 -1.87
C ALA B 166 30.82 -16.50 -0.83
N LEU B 167 32.01 -15.97 -0.73
CA LEU B 167 32.93 -16.49 0.23
C LEU B 167 32.43 -16.15 1.59
N GLU B 168 31.98 -14.91 1.72
CA GLU B 168 31.48 -14.52 3.02
C GLU B 168 30.35 -15.37 3.50
N GLU B 169 29.65 -15.95 2.57
CA GLU B 169 28.62 -16.81 3.02
C GLU B 169 29.22 -17.97 3.75
N LYS B 170 30.42 -18.41 3.40
CA LYS B 170 31.00 -19.53 4.12
C LYS B 170 31.97 -19.07 5.20
N ILE B 171 32.62 -17.92 4.99
CA ILE B 171 33.62 -17.38 5.92
C ILE B 171 33.44 -15.91 6.01
N PRO B 172 32.55 -15.66 6.89
CA PRO B 172 31.95 -14.43 7.20
C PRO B 172 32.85 -13.31 7.51
N ASN B 173 34.01 -13.62 8.02
CA ASN B 173 35.01 -12.65 8.40
C ASN B 173 36.17 -12.70 7.47
N ILE B 174 35.96 -13.23 6.30
CA ILE B 174 37.06 -13.35 5.42
C ILE B 174 37.69 -12.02 5.04
N LEU B 175 36.90 -10.96 5.09
CA LEU B 175 37.41 -9.62 4.73
C LEU B 175 37.99 -8.79 5.85
N SER B 176 37.92 -9.38 7.04
CA SER B 176 38.40 -8.80 8.29
C SER B 176 39.68 -8.04 8.05
N ALA B 177 40.68 -8.66 7.52
CA ALA B 177 41.92 -7.95 7.31
C ALA B 177 42.00 -7.07 6.07
N PHE B 178 40.89 -6.87 5.33
CA PHE B 178 40.86 -6.10 4.10
C PHE B 178 39.83 -5.02 4.13
N PRO B 179 40.20 -4.04 4.85
CA PRO B 179 39.46 -2.84 5.12
C PRO B 179 39.11 -2.10 3.85
N PHE B 180 40.05 -2.03 2.93
CA PHE B 180 39.70 -1.42 1.65
C PHE B 180 38.65 -2.24 0.94
N LEU B 181 38.89 -3.56 0.91
CA LEU B 181 37.95 -4.42 0.28
C LEU B 181 36.62 -4.32 0.98
N GLN B 182 36.65 -4.14 2.30
CA GLN B 182 35.34 -4.04 2.93
C GLN B 182 34.59 -2.83 2.49
N GLU B 183 35.26 -1.73 2.43
CA GLU B 183 34.56 -0.56 2.03
C GLU B 183 34.09 -0.65 0.64
N TYR B 184 34.97 -1.07 -0.23
CA TYR B 184 34.66 -1.20 -1.64
C TYR B 184 33.39 -2.02 -1.85
N THR B 185 33.32 -3.10 -1.11
CA THR B 185 32.19 -4.02 -1.18
C THR B 185 30.93 -3.33 -0.79
N VAL B 186 31.06 -2.60 0.25
CA VAL B 186 29.92 -1.90 0.72
C VAL B 186 29.38 -0.92 -0.27
N LYS B 187 30.25 -0.09 -0.75
CA LYS B 187 29.80 0.83 -1.76
C LYS B 187 29.21 0.19 -2.99
N LEU B 188 29.92 -0.81 -3.50
CA LEU B 188 29.48 -1.44 -4.71
C LEU B 188 28.11 -1.96 -4.45
N SER B 189 27.95 -2.49 -3.25
CA SER B 189 26.66 -3.09 -3.03
C SER B 189 25.57 -2.09 -2.95
N ASN B 190 25.97 -0.84 -2.91
CA ASN B 190 24.98 0.23 -2.84
C ASN B 190 24.60 0.78 -4.18
N ILE B 191 25.29 0.33 -5.22
CA ILE B 191 24.92 0.68 -6.56
C ILE B 191 23.54 0.03 -6.75
N PRO B 192 22.72 0.86 -7.21
CA PRO B 192 21.31 0.62 -7.30
C PRO B 192 20.88 -0.63 -7.95
N THR B 193 21.46 -0.91 -9.12
CA THR B 193 21.14 -2.17 -9.81
C THR B 193 21.55 -3.30 -8.90
N ILE B 194 22.72 -3.10 -8.33
CA ILE B 194 23.29 -4.09 -7.44
C ILE B 194 22.50 -4.20 -6.18
N LYS B 195 22.18 -3.02 -5.67
CA LYS B 195 21.39 -2.98 -4.47
C LYS B 195 20.11 -3.77 -4.66
N ARG B 196 19.48 -3.62 -5.83
CA ARG B 196 18.27 -4.37 -6.12
C ARG B 196 18.50 -5.85 -6.24
N PHE B 197 19.60 -6.18 -6.91
CA PHE B 197 19.93 -7.57 -7.17
C PHE B 197 20.07 -8.26 -5.85
N LEU B 198 20.65 -7.53 -4.93
CA LEU B 198 20.82 -8.09 -3.63
C LEU B 198 19.55 -8.18 -2.85
N GLU B 199 18.59 -7.34 -3.19
CA GLU B 199 17.30 -7.38 -2.56
C GLU B 199 16.44 -8.50 -3.08
N PRO B 200 15.39 -8.75 -2.35
CA PRO B 200 14.45 -9.80 -2.65
C PRO B 200 13.72 -9.65 -3.95
N GLY B 201 13.46 -10.84 -4.50
CA GLY B 201 12.78 -10.90 -5.77
C GLY B 201 13.65 -10.68 -7.01
N SER B 202 15.02 -10.76 -6.88
CA SER B 202 15.96 -10.59 -7.99
C SER B 202 16.12 -11.94 -8.64
N LYS B 203 16.84 -12.02 -9.76
CA LYS B 203 17.03 -13.36 -10.30
C LYS B 203 18.31 -14.01 -9.70
N LYS B 204 18.90 -13.29 -8.75
CA LYS B 204 20.02 -13.74 -7.99
C LYS B 204 19.61 -15.03 -7.36
N LYS B 205 20.46 -16.04 -7.42
CA LYS B 205 20.15 -17.35 -6.89
C LYS B 205 20.85 -17.62 -5.56
N PRO B 206 20.22 -18.47 -4.85
CA PRO B 206 20.64 -18.96 -3.55
C PRO B 206 21.70 -19.98 -3.66
N PRO B 207 22.30 -20.18 -2.56
CA PRO B 207 23.37 -21.12 -2.49
C PRO B 207 22.67 -22.39 -2.69
N PRO B 208 23.30 -23.22 -3.42
CA PRO B 208 22.85 -24.54 -3.80
C PRO B 208 22.62 -25.47 -2.64
N ASP B 209 21.52 -26.21 -2.75
CA ASP B 209 20.99 -27.21 -1.85
C ASP B 209 21.11 -28.60 -2.41
N GLU B 210 20.75 -29.52 -1.54
CA GLU B 210 20.77 -30.92 -1.87
C GLU B 210 19.95 -31.16 -3.13
N ILE B 211 18.94 -30.35 -3.32
CA ILE B 211 18.15 -30.56 -4.49
C ILE B 211 18.86 -30.20 -5.77
N TYR B 212 19.31 -28.94 -5.83
CA TYR B 212 20.02 -28.45 -6.97
C TYR B 212 21.10 -29.48 -7.31
N VAL B 213 21.75 -29.90 -6.23
CA VAL B 213 22.78 -30.85 -6.47
C VAL B 213 22.33 -32.10 -7.13
N ARG B 214 21.27 -32.61 -6.59
CA ARG B 214 20.64 -33.79 -7.14
C ARG B 214 20.26 -33.55 -8.58
N THR B 215 19.56 -32.48 -8.80
CA THR B 215 19.13 -32.17 -10.11
C THR B 215 20.24 -32.05 -11.11
N VAL B 216 21.32 -31.39 -10.72
CA VAL B 216 22.35 -31.21 -11.69
C VAL B 216 22.88 -32.53 -12.09
N TYR B 217 23.06 -33.34 -11.10
CA TYR B 217 23.50 -34.68 -11.40
C TYR B 217 22.52 -35.36 -12.32
N ASN B 218 21.26 -35.11 -12.10
CA ASN B 218 20.35 -35.78 -12.98
C ASN B 218 20.40 -35.29 -14.40
N ILE B 219 20.77 -34.05 -14.63
CA ILE B 219 20.76 -33.60 -15.99
C ILE B 219 22.05 -33.86 -16.70
N PHE B 220 23.14 -34.12 -15.97
CA PHE B 220 24.46 -34.29 -16.61
C PHE B 220 25.35 -35.51 -16.18
N ARG C 4 -16.27 -1.20 -11.63
CA ARG C 4 -16.99 -1.38 -12.91
C ARG C 4 -18.45 -0.86 -12.79
N PRO C 5 -18.82 0.17 -13.59
CA PRO C 5 -20.13 0.75 -13.48
C PRO C 5 -21.23 -0.19 -13.69
N LYS C 6 -22.27 0.14 -12.95
CA LYS C 6 -23.45 -0.64 -12.99
C LYS C 6 -24.63 0.22 -13.36
N LEU C 7 -25.25 -0.24 -14.41
CA LEU C 7 -26.36 0.42 -15.02
C LEU C 7 -27.69 -0.17 -14.66
N HIS C 8 -28.53 0.69 -14.09
CA HIS C 8 -29.88 0.26 -13.76
C HIS C 8 -30.86 0.74 -14.76
N TYR C 9 -31.54 -0.18 -15.38
CA TYR C 9 -32.50 0.22 -16.35
C TYR C 9 -33.09 -1.04 -16.87
N PRO C 10 -34.19 -0.86 -17.51
CA PRO C 10 -34.83 -1.91 -18.22
C PRO C 10 -33.87 -2.36 -19.27
N ASN C 11 -34.13 -3.54 -19.82
CA ASN C 11 -33.23 -4.00 -20.85
C ASN C 11 -33.64 -3.51 -22.21
N GLY C 12 -33.20 -2.29 -22.54
CA GLY C 12 -33.54 -1.66 -23.80
C GLY C 12 -32.85 -0.35 -23.83
N ARG C 13 -33.04 0.35 -24.92
CA ARG C 13 -32.36 1.60 -25.13
C ARG C 13 -32.74 2.73 -24.18
N GLY C 14 -33.97 3.18 -24.41
CA GLY C 14 -34.58 4.28 -23.70
C GLY C 14 -33.61 5.40 -23.62
N ARG C 15 -33.53 5.96 -22.42
CA ARG C 15 -32.61 7.04 -22.17
C ARG C 15 -31.20 6.60 -21.82
N MET C 16 -31.04 5.34 -21.44
CA MET C 16 -29.75 4.81 -21.01
C MET C 16 -28.71 4.59 -22.11
N GLU C 17 -29.23 4.44 -23.31
CA GLU C 17 -28.36 4.17 -24.41
C GLU C 17 -27.23 5.12 -24.62
N SER C 18 -27.49 6.36 -24.37
CA SER C 18 -26.45 7.35 -24.53
C SER C 18 -25.31 7.06 -23.62
N VAL C 19 -25.68 6.65 -22.45
CA VAL C 19 -24.70 6.28 -21.45
C VAL C 19 -23.92 5.07 -21.90
N ARG C 20 -24.61 4.09 -22.46
CA ARG C 20 -23.85 2.97 -22.98
C ARG C 20 -22.90 3.46 -24.03
N TRP C 21 -23.39 4.24 -24.99
CA TRP C 21 -22.50 4.74 -26.01
C TRP C 21 -21.26 5.38 -25.48
N VAL C 22 -21.43 6.25 -24.50
CA VAL C 22 -20.30 6.96 -24.01
C VAL C 22 -19.33 6.10 -23.32
N LEU C 23 -19.84 5.28 -22.43
CA LEU C 23 -18.99 4.37 -21.71
C LEU C 23 -18.17 3.56 -22.70
N ALA C 24 -18.88 2.92 -23.64
CA ALA C 24 -18.25 2.09 -24.68
C ALA C 24 -17.20 2.85 -25.43
N ALA C 25 -17.55 4.03 -25.87
CA ALA C 25 -16.61 4.80 -26.60
C ALA C 25 -15.37 5.10 -25.84
N ALA C 26 -15.56 5.39 -24.56
CA ALA C 26 -14.46 5.73 -23.67
C ALA C 26 -13.65 4.50 -23.33
N GLY C 27 -14.08 3.39 -23.85
CA GLY C 27 -13.43 2.15 -23.61
C GLY C 27 -13.70 1.53 -22.26
N VAL C 28 -14.75 1.99 -21.56
CA VAL C 28 -15.09 1.47 -20.24
C VAL C 28 -16.07 0.33 -20.24
N GLU C 29 -15.72 -0.76 -19.52
CA GLU C 29 -16.58 -1.95 -19.41
C GLU C 29 -17.53 -1.73 -18.27
N PHE C 30 -18.74 -2.27 -18.37
CA PHE C 30 -19.65 -2.01 -17.29
C PHE C 30 -20.65 -3.07 -17.19
N ASP C 31 -21.39 -3.01 -16.09
CA ASP C 31 -22.39 -4.02 -15.93
C ASP C 31 -23.74 -3.41 -16.02
N GLU C 32 -24.72 -4.28 -16.12
CA GLU C 32 -26.08 -3.86 -16.19
C GLU C 32 -26.99 -4.67 -15.27
N GLU C 33 -27.95 -4.02 -14.62
CA GLU C 33 -28.89 -4.67 -13.79
C GLU C 33 -30.27 -4.34 -14.25
N PHE C 34 -30.86 -5.25 -14.99
CA PHE C 34 -32.13 -4.94 -15.59
C PHE C 34 -33.37 -4.88 -14.82
N LEU C 35 -34.17 -3.86 -15.12
CA LEU C 35 -35.47 -3.86 -14.52
C LEU C 35 -36.43 -4.56 -15.45
N GLU C 36 -37.24 -5.43 -14.84
CA GLU C 36 -38.29 -6.19 -15.49
C GLU C 36 -39.71 -5.97 -15.00
N THR C 37 -39.87 -5.50 -13.75
CA THR C 37 -41.15 -5.27 -13.08
C THR C 37 -41.22 -4.03 -12.19
N LYS C 38 -42.50 -3.66 -11.89
CA LYS C 38 -42.74 -2.53 -10.97
C LYS C 38 -41.97 -2.75 -9.68
N GLU C 39 -42.14 -3.95 -9.24
CA GLU C 39 -41.57 -4.39 -8.00
C GLU C 39 -40.08 -4.21 -7.89
N GLN C 40 -39.35 -4.61 -8.91
CA GLN C 40 -37.91 -4.38 -8.83
C GLN C 40 -37.59 -2.91 -8.76
N LEU C 41 -38.43 -2.12 -9.42
CA LEU C 41 -38.25 -0.71 -9.39
C LEU C 41 -38.50 -0.28 -7.97
N TYR C 42 -39.60 -0.75 -7.39
CA TYR C 42 -39.84 -0.41 -5.98
C TYR C 42 -38.71 -0.71 -5.05
N LYS C 43 -38.12 -1.84 -5.25
CA LYS C 43 -37.06 -2.11 -4.33
C LYS C 43 -35.92 -1.15 -4.48
N LEU C 44 -35.73 -0.75 -5.67
CA LEU C 44 -34.63 0.13 -5.92
C LEU C 44 -34.90 1.45 -5.26
N GLN C 45 -36.15 1.81 -5.39
CA GLN C 45 -36.63 3.06 -4.88
C GLN C 45 -36.60 3.01 -3.41
N ASP C 46 -37.19 1.92 -2.93
CA ASP C 46 -37.27 1.68 -1.51
C ASP C 46 -35.92 1.73 -0.81
N GLY C 47 -34.90 1.18 -1.37
CA GLY C 47 -33.64 1.26 -0.68
C GLY C 47 -32.97 2.60 -0.82
N ASN C 48 -33.66 3.56 -1.42
CA ASN C 48 -33.07 4.87 -1.57
C ASN C 48 -31.89 4.87 -2.52
N HIS C 49 -32.00 4.14 -3.60
CA HIS C 49 -30.87 4.17 -4.48
C HIS C 49 -30.98 5.16 -5.59
N LEU C 50 -32.22 5.56 -5.86
CA LEU C 50 -32.58 6.50 -6.87
C LEU C 50 -32.82 7.82 -6.21
N LEU C 51 -31.92 8.77 -6.39
CA LEU C 51 -32.02 10.09 -5.79
C LEU C 51 -33.35 10.70 -5.98
N PHE C 52 -33.90 10.54 -7.17
CA PHE C 52 -35.19 11.15 -7.46
C PHE C 52 -36.21 10.12 -7.84
N GLN C 53 -35.94 8.88 -7.47
CA GLN C 53 -36.88 7.83 -7.76
C GLN C 53 -36.97 7.40 -9.19
N GLN C 54 -36.04 7.85 -10.00
CA GLN C 54 -36.10 7.43 -11.35
C GLN C 54 -34.78 6.91 -11.77
N VAL C 55 -34.84 6.25 -12.93
CA VAL C 55 -33.72 5.75 -13.71
C VAL C 55 -33.73 6.57 -15.03
N PRO C 56 -32.61 6.67 -15.70
CA PRO C 56 -31.37 6.01 -15.39
C PRO C 56 -30.72 6.33 -14.11
N MET C 57 -30.07 5.31 -13.57
CA MET C 57 -29.18 5.47 -12.42
C MET C 57 -27.97 4.62 -12.76
N VAL C 58 -26.82 5.13 -12.50
CA VAL C 58 -25.60 4.40 -12.78
C VAL C 58 -24.72 4.50 -11.56
N GLU C 59 -24.23 3.34 -11.17
CA GLU C 59 -23.35 3.31 -10.03
C GLU C 59 -21.96 3.33 -10.50
N ILE C 60 -21.31 4.40 -10.17
CA ILE C 60 -19.98 4.57 -10.59
C ILE C 60 -19.15 5.39 -9.61
N ASP C 61 -17.92 4.97 -9.45
CA ASP C 61 -16.97 5.66 -8.56
C ASP C 61 -17.52 5.90 -7.20
N GLY C 62 -18.28 4.89 -6.79
CA GLY C 62 -18.91 4.89 -5.49
C GLY C 62 -20.14 5.74 -5.36
N MET C 63 -20.65 6.30 -6.46
CA MET C 63 -21.81 7.12 -6.40
C MET C 63 -22.91 6.42 -7.15
N LYS C 64 -24.12 6.92 -6.93
CA LYS C 64 -25.26 6.48 -7.64
C LYS C 64 -25.79 7.68 -8.40
N LEU C 65 -25.25 7.92 -9.54
CA LEU C 65 -25.69 9.03 -10.30
C LEU C 65 -26.94 8.71 -11.03
N VAL C 66 -27.76 9.76 -11.14
CA VAL C 66 -29.07 9.87 -11.78
C VAL C 66 -29.14 11.09 -12.72
N GLN C 67 -30.13 11.13 -13.64
CA GLN C 67 -30.25 12.21 -14.63
C GLN C 67 -29.26 11.96 -15.70
N THR C 68 -29.80 11.52 -16.81
CA THR C 68 -28.97 11.22 -17.96
C THR C 68 -27.94 12.25 -18.25
N ARG C 69 -28.32 13.52 -18.35
CA ARG C 69 -27.28 14.47 -18.70
C ARG C 69 -26.15 14.60 -17.71
N SER C 70 -26.51 14.47 -16.46
CA SER C 70 -25.57 14.65 -15.38
C SER C 70 -24.59 13.49 -15.37
N ILE C 71 -25.15 12.36 -15.67
CA ILE C 71 -24.36 11.18 -15.78
C ILE C 71 -23.36 11.31 -16.93
N LEU C 72 -23.84 11.74 -18.07
CA LEU C 72 -23.00 11.91 -19.25
C LEU C 72 -21.92 12.90 -18.98
N HIS C 73 -22.23 14.01 -18.37
CA HIS C 73 -21.14 14.96 -18.06
C HIS C 73 -20.11 14.34 -17.15
N TYR C 74 -20.56 13.57 -16.15
CA TYR C 74 -19.56 12.99 -15.26
C TYR C 74 -18.55 12.14 -16.04
N ILE C 75 -19.11 11.24 -16.85
CA ILE C 75 -18.23 10.37 -17.57
C ILE C 75 -17.33 11.12 -18.49
N ALA C 76 -17.87 12.10 -19.18
CA ALA C 76 -17.10 12.85 -20.12
C ALA C 76 -15.93 13.48 -19.41
N ASP C 77 -16.21 14.05 -18.31
CA ASP C 77 -15.20 14.70 -17.54
C ASP C 77 -14.22 13.72 -16.96
N LYS C 78 -14.62 12.50 -16.70
CA LYS C 78 -13.63 11.57 -16.22
C LYS C 78 -12.87 11.04 -17.42
N HIS C 79 -13.29 11.31 -18.64
CA HIS C 79 -12.54 10.66 -19.69
C HIS C 79 -12.13 11.50 -20.84
N ASN C 80 -11.81 12.75 -20.59
CA ASN C 80 -11.44 13.59 -21.68
C ASN C 80 -12.39 13.66 -22.85
N LEU C 81 -13.68 13.67 -22.55
CA LEU C 81 -14.61 13.80 -23.65
C LEU C 81 -15.34 15.12 -23.55
N PHE C 82 -14.79 16.02 -22.75
CA PHE C 82 -15.44 17.32 -22.51
C PHE C 82 -14.64 18.55 -22.87
N GLY C 83 -13.75 18.38 -23.83
CA GLY C 83 -12.96 19.49 -24.25
C GLY C 83 -11.75 19.69 -23.39
N LYS C 84 -11.08 20.82 -23.62
CA LYS C 84 -9.85 21.20 -22.95
C LYS C 84 -9.94 22.58 -22.37
N ASN C 85 -11.09 23.21 -22.59
CA ASN C 85 -11.30 24.50 -22.01
C ASN C 85 -12.76 24.95 -22.06
N LEU C 86 -13.08 26.03 -21.33
CA LEU C 86 -14.44 26.54 -21.28
C LEU C 86 -15.10 26.71 -22.62
N LYS C 87 -14.31 27.24 -23.53
CA LYS C 87 -14.81 27.50 -24.87
C LYS C 87 -15.34 26.28 -25.53
N GLU C 88 -14.51 25.26 -25.49
CA GLU C 88 -14.81 23.97 -26.02
C GLU C 88 -15.96 23.34 -25.31
N ARG C 89 -15.79 23.28 -24.02
CA ARG C 89 -16.77 22.71 -23.15
C ARG C 89 -18.11 23.32 -23.44
N THR C 90 -18.06 24.60 -23.63
CA THR C 90 -19.31 25.30 -23.97
C THR C 90 -20.00 24.80 -25.27
N LEU C 91 -19.17 24.59 -26.31
CA LEU C 91 -19.67 24.12 -27.58
C LEU C 91 -20.22 22.74 -27.50
N ILE C 92 -19.45 21.90 -26.86
CA ILE C 92 -19.79 20.51 -26.71
C ILE C 92 -21.10 20.42 -25.99
N ASP C 93 -21.23 21.25 -24.98
CA ASP C 93 -22.46 21.24 -24.21
C ASP C 93 -23.67 21.56 -25.07
N MET C 94 -23.56 22.66 -25.77
CA MET C 94 -24.65 23.02 -26.61
C MET C 94 -24.98 22.00 -27.64
N TYR C 95 -23.94 21.44 -28.24
CA TYR C 95 -24.19 20.50 -29.30
C TYR C 95 -24.93 19.34 -28.75
N VAL C 96 -24.46 18.94 -27.64
CA VAL C 96 -25.09 17.84 -27.00
C VAL C 96 -26.54 18.10 -26.66
N GLU C 97 -26.82 19.23 -26.03
CA GLU C 97 -28.23 19.47 -25.70
C GLU C 97 -29.11 19.52 -26.93
N GLY C 98 -28.61 20.19 -27.95
CA GLY C 98 -29.40 20.26 -29.17
C GLY C 98 -29.64 18.88 -29.70
N THR C 99 -28.59 18.10 -29.73
CA THR C 99 -28.72 16.74 -30.21
C THR C 99 -29.71 15.90 -29.42
N LEU C 100 -29.64 15.98 -28.09
CA LEU C 100 -30.60 15.27 -27.23
C LEU C 100 -32.04 15.67 -27.54
N ASP C 101 -32.21 16.88 -28.01
CA ASP C 101 -33.54 17.26 -28.38
C ASP C 101 -34.06 16.53 -29.60
N LEU C 102 -33.15 16.16 -30.45
CA LEU C 102 -33.49 15.44 -31.63
C LEU C 102 -33.69 14.00 -31.28
N LEU C 103 -32.76 13.47 -30.54
CA LEU C 103 -32.83 12.11 -30.09
C LEU C 103 -34.11 11.80 -29.36
N GLU C 104 -34.65 12.77 -28.70
CA GLU C 104 -35.88 12.57 -27.98
C GLU C 104 -37.00 12.04 -28.82
N LEU C 105 -37.05 12.51 -30.01
CA LEU C 105 -38.03 12.00 -30.94
C LEU C 105 -37.94 10.49 -31.09
N LEU C 106 -36.72 10.05 -31.13
CA LEU C 106 -36.51 8.62 -31.27
C LEU C 106 -36.96 7.90 -30.00
N ILE C 107 -36.57 8.49 -28.85
CA ILE C 107 -36.95 7.95 -27.52
C ILE C 107 -38.44 7.81 -27.28
N MET C 108 -39.18 8.85 -27.70
CA MET C 108 -40.62 8.81 -27.56
C MET C 108 -41.33 7.93 -28.55
N HIS C 109 -40.76 7.77 -29.71
CA HIS C 109 -41.36 7.07 -30.79
C HIS C 109 -42.18 5.85 -30.52
N PRO C 110 -41.60 4.87 -29.92
CA PRO C 110 -42.30 3.63 -29.60
C PRO C 110 -43.51 3.77 -28.74
N PHE C 111 -43.63 4.85 -28.03
CA PHE C 111 -44.79 4.97 -27.19
C PHE C 111 -45.94 5.77 -27.79
N LEU C 112 -45.78 6.10 -29.06
CA LEU C 112 -46.76 6.84 -29.83
C LEU C 112 -47.80 5.87 -30.28
N LYS C 113 -48.91 6.44 -30.69
CA LYS C 113 -49.99 5.69 -31.27
C LYS C 113 -49.61 5.52 -32.71
N PRO C 114 -49.42 4.29 -33.01
CA PRO C 114 -49.07 3.72 -34.31
C PRO C 114 -49.40 4.60 -35.53
N ASP C 115 -50.56 5.22 -35.42
CA ASP C 115 -51.00 6.13 -36.45
C ASP C 115 -50.02 7.32 -36.49
N ASP C 116 -49.76 7.88 -35.31
CA ASP C 116 -48.88 9.00 -35.17
C ASP C 116 -47.43 8.66 -35.37
N GLN C 117 -47.15 7.39 -35.32
CA GLN C 117 -45.81 7.01 -35.45
C GLN C 117 -45.21 7.40 -36.76
N GLN C 118 -46.01 7.26 -37.76
CA GLN C 118 -45.57 7.59 -39.08
C GLN C 118 -45.39 9.06 -39.34
N LYS C 119 -46.34 9.85 -38.88
CA LYS C 119 -46.21 11.27 -39.06
C LYS C 119 -44.88 11.75 -38.44
N GLU C 120 -44.58 11.13 -37.34
CA GLU C 120 -43.41 11.39 -36.56
C GLU C 120 -42.09 11.14 -37.19
N VAL C 121 -42.06 10.07 -37.95
CA VAL C 121 -40.86 9.78 -38.64
C VAL C 121 -40.57 10.90 -39.63
N VAL C 122 -41.61 11.29 -40.29
CA VAL C 122 -41.47 12.38 -41.22
C VAL C 122 -40.95 13.60 -40.51
N ASN C 123 -41.52 13.84 -39.34
CA ASN C 123 -41.00 14.96 -38.59
C ASN C 123 -39.52 14.87 -38.20
N MET C 124 -39.07 13.72 -37.72
CA MET C 124 -37.65 13.59 -37.39
C MET C 124 -36.85 13.92 -38.58
N ALA C 125 -37.34 13.40 -39.71
CA ALA C 125 -36.58 13.64 -40.94
C ALA C 125 -36.43 15.10 -41.15
N GLN C 126 -37.56 15.80 -41.10
CA GLN C 126 -37.44 17.23 -41.31
C GLN C 126 -36.58 17.98 -40.33
N LYS C 127 -36.70 17.65 -39.05
CA LYS C 127 -35.94 18.37 -38.10
C LYS C 127 -34.48 18.15 -38.32
N ALA C 128 -34.14 16.87 -38.55
CA ALA C 128 -32.78 16.51 -38.72
C ALA C 128 -32.19 17.31 -39.85
N ILE C 129 -32.89 17.24 -40.95
CA ILE C 129 -32.46 17.82 -42.21
C ILE C 129 -32.34 19.30 -42.14
N ILE C 130 -33.30 19.87 -41.54
CA ILE C 130 -33.34 21.31 -41.48
C ILE C 130 -32.71 21.98 -40.29
N ARG C 131 -32.90 21.41 -39.13
CA ARG C 131 -32.46 22.06 -37.95
C ARG C 131 -31.14 21.64 -37.40
N TYR C 132 -30.80 20.34 -37.52
CA TYR C 132 -29.54 19.83 -36.96
C TYR C 132 -28.39 19.52 -37.88
N PHE C 133 -28.63 18.61 -38.80
CA PHE C 133 -27.57 18.17 -39.71
C PHE C 133 -26.77 19.32 -40.34
N PRO C 134 -27.47 20.35 -40.64
CA PRO C 134 -26.80 21.45 -41.30
C PRO C 134 -25.75 22.21 -40.50
N VAL C 135 -25.93 22.19 -39.20
CA VAL C 135 -25.09 22.86 -38.28
C VAL C 135 -23.80 22.10 -38.20
N PHE C 136 -23.98 20.83 -38.08
CA PHE C 136 -22.83 20.01 -37.93
C PHE C 136 -22.07 19.91 -39.19
N GLU C 137 -22.81 19.71 -40.30
CA GLU C 137 -22.18 19.64 -41.58
C GLU C 137 -21.29 20.88 -41.81
N LYS C 138 -21.82 22.02 -41.52
CA LYS C 138 -21.03 23.21 -41.67
C LYS C 138 -19.88 23.32 -40.72
N ILE C 139 -20.02 22.82 -39.53
CA ILE C 139 -18.94 22.93 -38.59
C ILE C 139 -17.74 22.22 -39.11
N LEU C 140 -18.02 21.00 -39.49
CA LEU C 140 -17.06 20.05 -40.00
C LEU C 140 -16.44 20.53 -41.26
N ARG C 141 -17.31 21.06 -42.11
CA ARG C 141 -16.88 21.54 -43.40
C ARG C 141 -16.02 22.71 -43.11
N GLY C 142 -16.32 23.38 -42.08
CA GLY C 142 -15.52 24.52 -41.83
C GLY C 142 -14.13 24.30 -41.28
N HIS C 143 -13.81 23.20 -40.64
CA HIS C 143 -12.47 23.08 -40.06
C HIS C 143 -11.70 21.90 -40.59
N GLY C 144 -12.44 21.04 -41.29
CA GLY C 144 -11.90 19.87 -41.91
C GLY C 144 -11.50 18.76 -40.94
N GLN C 145 -11.67 18.95 -39.61
CA GLN C 145 -11.28 17.89 -38.68
C GLN C 145 -12.25 16.75 -38.57
N SER C 146 -11.81 15.71 -37.91
CA SER C 146 -12.71 14.58 -37.82
C SER C 146 -13.63 14.60 -36.61
N PHE C 147 -13.49 15.63 -35.79
CA PHE C 147 -14.25 15.82 -34.60
C PHE C 147 -14.89 17.14 -34.64
N LEU C 148 -16.05 17.25 -34.00
CA LEU C 148 -16.79 18.50 -33.98
C LEU C 148 -16.07 19.62 -33.29
N VAL C 149 -15.42 19.20 -32.22
CA VAL C 149 -14.72 20.13 -31.37
C VAL C 149 -13.38 19.59 -30.89
N GLY C 150 -12.44 20.54 -30.93
CA GLY C 150 -11.06 20.37 -30.48
C GLY C 150 -10.20 19.27 -31.11
N ASN C 151 -10.61 18.81 -32.24
CA ASN C 151 -9.85 17.79 -32.90
C ASN C 151 -9.58 16.59 -32.08
N GLN C 152 -10.52 16.34 -31.24
CA GLN C 152 -10.54 15.17 -30.43
C GLN C 152 -11.98 14.76 -30.17
N LEU C 153 -12.12 13.50 -29.85
CA LEU C 153 -13.43 12.99 -29.58
C LEU C 153 -13.97 13.67 -28.33
N SER C 154 -15.24 13.97 -28.41
CA SER C 154 -15.96 14.61 -27.38
C SER C 154 -17.27 13.94 -27.23
N LEU C 155 -17.88 14.31 -26.16
CA LEU C 155 -19.19 13.80 -25.88
C LEU C 155 -20.14 14.18 -27.02
N ALA C 156 -19.93 15.34 -27.64
CA ALA C 156 -20.78 15.76 -28.72
C ALA C 156 -20.74 14.77 -29.90
N ASP C 157 -19.55 14.28 -30.22
CA ASP C 157 -19.46 13.35 -31.32
C ASP C 157 -20.18 12.04 -31.01
N VAL C 158 -20.07 11.55 -29.81
CA VAL C 158 -20.75 10.28 -29.55
C VAL C 158 -22.27 10.38 -29.66
N ILE C 159 -22.83 11.42 -29.05
CA ILE C 159 -24.28 11.59 -29.06
C ILE C 159 -24.80 11.78 -30.45
N LEU C 160 -24.00 12.49 -31.22
CA LEU C 160 -24.36 12.76 -32.59
C LEU C 160 -24.31 11.52 -33.38
N LEU C 161 -23.21 10.82 -33.22
CA LEU C 161 -23.12 9.54 -33.87
C LEU C 161 -24.27 8.62 -33.49
N GLN C 162 -24.55 8.57 -32.21
CA GLN C 162 -25.62 7.71 -31.78
C GLN C 162 -26.95 7.98 -32.42
N THR C 163 -27.21 9.28 -32.51
CA THR C 163 -28.44 9.81 -33.03
C THR C 163 -28.60 9.60 -34.52
N ILE C 164 -27.58 9.96 -35.23
CA ILE C 164 -27.59 9.78 -36.65
C ILE C 164 -27.84 8.32 -37.00
N LEU C 165 -27.10 7.43 -36.35
CA LEU C 165 -27.33 6.04 -36.64
C LEU C 165 -28.73 5.57 -36.36
N ALA C 166 -29.27 6.09 -35.30
CA ALA C 166 -30.62 5.71 -34.92
C ALA C 166 -31.62 6.21 -35.95
N LEU C 167 -31.35 7.38 -36.47
CA LEU C 167 -32.22 7.93 -37.44
C LEU C 167 -32.13 7.11 -38.68
N GLU C 168 -30.89 6.78 -39.03
CA GLU C 168 -30.72 5.99 -40.23
C GLU C 168 -31.45 4.68 -40.16
N GLU C 169 -31.67 4.21 -38.99
CA GLU C 169 -32.41 3.00 -38.91
C GLU C 169 -33.78 3.24 -39.44
N LYS C 170 -34.34 4.43 -39.28
CA LYS C 170 -35.68 4.66 -39.79
C LYS C 170 -35.66 5.34 -41.16
N ILE C 171 -34.63 6.14 -41.42
CA ILE C 171 -34.50 6.91 -42.67
C ILE C 171 -33.08 6.86 -43.12
N PRO C 172 -32.90 5.81 -43.79
CA PRO C 172 -31.67 5.28 -44.26
C PRO C 172 -30.83 6.17 -45.07
N ASN C 173 -31.47 7.11 -45.75
CA ASN C 173 -30.79 8.06 -46.60
C ASN C 173 -30.83 9.43 -45.99
N ILE C 174 -31.03 9.49 -44.72
CA ILE C 174 -31.15 10.77 -44.13
C ILE C 174 -29.91 11.62 -44.29
N LEU C 175 -28.75 10.97 -44.43
CA LEU C 175 -27.49 11.71 -44.56
C LEU C 175 -27.04 12.03 -45.98
N SER C 176 -27.87 11.58 -46.91
CA SER C 176 -27.68 11.75 -48.34
C SER C 176 -27.13 13.12 -48.64
N ALA C 177 -27.79 14.16 -48.22
CA ALA C 177 -27.27 15.48 -48.51
C ALA C 177 -26.17 16.00 -47.62
N PHE C 178 -25.60 15.16 -46.71
CA PHE C 178 -24.58 15.56 -45.76
C PHE C 178 -23.37 14.69 -45.84
N PRO C 179 -22.66 14.96 -46.85
CA PRO C 179 -21.44 14.30 -47.25
C PRO C 179 -20.39 14.41 -46.18
N PHE C 180 -20.28 15.57 -45.55
CA PHE C 180 -19.33 15.65 -44.45
C PHE C 180 -19.77 14.76 -43.32
N LEU C 181 -21.07 14.84 -42.99
CA LEU C 181 -21.58 14.03 -41.94
C LEU C 181 -21.41 12.57 -42.30
N GLN C 182 -21.54 12.27 -43.59
CA GLN C 182 -21.36 10.85 -43.89
C GLN C 182 -19.97 10.39 -43.62
N GLU C 183 -19.02 11.17 -44.03
CA GLU C 183 -17.69 10.74 -43.79
C GLU C 183 -17.36 10.67 -42.35
N TYR C 184 -17.72 11.71 -41.66
CA TYR C 184 -17.47 11.80 -40.22
C TYR C 184 -17.98 10.54 -39.50
N THR C 185 -19.18 10.15 -39.88
CA THR C 185 -19.83 8.99 -39.31
C THR C 185 -19.05 7.75 -39.54
N VAL C 186 -18.60 7.67 -40.74
CA VAL C 186 -17.84 6.53 -41.10
C VAL C 186 -16.58 6.40 -40.30
N LYS C 187 -15.82 7.45 -40.29
CA LYS C 187 -14.64 7.41 -39.49
C LYS C 187 -14.87 7.12 -38.02
N LEU C 188 -15.83 7.81 -37.45
CA LEU C 188 -16.08 7.67 -36.05
C LEU C 188 -16.39 6.23 -35.83
N SER C 189 -17.14 5.69 -36.76
CA SER C 189 -17.54 4.33 -36.49
C SER C 189 -16.40 3.38 -36.56
N ASN C 190 -15.29 3.90 -37.05
CA ASN C 190 -14.10 3.04 -37.16
C ASN C 190 -13.20 3.11 -35.97
N ILE C 191 -13.52 4.01 -35.04
CA ILE C 191 -12.82 4.07 -33.79
C ILE C 191 -13.14 2.74 -33.11
N PRO C 192 -12.10 2.17 -32.70
CA PRO C 192 -12.05 0.82 -32.21
C PRO C 192 -13.02 0.46 -31.17
N THR C 193 -13.14 1.30 -30.14
CA THR C 193 -14.12 1.06 -29.07
C THR C 193 -15.47 1.07 -29.71
N ILE C 194 -15.63 2.05 -30.59
CA ILE C 194 -16.89 2.24 -31.30
C ILE C 194 -17.14 1.12 -32.25
N LYS C 195 -16.08 0.80 -32.96
CA LYS C 195 -16.17 -0.28 -33.91
C LYS C 195 -16.66 -1.53 -33.22
N ARG C 196 -16.13 -1.79 -32.00
CA ARG C 196 -16.56 -2.96 -31.23
C ARG C 196 -17.99 -2.86 -30.79
N PHE C 197 -18.35 -1.67 -30.33
CA PHE C 197 -19.69 -1.43 -29.80
C PHE C 197 -20.68 -1.74 -30.88
N LEU C 198 -20.29 -1.37 -32.07
CA LEU C 198 -21.15 -1.62 -33.18
C LEU C 198 -21.19 -3.06 -33.57
N GLU C 199 -20.14 -3.78 -33.25
CA GLU C 199 -20.09 -5.21 -33.52
C GLU C 199 -20.90 -6.00 -32.53
N PRO C 200 -21.11 -7.23 -32.88
CA PRO C 200 -21.87 -8.16 -32.11
C PRO C 200 -21.31 -8.48 -30.75
N GLY C 201 -22.27 -8.70 -29.86
CA GLY C 201 -21.92 -9.01 -28.48
C GLY C 201 -21.57 -7.81 -27.60
N SER C 202 -21.93 -6.55 -28.03
CA SER C 202 -21.67 -5.32 -27.27
C SER C 202 -22.85 -5.14 -26.33
N LYS C 203 -22.79 -4.14 -25.45
CA LYS C 203 -23.98 -3.96 -24.63
C LYS C 203 -24.97 -2.98 -25.33
N LYS C 204 -24.61 -2.61 -26.54
CA LYS C 204 -25.41 -1.79 -27.41
C LYS C 204 -26.73 -2.50 -27.54
N LYS C 205 -27.82 -1.79 -27.42
CA LYS C 205 -29.14 -2.36 -27.49
C LYS C 205 -29.83 -2.10 -28.83
N PRO C 206 -30.69 -2.99 -29.11
CA PRO C 206 -31.54 -3.02 -30.29
C PRO C 206 -32.68 -2.08 -30.16
N PRO C 207 -33.23 -1.84 -31.28
CA PRO C 207 -34.33 -0.94 -31.37
C PRO C 207 -35.37 -1.69 -30.67
N PRO C 208 -36.11 -0.98 -29.91
CA PRO C 208 -37.21 -1.46 -29.10
C PRO C 208 -38.33 -2.10 -29.88
N ASP C 209 -38.81 -3.20 -29.30
CA ASP C 209 -39.89 -4.07 -29.75
C ASP C 209 -41.11 -3.94 -28.88
N GLU C 210 -42.13 -4.63 -29.36
CA GLU C 210 -43.39 -4.68 -28.68
C GLU C 210 -43.19 -5.14 -27.24
N ILE C 211 -42.19 -5.95 -27.04
CA ILE C 211 -41.97 -6.41 -25.69
C ILE C 211 -41.47 -5.33 -24.77
N TYR C 212 -40.32 -4.75 -25.16
CA TYR C 212 -39.72 -3.69 -24.40
C TYR C 212 -40.83 -2.69 -24.07
N VAL C 213 -41.59 -2.42 -25.12
CA VAL C 213 -42.63 -1.47 -24.89
C VAL C 213 -43.59 -1.86 -23.84
N ARG C 214 -44.02 -3.06 -23.94
CA ARG C 214 -44.90 -3.65 -22.96
C ARG C 214 -44.27 -3.58 -21.59
N THR C 215 -43.09 -4.07 -21.51
CA THR C 215 -42.40 -4.09 -20.25
C THR C 215 -42.26 -2.73 -19.62
N VAL C 216 -41.90 -1.74 -20.44
CA VAL C 216 -41.69 -0.47 -19.82
C VAL C 216 -42.95 0.00 -19.23
N TYR C 217 -43.99 -0.18 -19.97
CA TYR C 217 -45.29 0.16 -19.43
C TYR C 217 -45.55 -0.60 -18.16
N ASN C 218 -45.14 -1.81 -18.13
CA ASN C 218 -45.41 -2.51 -16.91
C ASN C 218 -44.63 -2.01 -15.72
N ILE C 219 -43.46 -1.47 -15.93
CA ILE C 219 -42.71 -1.05 -14.79
C ILE C 219 -43.03 0.34 -14.37
N PHE C 220 -43.63 1.15 -15.24
CA PHE C 220 -43.89 2.57 -14.92
C PHE C 220 -45.31 3.17 -15.21
N ARG D 4 -22.55 43.54 -21.84
CA ARG D 4 -23.84 43.32 -21.13
C ARG D 4 -24.72 42.31 -21.92
N PRO D 5 -25.03 41.14 -21.29
CA PRO D 5 -25.78 40.13 -21.99
C PRO D 5 -27.08 40.56 -22.48
N LYS D 6 -27.39 39.94 -23.60
CA LYS D 6 -28.63 40.23 -24.26
C LYS D 6 -29.41 38.95 -24.44
N LEU D 7 -30.60 39.03 -23.91
CA LEU D 7 -31.53 37.96 -23.89
C LEU D 7 -32.59 38.05 -24.92
N HIS D 8 -32.65 36.99 -25.73
CA HIS D 8 -33.68 36.92 -26.76
C HIS D 8 -34.78 36.02 -26.36
N TYR D 9 -35.96 36.55 -26.26
CA TYR D 9 -37.06 35.73 -25.88
C TYR D 9 -38.24 36.62 -25.87
N PRO D 10 -39.35 35.97 -25.86
CA PRO D 10 -40.60 36.65 -25.71
C PRO D 10 -40.56 37.31 -24.36
N ASN D 11 -41.47 38.24 -24.17
CA ASN D 11 -41.46 38.91 -22.89
C ASN D 11 -42.30 38.17 -21.87
N GLY D 12 -41.68 37.16 -21.22
CA GLY D 12 -42.36 36.33 -20.25
C GLY D 12 -41.36 35.37 -19.73
N ARG D 13 -41.80 34.55 -18.82
CA ARG D 13 -40.92 33.62 -18.16
C ARG D 13 -40.31 32.54 -19.03
N GLY D 14 -41.21 31.65 -19.41
CA GLY D 14 -40.92 30.48 -20.20
C GLY D 14 -39.71 29.81 -19.65
N ARG D 15 -38.83 29.44 -20.58
CA ARG D 15 -37.60 28.81 -20.19
C ARG D 15 -36.49 29.78 -19.83
N MET D 16 -36.63 31.04 -20.22
CA MET D 16 -35.61 32.05 -19.99
C MET D 16 -35.43 32.53 -18.55
N GLU D 17 -36.51 32.35 -17.80
CA GLU D 17 -36.49 32.82 -16.46
C GLU D 17 -35.37 32.34 -15.59
N SER D 18 -34.98 31.12 -15.80
CA SER D 18 -33.89 30.57 -15.02
C SER D 18 -32.65 31.36 -15.25
N VAL D 19 -32.50 31.72 -16.49
CA VAL D 19 -31.36 32.53 -16.88
C VAL D 19 -31.42 33.90 -16.24
N ARG D 20 -32.62 34.49 -16.22
CA ARG D 20 -32.70 35.75 -15.51
C ARG D 20 -32.31 35.54 -14.07
N TRP D 21 -32.89 34.54 -13.43
CA TRP D 21 -32.53 34.31 -12.05
C TRP D 21 -31.07 34.23 -11.80
N VAL D 22 -30.39 33.47 -12.62
CA VAL D 22 -29.00 33.27 -12.39
C VAL D 22 -28.20 34.51 -12.58
N LEU D 23 -28.45 35.15 -13.69
CA LEU D 23 -27.76 36.39 -13.97
C LEU D 23 -27.93 37.34 -12.81
N ALA D 24 -29.20 37.57 -12.43
CA ALA D 24 -29.54 38.47 -11.32
C ALA D 24 -28.83 38.08 -10.07
N ALA D 25 -28.89 36.83 -9.74
CA ALA D 25 -28.25 36.39 -8.55
C ALA D 25 -26.78 36.65 -8.55
N ALA D 26 -26.17 36.44 -9.68
CA ALA D 26 -24.73 36.62 -9.86
C ALA D 26 -24.38 38.09 -9.88
N GLY D 27 -25.40 38.90 -9.77
CA GLY D 27 -25.23 40.32 -9.79
C GLY D 27 -24.98 40.92 -11.16
N VAL D 28 -25.26 40.18 -12.22
CA VAL D 28 -25.04 40.66 -13.58
C VAL D 28 -26.22 41.35 -14.21
N GLU D 29 -25.99 42.55 -14.76
CA GLU D 29 -27.04 43.35 -15.43
C GLU D 29 -27.11 42.90 -16.86
N PHE D 30 -28.31 42.95 -17.46
CA PHE D 30 -28.36 42.47 -18.81
C PHE D 30 -29.48 43.09 -19.52
N ASP D 31 -29.47 42.87 -20.83
CA ASP D 31 -30.54 43.45 -21.59
C ASP D 31 -31.41 42.37 -22.13
N GLU D 32 -32.55 42.79 -22.64
CA GLU D 32 -33.49 41.91 -23.21
C GLU D 32 -34.01 42.40 -24.56
N GLU D 33 -34.19 41.51 -25.53
CA GLU D 33 -34.74 41.84 -26.79
C GLU D 33 -35.94 40.97 -27.05
N PHE D 34 -37.09 41.52 -26.83
CA PHE D 34 -38.28 40.71 -26.92
C PHE D 34 -38.83 40.26 -28.20
N LEU D 35 -39.22 39.00 -28.23
CA LEU D 35 -39.93 38.56 -29.40
C LEU D 35 -41.40 38.77 -29.18
N GLU D 36 -42.04 39.33 -30.21
CA GLU D 36 -43.47 39.57 -30.27
C GLU D 36 -44.26 38.89 -31.38
N THR D 37 -43.56 38.52 -32.48
CA THR D 37 -44.13 37.90 -33.68
C THR D 37 -43.28 36.82 -34.34
N LYS D 38 -43.97 36.03 -35.20
CA LYS D 38 -43.29 34.99 -35.98
C LYS D 38 -42.12 35.62 -36.72
N GLU D 39 -42.45 36.71 -37.32
CA GLU D 39 -41.53 37.44 -38.13
C GLU D 39 -40.27 37.84 -37.46
N GLN D 40 -40.37 38.38 -36.25
CA GLN D 40 -39.12 38.71 -35.57
C GLN D 40 -38.29 37.48 -35.31
N LEU D 41 -38.99 36.37 -35.07
CA LEU D 41 -38.31 35.15 -34.86
C LEU D 41 -37.62 34.79 -36.14
N TYR D 42 -38.36 34.88 -37.25
CA TYR D 42 -37.69 34.61 -38.54
C TYR D 42 -36.47 35.40 -38.79
N LYS D 43 -36.52 36.65 -38.46
CA LYS D 43 -35.32 37.39 -38.73
C LYS D 43 -34.16 36.90 -37.91
N LEU D 44 -34.47 36.48 -36.75
CA LEU D 44 -33.42 36.06 -35.88
C LEU D 44 -32.80 34.81 -36.43
N GLN D 45 -33.71 33.99 -36.91
CA GLN D 45 -33.37 32.73 -37.46
C GLN D 45 -32.62 32.92 -38.70
N ASP D 46 -33.22 33.75 -39.54
CA ASP D 46 -32.66 34.10 -40.82
C ASP D 46 -31.24 34.61 -40.72
N GLY D 47 -30.92 35.44 -39.78
CA GLY D 47 -29.56 35.90 -39.74
C GLY D 47 -28.63 34.91 -39.11
N ASN D 48 -29.12 33.71 -38.85
CA ASN D 48 -28.23 32.71 -38.28
C ASN D 48 -27.82 33.05 -36.87
N HIS D 49 -28.73 33.57 -36.08
CA HIS D 49 -28.28 33.88 -34.75
C HIS D 49 -28.57 32.81 -33.76
N LEU D 50 -29.52 31.95 -34.10
CA LEU D 50 -29.96 30.85 -33.32
C LEU D 50 -29.34 29.61 -33.86
N LEU D 51 -28.38 29.05 -33.13
CA LEU D 51 -27.67 27.86 -33.55
C LEU D 51 -28.57 26.78 -33.99
N PHE D 52 -29.67 26.60 -33.28
CA PHE D 52 -30.58 25.53 -33.61
C PHE D 52 -31.95 26.06 -33.92
N GLN D 53 -32.01 27.35 -34.24
CA GLN D 53 -33.28 27.94 -34.60
C GLN D 53 -34.23 28.16 -33.47
N GLN D 54 -33.76 28.00 -32.25
CA GLN D 54 -34.65 28.23 -31.17
C GLN D 54 -34.03 29.16 -30.21
N VAL D 55 -34.89 29.63 -29.31
CA VAL D 55 -34.61 30.43 -28.14
C VAL D 55 -35.00 29.55 -26.92
N PRO D 56 -34.42 29.80 -25.77
CA PRO D 56 -33.55 30.90 -25.48
C PRO D 56 -32.27 30.98 -26.21
N MET D 57 -31.87 32.21 -26.45
CA MET D 57 -30.53 32.51 -26.97
C MET D 57 -30.08 33.71 -26.15
N VAL D 58 -28.86 33.70 -25.74
CA VAL D 58 -28.33 34.79 -24.97
C VAL D 58 -26.99 35.15 -25.54
N GLU D 59 -26.84 36.44 -25.76
CA GLU D 59 -25.58 36.91 -26.29
C GLU D 59 -24.73 37.36 -25.18
N ILE D 60 -23.66 36.65 -25.03
CA ILE D 60 -22.78 36.94 -23.95
C ILE D 60 -21.34 36.60 -24.29
N ASP D 61 -20.45 37.46 -23.84
CA ASP D 61 -19.02 37.27 -24.05
C ASP D 61 -18.65 36.97 -25.45
N GLY D 62 -19.40 37.65 -26.30
CA GLY D 62 -19.23 37.56 -27.73
C GLY D 62 -19.80 36.32 -28.39
N MET D 63 -20.56 35.51 -27.63
CA MET D 63 -21.14 34.33 -28.19
C MET D 63 -22.62 34.49 -28.18
N LYS D 64 -23.26 33.61 -28.93
CA LYS D 64 -24.68 33.52 -28.95
C LYS D 64 -25.04 32.13 -28.44
N LEU D 65 -25.10 32.00 -27.15
CA LEU D 65 -25.43 30.73 -26.60
C LEU D 65 -26.89 30.50 -26.66
N VAL D 66 -27.20 29.20 -26.86
CA VAL D 66 -28.50 28.56 -26.96
C VAL D 66 -28.59 27.30 -26.07
N GLN D 67 -29.81 26.80 -25.77
CA GLN D 67 -30.01 25.67 -24.87
C GLN D 67 -29.88 26.16 -23.48
N THR D 68 -31.02 26.26 -22.85
CA THR D 68 -31.08 26.73 -21.47
C THR D 68 -30.05 26.13 -20.58
N ARG D 69 -29.93 24.81 -20.56
CA ARG D 69 -28.94 24.29 -19.62
C ARG D 69 -27.52 24.68 -19.89
N SER D 70 -27.21 24.79 -21.15
CA SER D 70 -25.86 25.09 -21.57
C SER D 70 -25.52 26.51 -21.21
N ILE D 71 -26.51 27.33 -21.37
CA ILE D 71 -26.40 28.70 -21.00
C ILE D 71 -26.16 28.84 -19.50
N LEU D 72 -26.96 28.15 -18.72
CA LEU D 72 -26.84 28.18 -17.27
C LEU D 72 -25.51 27.70 -16.84
N HIS D 73 -25.03 26.61 -17.40
CA HIS D 73 -23.66 26.18 -17.01
C HIS D 73 -22.62 27.23 -17.33
N TYR D 74 -22.75 27.87 -18.49
CA TYR D 74 -21.73 28.86 -18.81
C TYR D 74 -21.66 29.94 -17.74
N ILE D 75 -22.84 30.48 -17.42
CA ILE D 75 -22.86 31.54 -16.45
C ILE D 75 -22.34 31.10 -15.12
N ALA D 76 -22.75 29.92 -14.71
CA ALA D 76 -22.34 29.42 -13.43
C ALA D 76 -20.85 29.35 -13.37
N ASP D 77 -20.30 28.82 -14.39
CA ASP D 77 -18.89 28.67 -14.47
C ASP D 77 -18.18 30.00 -14.57
N LYS D 78 -18.81 31.01 -15.13
CA LYS D 78 -18.14 32.28 -15.15
C LYS D 78 -18.36 32.94 -13.79
N HIS D 79 -19.20 32.41 -12.93
CA HIS D 79 -19.39 33.19 -11.73
C HIS D 79 -19.35 32.45 -10.44
N ASN D 80 -18.52 31.44 -10.36
CA ASN D 80 -18.47 30.69 -9.13
C ASN D 80 -19.79 30.15 -8.62
N LEU D 81 -20.63 29.69 -9.51
CA LEU D 81 -21.88 29.11 -9.04
C LEU D 81 -21.90 27.65 -9.34
N PHE D 82 -20.73 27.10 -9.65
CA PHE D 82 -20.63 25.67 -10.04
C PHE D 82 -19.74 24.80 -9.19
N GLY D 83 -19.61 25.20 -7.93
CA GLY D 83 -18.79 24.42 -7.06
C GLY D 83 -17.34 24.78 -7.15
N LYS D 84 -16.52 23.95 -6.49
CA LYS D 84 -15.08 24.13 -6.39
C LYS D 84 -14.35 22.88 -6.78
N ASN D 85 -15.13 21.85 -7.11
CA ASN D 85 -14.51 20.64 -7.57
C ASN D 85 -15.51 19.68 -8.21
N LEU D 86 -15.00 18.63 -8.88
CA LEU D 86 -15.84 17.66 -9.55
C LEU D 86 -16.97 17.13 -8.72
N LYS D 87 -16.62 16.84 -7.49
CA LYS D 87 -17.60 16.28 -6.56
C LYS D 87 -18.80 17.14 -6.40
N GLU D 88 -18.50 18.39 -6.14
CA GLU D 88 -19.49 19.43 -5.98
C GLU D 88 -20.25 19.64 -7.24
N ARG D 89 -19.49 19.90 -8.26
CA ARG D 89 -20.01 20.15 -9.57
C ARG D 89 -20.97 19.06 -9.92
N THR D 90 -20.56 17.86 -9.59
CA THR D 90 -21.45 16.73 -9.87
C THR D 90 -22.82 16.80 -9.17
N LEU D 91 -22.80 17.20 -7.88
CA LEU D 91 -24.00 17.32 -7.10
C LEU D 91 -24.89 18.40 -7.60
N ILE D 92 -24.28 19.53 -7.84
CA ILE D 92 -24.98 20.69 -8.30
C ILE D 92 -25.67 20.36 -9.59
N ASP D 93 -24.94 19.64 -10.43
CA ASP D 93 -25.51 19.28 -11.71
C ASP D 93 -26.78 18.44 -11.56
N MET D 94 -26.64 17.39 -10.78
CA MET D 94 -27.79 16.58 -10.57
C MET D 94 -28.95 17.29 -9.98
N TYR D 95 -28.65 18.14 -9.00
CA TYR D 95 -29.72 18.82 -8.33
C TYR D 95 -30.46 19.66 -9.30
N VAL D 96 -29.66 20.32 -10.06
CA VAL D 96 -30.24 21.16 -11.05
C VAL D 96 -31.09 20.43 -12.04
N GLU D 97 -30.58 19.33 -12.59
CA GLU D 97 -31.41 18.61 -13.56
C GLU D 97 -32.70 18.12 -12.96
N GLY D 98 -32.60 17.59 -11.76
CA GLY D 98 -33.80 17.10 -11.10
C GLY D 98 -34.77 18.23 -10.94
N THR D 99 -34.25 19.34 -10.46
CA THR D 99 -35.10 20.51 -10.27
C THR D 99 -35.78 20.99 -11.54
N LEU D 100 -35.01 21.07 -12.63
CA LEU D 100 -35.58 21.46 -13.94
C LEU D 100 -36.71 20.52 -14.36
N ASP D 101 -36.63 19.30 -13.91
CA ASP D 101 -37.72 18.42 -14.24
C ASP D 101 -39.01 18.77 -13.52
N LEU D 102 -38.88 19.36 -12.39
CA LEU D 102 -40.00 19.79 -11.63
C LEU D 102 -40.52 21.08 -12.19
N LEU D 103 -39.61 21.98 -12.40
CA LEU D 103 -39.94 23.25 -12.98
C LEU D 103 -40.68 23.14 -14.29
N GLU D 104 -40.40 22.12 -15.01
CA GLU D 104 -41.06 21.91 -16.28
C GLU D 104 -42.55 21.90 -16.18
N LEU D 105 -43.03 21.33 -15.14
CA LEU D 105 -44.45 21.33 -14.91
C LEU D 105 -45.02 22.75 -14.90
N LEU D 106 -44.26 23.61 -14.29
CA LEU D 106 -44.69 24.99 -14.23
C LEU D 106 -44.65 25.62 -15.62
N ILE D 107 -43.54 25.34 -16.34
CA ILE D 107 -43.36 25.82 -17.73
C ILE D 107 -44.45 25.42 -18.71
N MET D 108 -44.86 24.15 -18.61
CA MET D 108 -45.92 23.66 -19.45
C MET D 108 -47.30 24.11 -19.08
N HIS D 109 -47.50 24.36 -17.81
CA HIS D 109 -48.78 24.67 -17.26
C HIS D 109 -49.73 25.52 -18.05
N PRO D 110 -49.33 26.70 -18.38
CA PRO D 110 -50.17 27.62 -19.15
C PRO D 110 -50.62 27.12 -20.48
N PHE D 111 -49.95 26.16 -21.03
CA PHE D 111 -50.39 25.69 -22.33
C PHE D 111 -51.29 24.46 -22.30
N LEU D 112 -51.70 24.09 -21.11
CA LEU D 112 -52.57 22.97 -20.86
C LEU D 112 -53.96 23.44 -21.11
N LYS D 113 -54.84 22.45 -21.25
CA LYS D 113 -56.24 22.69 -21.40
C LYS D 113 -56.74 22.85 -19.99
N PRO D 114 -57.21 24.02 -19.78
CA PRO D 114 -57.81 24.54 -18.55
C PRO D 114 -58.36 23.49 -17.58
N ASP D 115 -58.98 22.50 -18.19
CA ASP D 115 -59.50 21.40 -17.43
C ASP D 115 -58.33 20.65 -16.76
N ASP D 116 -57.32 20.35 -17.59
CA ASP D 116 -56.15 19.66 -17.13
C ASP D 116 -55.25 20.49 -16.26
N GLN D 117 -55.48 21.77 -16.32
CA GLN D 117 -54.64 22.61 -15.55
C GLN D 117 -54.69 22.33 -14.09
N GLN D 118 -55.89 22.06 -13.67
CA GLN D 118 -56.08 21.79 -12.28
C GLN D 118 -55.55 20.49 -11.78
N LYS D 119 -55.75 19.45 -12.57
CA LYS D 119 -55.22 18.16 -12.20
C LYS D 119 -53.70 18.28 -12.00
N GLU D 120 -53.13 19.07 -12.85
CA GLU D 120 -51.74 19.35 -12.90
C GLU D 120 -51.11 20.00 -11.71
N VAL D 121 -51.88 20.93 -11.17
CA VAL D 121 -51.39 21.57 -10.01
C VAL D 121 -51.27 20.55 -8.89
N VAL D 122 -52.27 19.73 -8.80
CA VAL D 122 -52.24 18.68 -7.82
C VAL D 122 -51.01 17.83 -8.03
N ASN D 123 -50.77 17.52 -9.29
CA ASN D 123 -49.57 16.75 -9.54
C ASN D 123 -48.26 17.41 -9.14
N MET D 124 -48.09 18.69 -9.44
CA MET D 124 -46.86 19.37 -9.02
C MET D 124 -46.73 19.25 -7.57
N ALA D 125 -47.89 19.43 -6.90
CA ALA D 125 -47.83 19.37 -5.44
C ALA D 125 -47.27 18.05 -5.02
N GLN D 126 -47.86 17.00 -5.56
CA GLN D 126 -47.36 15.70 -5.15
C GLN D 126 -45.92 15.41 -5.47
N LYS D 127 -45.48 15.81 -6.67
CA LYS D 127 -44.13 15.54 -7.01
C LYS D 127 -43.19 16.26 -6.10
N ALA D 128 -43.53 17.53 -5.88
CA ALA D 128 -42.68 18.36 -5.08
C ALA D 128 -42.50 17.73 -3.73
N ILE D 129 -43.64 17.42 -3.15
CA ILE D 129 -43.73 16.91 -1.80
C ILE D 129 -43.05 15.60 -1.63
N ILE D 130 -43.29 14.78 -2.56
CA ILE D 130 -42.75 13.45 -2.47
C ILE D 130 -41.41 13.18 -3.10
N ARG D 131 -41.18 13.75 -4.25
CA ARG D 131 -39.99 13.43 -4.96
C ARG D 131 -38.85 14.36 -4.81
N TYR D 132 -39.11 15.67 -4.68
CA TYR D 132 -38.05 16.67 -4.58
C TYR D 132 -37.73 17.30 -3.23
N PHE D 133 -38.72 17.97 -2.68
CA PHE D 133 -38.52 18.67 -1.41
C PHE D 133 -37.80 17.84 -0.34
N PRO D 134 -38.12 16.59 -0.32
CA PRO D 134 -37.53 15.76 0.70
C PRO D 134 -36.03 15.54 0.64
N VAL D 135 -35.52 15.62 -0.56
CA VAL D 135 -34.14 15.40 -0.84
C VAL D 135 -33.37 16.58 -0.34
N PHE D 136 -33.92 17.70 -0.68
CA PHE D 136 -33.25 18.91 -0.33
C PHE D 136 -33.35 19.15 1.14
N GLU D 137 -34.56 18.95 1.68
CA GLU D 137 -34.74 19.12 3.09
C GLU D 137 -33.71 18.29 3.88
N LYS D 138 -33.55 17.07 3.47
CA LYS D 138 -32.59 16.25 4.14
C LYS D 138 -31.16 16.67 3.93
N ILE D 139 -30.85 17.20 2.79
CA ILE D 139 -29.49 17.59 2.55
C ILE D 139 -29.08 18.64 3.52
N LEU D 140 -29.95 19.63 3.56
CA LEU D 140 -29.81 20.80 4.39
C LEU D 140 -29.80 20.47 5.84
N ARG D 141 -30.71 19.57 6.18
CA ARG D 141 -30.86 19.17 7.55
C ARG D 141 -29.61 18.43 7.87
N GLY D 142 -29.07 17.80 6.90
CA GLY D 142 -27.90 17.08 7.23
C GLY D 142 -26.62 17.84 7.43
N HIS D 143 -26.45 19.05 6.93
CA HIS D 143 -25.15 19.72 7.10
C HIS D 143 -25.26 21.04 7.82
N GLY D 144 -26.51 21.49 7.95
CA GLY D 144 -26.83 22.70 8.61
C GLY D 144 -26.44 23.97 7.87
N GLN D 145 -25.82 23.86 6.67
CA GLN D 145 -25.44 25.08 5.95
C GLN D 145 -26.55 25.78 5.23
N SER D 146 -26.26 26.97 4.78
CA SER D 146 -27.33 27.69 4.11
C SER D 146 -27.41 27.45 2.62
N PHE D 147 -26.52 26.64 2.10
CA PHE D 147 -26.44 26.29 0.73
C PHE D 147 -26.47 24.83 0.59
N LEU D 148 -26.99 24.36 -0.54
CA LEU D 148 -27.11 22.94 -0.81
C LEU D 148 -25.77 22.24 -0.90
N VAL D 149 -24.88 22.97 -1.54
CA VAL D 149 -23.56 22.46 -1.79
C VAL D 149 -22.47 23.50 -1.58
N GLY D 150 -21.41 22.99 -0.97
CA GLY D 150 -20.18 23.69 -0.67
C GLY D 150 -20.24 24.97 0.18
N ASN D 151 -21.30 25.12 0.89
CA ASN D 151 -21.41 26.28 1.72
C ASN D 151 -21.24 27.58 1.03
N GLN D 152 -21.62 27.54 -0.20
CA GLN D 152 -21.66 28.69 -1.03
C GLN D 152 -22.79 28.57 -2.04
N LEU D 153 -23.20 29.70 -2.51
CA LEU D 153 -24.27 29.71 -3.47
C LEU D 153 -23.81 29.01 -4.74
N SER D 154 -24.73 28.25 -5.28
CA SER D 154 -24.52 27.49 -6.45
C SER D 154 -25.71 27.65 -7.33
N LEU D 155 -25.50 27.17 -8.50
CA LEU D 155 -26.56 27.19 -9.46
C LEU D 155 -27.75 26.38 -8.93
N ALA D 156 -27.47 25.32 -8.16
CA ALA D 156 -28.53 24.51 -7.62
C ALA D 156 -29.47 25.32 -6.70
N ASP D 157 -28.89 26.18 -5.88
CA ASP D 157 -29.72 26.96 -5.00
C ASP D 157 -30.61 27.94 -5.78
N VAL D 158 -30.09 28.55 -6.80
CA VAL D 158 -30.95 29.50 -7.52
C VAL D 158 -32.15 28.83 -8.18
N ILE D 159 -31.89 27.72 -8.86
CA ILE D 159 -32.96 27.02 -9.58
C ILE D 159 -34.01 26.52 -8.63
N LEU D 160 -33.52 26.08 -7.49
CA LEU D 160 -34.39 25.55 -6.47
C LEU D 160 -35.21 26.65 -5.91
N LEU D 161 -34.53 27.72 -5.56
CA LEU D 161 -35.27 28.87 -5.11
C LEU D 161 -36.30 29.32 -6.13
N GLN D 162 -35.89 29.39 -7.36
CA GLN D 162 -36.82 29.84 -8.37
C GLN D 162 -38.08 29.02 -8.47
N THR D 163 -37.85 27.72 -8.37
CA THR D 163 -38.88 26.72 -8.49
C THR D 163 -39.83 26.70 -7.32
N ILE D 164 -39.26 26.68 -6.17
CA ILE D 164 -40.07 26.70 -4.97
C ILE D 164 -40.99 27.92 -4.97
N LEU D 165 -40.39 29.08 -5.24
CA LEU D 165 -41.24 30.26 -5.27
C LEU D 165 -42.36 30.20 -6.27
N ALA D 166 -42.05 29.63 -7.40
CA ALA D 166 -43.04 29.50 -8.44
C ALA D 166 -44.16 28.57 -8.02
N LEU D 167 -43.78 27.54 -7.30
CA LEU D 167 -44.76 26.61 -6.86
C LEU D 167 -45.63 27.28 -5.84
N GLU D 168 -44.95 28.00 -4.94
CA GLU D 168 -45.72 28.68 -3.93
C GLU D 168 -46.74 29.64 -4.50
N GLU D 169 -46.48 30.10 -5.68
CA GLU D 169 -47.46 30.94 -6.25
C GLU D 169 -48.72 30.16 -6.47
N LYS D 170 -48.62 28.87 -6.75
CA LYS D 170 -49.84 28.10 -6.97
C LYS D 170 -50.28 27.36 -5.72
N ILE D 171 -49.31 26.97 -4.87
CA ILE D 171 -49.58 26.19 -3.66
C ILE D 171 -48.71 26.71 -2.57
N PRO D 172 -49.30 27.69 -2.02
CA PRO D 172 -48.79 28.58 -1.05
C PRO D 172 -48.22 27.99 0.18
N ASN D 173 -48.70 26.82 0.53
CA ASN D 173 -48.26 26.11 1.71
C ASN D 173 -47.48 24.89 1.32
N ILE D 174 -46.96 24.89 0.14
CA ILE D 174 -46.28 23.73 -0.28
C ILE D 174 -45.09 23.38 0.58
N LEU D 175 -44.50 24.40 1.21
CA LEU D 175 -43.31 24.18 2.06
C LEU D 175 -43.57 23.89 3.53
N SER D 176 -44.86 23.91 3.86
CA SER D 176 -45.38 23.68 5.19
C SER D 176 -44.59 22.60 5.87
N ALA D 177 -44.51 21.44 5.30
CA ALA D 177 -43.77 20.38 5.95
C ALA D 177 -42.26 20.40 5.81
N PHE D 178 -41.67 21.48 5.23
CA PHE D 178 -40.24 21.59 4.99
C PHE D 178 -39.66 22.83 5.56
N PRO D 179 -39.53 22.74 6.82
CA PRO D 179 -39.03 23.76 7.71
C PRO D 179 -37.63 24.16 7.34
N PHE D 180 -36.79 23.20 7.00
CA PHE D 180 -35.46 23.58 6.54
C PHE D 180 -35.55 24.35 5.25
N LEU D 181 -36.37 23.82 4.32
CA LEU D 181 -36.53 24.48 3.07
C LEU D 181 -37.12 25.86 3.30
N GLN D 182 -37.98 25.97 4.30
CA GLN D 182 -38.53 27.32 4.49
C GLN D 182 -37.48 28.28 4.92
N GLU D 183 -36.66 27.89 5.83
CA GLU D 183 -35.66 28.79 6.26
C GLU D 183 -34.70 29.12 5.19
N TYR D 184 -34.23 28.09 4.52
CA TYR D 184 -33.29 28.25 3.44
C TYR D 184 -33.77 29.30 2.42
N THR D 185 -35.04 29.17 2.11
CA THR D 185 -35.68 30.05 1.14
C THR D 185 -35.65 31.46 1.61
N VAL D 186 -35.95 31.58 2.84
CA VAL D 186 -35.96 32.89 3.41
C VAL D 186 -34.61 33.55 3.35
N LYS D 187 -33.64 32.87 3.84
CA LYS D 187 -32.32 33.43 3.75
C LYS D 187 -31.86 33.75 2.36
N LEU D 188 -32.06 32.81 1.46
CA LEU D 188 -31.59 32.99 0.12
C LEU D 188 -32.25 34.22 -0.38
N SER D 189 -33.51 34.35 -0.04
CA SER D 189 -34.18 35.49 -0.62
C SER D 189 -33.69 36.78 -0.09
N ASN D 190 -32.87 36.67 0.94
CA ASN D 190 -32.32 37.89 1.55
C ASN D 190 -31.00 38.27 0.99
N ILE D 191 -30.43 37.43 0.14
CA ILE D 191 -29.22 37.76 -0.56
C ILE D 191 -29.63 38.93 -1.45
N PRO D 192 -28.82 39.88 -1.34
CA PRO D 192 -29.03 41.19 -1.88
C PRO D 192 -29.38 41.27 -3.30
N THR D 193 -28.64 40.56 -4.16
CA THR D 193 -28.95 40.52 -5.58
C THR D 193 -30.32 39.94 -5.72
N ILE D 194 -30.54 38.89 -4.94
CA ILE D 194 -31.80 38.18 -4.97
C ILE D 194 -32.89 39.03 -4.40
N LYS D 195 -32.55 39.64 -3.28
CA LYS D 195 -33.51 40.51 -2.64
C LYS D 195 -33.99 41.55 -3.63
N ARG D 196 -33.05 42.11 -4.43
CA ARG D 196 -33.42 43.10 -5.43
C ARG D 196 -34.28 42.52 -6.53
N PHE D 197 -33.88 41.34 -6.97
CA PHE D 197 -34.57 40.67 -8.07
C PHE D 197 -35.99 40.49 -7.68
N LEU D 198 -36.17 40.16 -6.43
CA LEU D 198 -37.49 39.97 -5.95
C LEU D 198 -38.26 41.25 -5.80
N GLU D 199 -37.53 42.34 -5.61
CA GLU D 199 -38.16 43.64 -5.52
C GLU D 199 -38.58 44.17 -6.87
N PRO D 200 -39.38 45.19 -6.81
CA PRO D 200 -39.91 45.84 -7.97
C PRO D 200 -38.90 46.48 -8.88
N GLY D 201 -39.27 46.41 -10.15
CA GLY D 201 -38.42 46.97 -11.17
C GLY D 201 -37.25 46.08 -11.62
N SER D 202 -37.28 44.74 -11.30
CA SER D 202 -36.25 43.78 -11.68
C SER D 202 -36.62 43.27 -13.05
N LYS D 203 -35.75 42.46 -13.67
CA LYS D 203 -36.19 41.93 -14.95
C LYS D 203 -36.95 40.59 -14.75
N LYS D 204 -37.16 40.24 -13.48
CA LYS D 204 -37.92 39.13 -13.06
C LYS D 204 -39.28 39.27 -13.70
N LYS D 205 -39.80 38.22 -14.27
CA LYS D 205 -41.09 38.25 -14.95
C LYS D 205 -42.20 37.62 -14.13
N PRO D 206 -43.34 38.09 -14.42
CA PRO D 206 -44.60 37.68 -13.85
C PRO D 206 -45.08 36.41 -14.43
N PRO D 207 -45.99 35.87 -13.72
CA PRO D 207 -46.57 34.63 -14.11
C PRO D 207 -47.29 35.01 -15.32
N PRO D 208 -47.21 34.15 -16.27
CA PRO D 208 -47.83 34.25 -17.57
C PRO D 208 -49.33 34.35 -17.55
N ASP D 209 -49.82 35.24 -18.41
CA ASP D 209 -51.20 35.60 -18.66
C ASP D 209 -51.68 35.11 -20.02
N GLU D 210 -52.96 35.32 -20.20
CA GLU D 210 -53.61 34.96 -21.42
C GLU D 210 -52.89 35.62 -22.60
N ILE D 211 -52.31 36.76 -22.36
CA ILE D 211 -51.62 37.40 -23.45
C ILE D 211 -50.36 36.67 -23.86
N TYR D 212 -49.46 36.52 -22.88
CA TYR D 212 -48.21 35.85 -23.10
C TYR D 212 -48.53 34.55 -23.83
N VAL D 213 -49.56 33.91 -23.29
CA VAL D 213 -49.91 32.67 -23.91
C VAL D 213 -50.26 32.78 -25.35
N ARG D 214 -51.09 33.72 -25.61
CA ARG D 214 -51.49 34.03 -26.96
C ARG D 214 -50.28 34.33 -27.80
N THR D 215 -49.50 35.24 -27.33
CA THR D 215 -48.33 35.63 -28.05
C THR D 215 -47.40 34.50 -28.37
N VAL D 216 -47.17 33.63 -27.38
CA VAL D 216 -46.22 32.59 -27.66
C VAL D 216 -46.72 31.76 -28.76
N TYR D 217 -47.98 31.46 -28.67
CA TYR D 217 -48.58 30.72 -29.74
C TYR D 217 -48.42 31.44 -31.04
N ASN D 218 -48.54 32.73 -31.00
CA ASN D 218 -48.38 33.40 -32.26
C ASN D 218 -46.99 33.34 -32.82
N ILE D 219 -45.98 33.25 -31.98
CA ILE D 219 -44.67 33.26 -32.53
C ILE D 219 -44.18 31.89 -32.90
N PHE D 220 -44.80 30.84 -32.37
CA PHE D 220 -44.31 29.46 -32.62
C PHE D 220 -45.34 28.36 -33.03
N ARG E 4 26.32 17.97 33.55
CA ARG E 4 26.00 18.95 32.48
C ARG E 4 24.82 18.46 31.60
N PRO E 5 23.69 19.20 31.60
CA PRO E 5 22.52 18.77 30.87
C PRO E 5 22.75 18.55 29.45
N LYS E 6 21.99 17.58 29.00
CA LYS E 6 22.05 17.20 27.62
C LYS E 6 20.68 17.28 27.00
N LEU E 7 20.67 18.05 25.96
CA LEU E 7 19.49 18.35 25.22
C LEU E 7 19.35 17.57 23.96
N HIS E 8 18.22 16.86 23.87
CA HIS E 8 17.93 16.12 22.68
C HIS E 8 16.94 16.82 21.83
N TYR E 9 17.32 17.13 20.63
CA TYR E 9 16.41 17.80 19.77
C TYR E 9 17.14 18.02 18.50
N PRO E 10 16.38 18.32 17.52
CA PRO E 10 16.89 18.71 16.25
C PRO E 10 17.68 19.96 16.47
N ASN E 11 18.51 20.29 15.50
CA ASN E 11 19.29 21.50 15.70
C ASN E 11 18.54 22.72 15.21
N GLY E 12 17.70 23.28 16.09
CA GLY E 12 16.88 24.43 15.76
C GLY E 12 16.11 24.77 16.98
N ARG E 13 15.33 25.82 16.85
CA ARG E 13 14.59 26.32 17.98
C ARG E 13 13.51 25.40 18.53
N GLY E 14 12.48 25.30 17.71
CA GLY E 14 11.28 24.54 18.00
C GLY E 14 10.82 24.85 19.37
N ARG E 15 10.48 23.77 20.08
CA ARG E 15 10.06 23.91 21.44
C ARG E 15 11.17 23.95 22.46
N MET E 16 12.37 23.52 22.05
CA MET E 16 13.52 23.45 22.95
C MET E 16 14.15 24.78 23.36
N GLU E 17 13.90 25.75 22.51
CA GLU E 17 14.50 27.03 22.74
C GLU E 17 14.25 27.65 24.08
N SER E 18 13.07 27.44 24.58
CA SER E 18 12.75 27.99 25.87
C SER E 18 13.65 27.43 26.91
N VAL E 19 13.91 26.18 26.75
CA VAL E 19 14.82 25.49 27.65
C VAL E 19 16.21 26.03 27.54
N ARG E 20 16.65 26.28 26.30
CA ARG E 20 17.96 26.90 26.19
C ARG E 20 17.93 28.24 26.90
N TRP E 21 16.94 29.05 26.62
CA TRP E 21 16.89 30.33 27.30
C TRP E 21 17.01 30.25 28.77
N VAL E 22 16.28 29.34 29.37
CA VAL E 22 16.27 29.27 30.79
C VAL E 22 17.56 28.82 31.35
N LEU E 23 18.07 27.76 30.77
CA LEU E 23 19.35 27.25 31.21
C LEU E 23 20.38 28.35 31.16
N ALA E 24 20.49 28.99 29.98
CA ALA E 24 21.43 30.09 29.76
C ALA E 24 21.26 31.18 30.76
N ALA E 25 20.04 31.59 30.95
CA ALA E 25 19.80 32.64 31.89
C ALA E 25 20.24 32.29 33.27
N ALA E 26 20.00 31.05 33.65
CA ALA E 26 20.35 30.56 34.98
C ALA E 26 21.84 30.36 35.10
N GLY E 27 22.53 30.64 34.03
CA GLY E 27 23.94 30.50 33.98
C GLY E 27 24.44 29.07 33.85
N VAL E 28 23.57 28.15 33.45
CA VAL E 28 23.95 26.74 33.31
C VAL E 28 24.42 26.36 31.93
N GLU E 29 25.58 25.68 31.87
CA GLU E 29 26.17 25.22 30.60
C GLU E 29 25.59 23.87 30.29
N PHE E 30 25.43 23.56 29.00
CA PHE E 30 24.83 22.29 28.73
C PHE E 30 25.23 21.80 27.40
N ASP E 31 24.89 20.55 27.16
CA ASP E 31 25.25 20.00 25.89
C ASP E 31 24.03 19.75 25.08
N GLU E 32 24.25 19.48 23.81
CA GLU E 32 23.20 19.19 22.91
C GLU E 32 23.50 17.97 22.04
N GLU E 33 22.50 17.13 21.79
CA GLU E 33 22.65 16.00 20.94
C GLU E 33 21.62 16.07 19.86
N PHE E 34 22.04 16.51 18.70
CA PHE E 34 21.08 16.75 17.66
C PHE E 34 20.44 15.66 16.91
N LEU E 35 19.15 15.80 16.71
CA LEU E 35 18.52 14.83 15.83
C LEU E 35 18.56 15.38 14.42
N GLU E 36 18.94 14.48 13.51
CA GLU E 36 18.99 14.73 12.07
C GLU E 36 18.12 13.87 11.19
N THR E 37 17.73 12.67 11.68
CA THR E 37 16.94 11.67 10.95
C THR E 37 15.91 10.90 11.78
N LYS E 38 14.97 10.28 11.04
CA LYS E 38 13.95 9.44 11.69
C LYS E 38 14.64 8.41 12.58
N GLU E 39 15.62 7.83 11.97
CA GLU E 39 16.38 6.80 12.57
C GLU E 39 17.01 7.14 13.89
N GLN E 40 17.64 8.29 13.98
CA GLN E 40 18.18 8.65 15.28
C GLN E 40 17.09 8.81 16.31
N LEU E 41 15.93 9.27 15.84
CA LEU E 41 14.83 9.40 16.71
C LEU E 41 14.44 8.02 17.16
N TYR E 42 14.33 7.09 16.20
CA TYR E 42 14.03 5.72 16.61
C TYR E 42 14.94 5.13 17.62
N LYS E 43 16.19 5.39 17.46
CA LYS E 43 17.05 4.82 18.46
C LYS E 43 16.80 5.38 19.83
N LEU E 44 16.45 6.60 19.83
CA LEU E 44 16.24 7.24 21.10
C LEU E 44 15.03 6.65 21.75
N GLN E 45 14.06 6.43 20.88
CA GLN E 45 12.81 5.91 21.28
C GLN E 45 12.97 4.52 21.72
N ASP E 46 13.64 3.80 20.83
CA ASP E 46 13.93 2.40 21.06
C ASP E 46 14.62 2.13 22.38
N GLY E 47 15.58 2.93 22.76
CA GLY E 47 16.20 2.64 24.02
C GLY E 47 15.39 3.10 25.20
N ASN E 48 14.17 3.54 24.96
CA ASN E 48 13.35 3.97 26.07
C ASN E 48 13.87 5.23 26.73
N HIS E 49 14.34 6.15 25.94
CA HIS E 49 14.84 7.33 26.61
C HIS E 49 13.83 8.43 26.70
N LEU E 50 12.84 8.37 25.83
CA LEU E 50 11.77 9.29 25.72
C LEU E 50 10.56 8.72 26.39
N LEU E 51 10.21 9.24 27.56
CA LEU E 51 9.08 8.75 28.32
C LEU E 51 7.85 8.58 27.51
N PHE E 52 7.61 9.54 26.63
CA PHE E 52 6.40 9.50 25.81
C PHE E 52 6.74 9.47 24.35
N GLN E 53 7.96 9.09 24.04
CA GLN E 53 8.36 8.99 22.66
C GLN E 53 8.56 10.29 21.95
N GLN E 54 8.58 11.37 22.69
CA GLN E 54 8.81 12.61 22.03
C GLN E 54 9.90 13.34 22.70
N VAL E 55 10.33 14.38 21.98
CA VAL E 55 11.27 15.40 22.40
C VAL E 55 10.47 16.74 22.42
N PRO E 56 10.90 17.71 23.17
CA PRO E 56 12.12 17.73 23.93
C PRO E 56 12.29 16.72 24.99
N MET E 57 13.53 16.31 25.15
CA MET E 57 13.93 15.49 26.30
C MET E 57 15.26 16.11 26.74
N VAL E 58 15.44 16.24 28.00
CA VAL E 58 16.65 16.80 28.53
C VAL E 58 17.12 15.91 29.65
N GLU E 59 18.39 15.58 29.57
CA GLU E 59 18.96 14.75 30.60
C GLU E 59 19.62 15.61 31.59
N ILE E 60 19.07 15.57 32.77
CA ILE E 60 19.56 16.39 33.80
C ILE E 60 19.37 15.76 35.17
N ASP E 61 20.37 15.94 36.00
CA ASP E 61 20.35 15.43 37.38
C ASP E 61 19.97 14.00 37.47
N GLY E 62 20.46 13.30 36.46
CA GLY E 62 20.25 11.88 36.34
C GLY E 62 18.90 11.46 35.82
N MET E 63 18.07 12.41 35.37
CA MET E 63 16.79 12.08 34.86
C MET E 63 16.76 12.40 33.40
N LYS E 64 15.73 11.88 32.74
CA LYS E 64 15.47 12.19 31.39
C LYS E 64 14.11 12.86 31.34
N LEU E 65 14.09 14.13 31.58
CA LEU E 65 12.85 14.81 31.56
C LEU E 65 12.43 15.11 30.16
N VAL E 66 11.10 15.07 30.01
CA VAL E 66 10.28 15.30 28.82
C VAL E 66 9.12 16.27 29.11
N GLN E 67 8.52 16.87 28.06
CA GLN E 67 7.45 17.87 28.22
C GLN E 67 8.08 19.16 28.57
N THR E 68 8.09 20.01 27.59
CA THR E 68 8.68 21.33 27.75
C THR E 68 8.30 22.01 29.03
N ARG E 69 7.01 22.09 29.34
CA ARG E 69 6.72 22.81 30.57
C ARG E 69 7.26 22.20 31.83
N SER E 70 7.28 20.90 31.85
CA SER E 70 7.71 20.17 33.02
C SER E 70 9.18 20.36 33.23
N ILE E 71 9.85 20.37 32.12
CA ILE E 71 11.25 20.61 32.10
C ILE E 71 11.56 22.01 32.64
N LEU E 72 10.86 22.99 32.14
CA LEU E 72 11.04 24.38 32.56
C LEU E 72 10.77 24.52 34.00
N HIS E 73 9.71 23.94 34.50
CA HIS E 73 9.48 24.05 35.96
C HIS E 73 10.62 23.43 36.75
N TYR E 74 11.13 22.29 36.29
CA TYR E 74 12.20 21.69 37.06
C TYR E 74 13.38 22.65 37.20
N ILE E 75 13.81 23.18 36.06
CA ILE E 75 14.94 24.05 36.10
C ILE E 75 14.68 25.26 36.95
N ALA E 76 13.52 25.83 36.80
CA ALA E 76 13.19 27.01 37.54
C ALA E 76 13.31 26.74 39.01
N ASP E 77 12.76 25.66 39.40
CA ASP E 77 12.79 25.28 40.78
C ASP E 77 14.18 24.93 41.24
N LYS E 78 15.03 24.46 40.37
CA LYS E 78 16.38 24.22 40.83
C LYS E 78 17.12 25.54 40.82
N HIS E 79 16.58 26.60 40.26
CA HIS E 79 17.43 27.76 40.22
C HIS E 79 16.84 29.05 40.64
N ASN E 80 15.95 29.01 41.61
CA ASN E 80 15.34 30.24 42.02
C ASN E 80 14.68 31.07 40.94
N LEU E 81 14.04 30.41 40.00
CA LEU E 81 13.37 31.20 38.98
C LEU E 81 11.88 31.00 39.10
N PHE E 82 11.46 30.48 40.24
CA PHE E 82 10.02 30.17 40.46
C PHE E 82 9.35 30.85 41.63
N GLY E 83 9.89 32.02 41.96
CA GLY E 83 9.30 32.74 43.04
C GLY E 83 9.82 32.30 44.38
N LYS E 84 9.17 32.81 45.43
CA LYS E 84 9.54 32.57 46.82
C LYS E 84 8.34 32.11 47.61
N ASN E 85 7.21 32.03 46.94
CA ASN E 85 6.05 31.53 47.61
C ASN E 85 4.91 31.19 46.64
N LEU E 86 3.88 30.49 47.15
CA LEU E 86 2.75 30.09 46.34
C LEU E 86 2.17 31.19 45.49
N LYS E 87 2.04 32.33 46.13
CA LYS E 87 1.44 33.48 45.46
C LYS E 87 2.17 33.85 44.22
N GLU E 88 3.46 33.96 44.39
CA GLU E 88 4.38 34.27 43.32
C GLU E 88 4.37 33.20 42.28
N ARG E 89 4.63 32.02 42.77
CA ARG E 89 4.69 30.85 41.95
C ARG E 89 3.46 30.79 41.08
N THR E 90 2.36 31.11 41.72
CA THR E 90 1.10 31.11 40.97
C THR E 90 1.08 32.09 39.78
N LEU E 91 1.59 33.31 40.03
CA LEU E 91 1.64 34.34 39.02
C LEU E 91 2.55 33.97 37.89
N ILE E 92 3.71 33.53 38.27
CA ILE E 92 4.73 33.16 37.33
C ILE E 92 4.20 32.09 36.44
N ASP E 93 3.50 31.15 37.06
CA ASP E 93 2.94 30.06 36.29
C ASP E 93 1.97 30.54 35.22
N MET E 94 1.03 31.34 35.66
CA MET E 94 0.11 31.86 34.72
C MET E 94 0.73 32.65 33.63
N TYR E 95 1.68 33.47 34.00
CA TYR E 95 2.28 34.33 33.01
C TYR E 95 2.94 33.49 31.98
N VAL E 96 3.61 32.53 32.48
CA VAL E 96 4.28 31.64 31.60
C VAL E 96 3.35 30.92 30.67
N GLU E 97 2.29 30.34 31.20
CA GLU E 97 1.37 29.63 30.29
C GLU E 97 0.79 30.53 29.24
N GLY E 98 0.39 31.71 29.68
CA GLY E 98 -0.18 32.66 28.72
C GLY E 98 0.84 32.96 27.66
N THR E 99 2.03 33.23 28.11
CA THR E 99 3.10 33.54 27.15
C THR E 99 3.38 32.42 26.16
N LEU E 100 3.46 31.18 26.66
CA LEU E 100 3.64 30.02 25.77
C LEU E 100 2.53 29.92 24.72
N ASP E 101 1.38 30.43 25.07
CA ASP E 101 0.33 30.41 24.08
C ASP E 101 0.60 31.36 22.92
N LEU E 102 1.30 32.40 23.22
CA LEU E 102 1.66 33.37 22.23
C LEU E 102 2.81 32.86 21.43
N LEU E 103 3.80 32.38 22.13
CA LEU E 103 4.96 31.81 21.51
C LEU E 103 4.63 30.72 20.53
N GLU E 104 3.58 30.02 20.79
CA GLU E 104 3.17 28.94 19.91
C GLU E 104 2.99 29.37 18.49
N LEU E 105 2.47 30.53 18.34
CA LEU E 105 2.32 31.08 17.02
C LEU E 105 3.65 31.12 16.27
N LEU E 106 4.65 31.49 17.00
CA LEU E 106 5.97 31.55 16.41
C LEU E 106 6.46 30.15 16.06
N ILE E 107 6.25 29.21 17.02
CA ILE E 107 6.62 27.79 16.82
C ILE E 107 6.00 27.10 15.62
N MET E 108 4.71 27.38 15.43
CA MET E 108 3.99 26.83 14.29
C MET E 108 4.31 27.48 12.97
N HIS E 109 4.65 28.73 13.01
CA HIS E 109 4.85 29.53 11.85
C HIS E 109 5.50 28.93 10.64
N PRO E 110 6.69 28.44 10.79
CA PRO E 110 7.41 27.83 9.68
C PRO E 110 6.74 26.66 9.03
N PHE E 111 5.81 26.05 9.70
CA PHE E 111 5.17 24.91 9.06
C PHE E 111 3.86 25.22 8.37
N LEU E 112 3.56 26.49 8.29
CA LEU E 112 2.36 27.01 7.65
C LEU E 112 2.63 27.04 6.19
N LYS E 113 1.53 27.17 5.46
CA LYS E 113 1.58 27.33 4.03
C LYS E 113 1.80 28.79 3.83
N PRO E 114 2.92 29.03 3.27
CA PRO E 114 3.49 30.32 2.87
C PRO E 114 2.47 31.46 2.68
N ASP E 115 1.35 31.08 2.10
CA ASP E 115 0.27 32.00 1.91
C ASP E 115 -0.26 32.43 3.30
N ASP E 116 -0.51 31.42 4.14
CA ASP E 116 -1.00 31.65 5.47
C ASP E 116 0.01 32.24 6.40
N GLN E 117 1.24 32.16 5.99
CA GLN E 117 2.25 32.66 6.85
C GLN E 117 2.11 34.10 7.15
N GLN E 118 1.74 34.81 6.12
CA GLN E 118 1.58 36.22 6.26
C GLN E 118 0.40 36.66 7.08
N LYS E 119 -0.72 36.01 6.85
CA LYS E 119 -1.89 36.34 7.62
C LYS E 119 -1.57 36.18 9.12
N GLU E 120 -0.81 35.17 9.38
CA GLU E 120 -0.35 34.79 10.68
C GLU E 120 0.49 35.76 11.44
N VAL E 121 1.36 36.40 10.69
CA VAL E 121 2.16 37.38 11.31
C VAL E 121 1.27 38.50 11.82
N VAL E 122 0.34 38.87 10.99
CA VAL E 122 -0.60 39.89 11.38
C VAL E 122 -1.31 39.47 12.64
N ASN E 123 -1.70 38.20 12.64
CA ASN E 123 -2.34 37.74 13.86
C ASN E 123 -1.48 37.80 15.12
N MET E 124 -0.22 37.38 15.05
CA MET E 124 0.64 37.46 16.22
C MET E 124 0.67 38.87 16.67
N ALA E 125 0.77 39.76 15.68
CA ALA E 125 0.87 41.17 16.05
C ALA E 125 -0.33 41.54 16.87
N GLN E 126 -1.50 41.21 16.33
CA GLN E 126 -2.68 41.58 17.08
C GLN E 126 -2.81 40.96 18.45
N LYS E 127 -2.47 39.67 18.56
CA LYS E 127 -2.62 39.07 19.84
C LYS E 127 -1.70 39.68 20.83
N ALA E 128 -0.46 39.89 20.38
CA ALA E 128 0.53 40.43 21.24
C ALA E 128 0.06 41.74 21.80
N ILE E 129 -0.33 42.57 20.87
CA ILE E 129 -0.71 43.95 21.14
C ILE E 129 -1.90 44.05 22.02
N ILE E 130 -2.84 43.24 21.70
CA ILE E 130 -4.09 43.30 22.43
C ILE E 130 -4.23 42.40 23.63
N ARG E 131 -3.75 41.19 23.53
CA ARG E 131 -3.99 40.26 24.57
C ARG E 131 -2.91 40.08 25.57
N TYR E 132 -1.64 40.19 25.16
CA TYR E 132 -0.51 39.99 26.08
C TYR E 132 0.27 41.18 26.58
N PHE E 133 0.86 41.90 25.64
CA PHE E 133 1.70 43.04 26.01
C PHE E 133 1.08 43.98 27.06
N PRO E 134 -0.20 44.14 26.92
CA PRO E 134 -0.85 45.06 27.83
C PRO E 134 -0.89 44.68 29.30
N VAL E 135 -0.85 43.38 29.53
CA VAL E 135 -0.92 42.82 30.83
C VAL E 135 0.38 43.05 31.50
N PHE E 136 1.39 42.77 30.75
CA PHE E 136 2.69 42.90 31.30
C PHE E 136 3.07 44.32 31.48
N GLU E 137 2.78 45.13 30.46
CA GLU E 137 3.05 46.54 30.56
C GLU E 137 2.43 47.12 31.84
N LYS E 138 1.20 46.78 32.08
CA LYS E 138 0.58 47.26 33.27
C LYS E 138 1.15 46.71 34.55
N ILE E 139 1.60 45.49 34.52
CA ILE E 139 2.14 44.93 35.74
C ILE E 139 3.32 45.72 36.19
N LEU E 140 4.19 45.88 35.22
CA LEU E 140 5.45 46.58 35.35
C LEU E 140 5.26 48.00 35.73
N ARG E 141 4.28 48.60 35.05
CA ARG E 141 4.00 50.00 35.26
C ARG E 141 3.45 50.07 36.64
N GLY E 142 2.81 49.05 37.04
CA GLY E 142 2.26 49.15 38.35
C GLY E 142 3.21 49.03 39.52
N HIS E 143 4.37 48.41 39.40
CA HIS E 143 5.20 48.23 40.60
C HIS E 143 6.57 48.88 40.46
N GLY E 144 6.87 49.25 39.22
CA GLY E 144 8.10 49.90 38.87
C GLY E 144 9.33 49.00 38.91
N GLN E 145 9.18 47.70 39.27
CA GLN E 145 10.36 46.84 39.31
C GLN E 145 10.85 46.34 37.98
N SER E 146 12.01 45.75 38.00
CA SER E 146 12.52 45.31 36.73
C SER E 146 12.14 43.88 36.35
N PHE E 147 11.40 43.23 37.23
CA PHE E 147 10.94 41.90 37.06
C PHE E 147 9.48 41.86 37.21
N LEU E 148 8.84 40.93 36.53
CA LEU E 148 7.40 40.78 36.56
C LEU E 148 6.86 40.45 37.93
N VAL E 149 7.64 39.57 38.56
CA VAL E 149 7.27 39.05 39.85
C VAL E 149 8.46 38.95 40.79
N GLY E 150 8.14 39.35 42.03
CA GLY E 150 9.01 39.31 43.18
C GLY E 150 10.34 40.06 43.12
N ASN E 151 10.44 40.98 42.23
CA ASN E 151 11.65 41.74 42.13
C ASN E 151 12.88 40.94 41.96
N GLN E 152 12.67 39.85 41.34
CA GLN E 152 13.74 38.96 40.97
C GLN E 152 13.37 38.25 39.67
N LEU E 153 14.40 37.81 39.01
CA LEU E 153 14.19 37.12 37.77
C LEU E 153 13.43 35.83 38.05
N SER E 154 12.52 35.55 37.15
CA SER E 154 11.68 34.42 37.21
C SER E 154 11.60 33.83 35.85
N LEU E 155 11.05 32.67 35.86
CA LEU E 155 10.84 31.97 34.63
C LEU E 155 9.94 32.81 33.71
N ALA E 156 9.01 33.56 34.30
CA ALA E 156 8.12 34.38 33.50
C ALA E 156 8.89 35.42 32.69
N ASP E 157 9.90 36.03 33.30
CA ASP E 157 10.65 37.03 32.57
C ASP E 157 11.42 36.41 31.40
N VAL E 158 12.00 35.25 31.61
CA VAL E 158 12.76 34.69 30.48
C VAL E 158 11.89 34.36 29.28
N ILE E 159 10.76 33.70 29.54
CA ILE E 159 9.88 33.30 28.45
C ILE E 159 9.33 34.49 27.72
N LEU E 160 9.06 35.52 28.49
CA LEU E 160 8.54 36.74 27.94
C LEU E 160 9.56 37.40 27.11
N LEU E 161 10.74 37.52 27.69
CA LEU E 161 11.82 38.04 26.91
C LEU E 161 12.06 37.25 25.62
N GLN E 162 12.06 35.96 25.75
CA GLN E 162 12.29 35.16 24.58
C GLN E 162 11.31 35.41 23.45
N THR E 163 10.07 35.53 23.88
CA THR E 163 8.94 35.71 23.00
C THR E 163 8.91 37.06 22.33
N ILE E 164 9.07 38.06 23.14
CA ILE E 164 9.11 39.40 22.61
C ILE E 164 10.20 39.54 21.55
N LEU E 165 11.39 39.05 21.90
CA LEU E 165 12.45 39.14 20.90
C LEU E 165 12.15 38.42 19.63
N ALA E 166 11.52 37.29 19.76
CA ALA E 166 11.18 36.51 18.60
C ALA E 166 10.16 37.23 17.75
N LEU E 167 9.26 37.91 18.40
CA LEU E 167 8.26 38.63 17.69
C LEU E 167 8.91 39.76 16.98
N GLU E 168 9.79 40.44 17.71
CA GLU E 168 10.46 41.55 17.08
C GLU E 168 11.22 41.16 15.85
N GLU E 169 11.60 39.93 15.78
CA GLU E 169 12.26 39.55 14.58
C GLU E 169 11.30 39.66 13.43
N LYS E 170 10.01 39.45 13.65
CA LYS E 170 9.08 39.56 12.54
C LYS E 170 8.41 40.92 12.49
N ILE E 171 8.23 41.55 13.66
CA ILE E 171 7.54 42.84 13.77
C ILE E 171 8.27 43.67 14.77
N PRO E 172 9.21 44.27 14.17
CA PRO E 172 10.26 45.05 14.76
C PRO E 172 9.85 46.14 15.65
N ASN E 173 8.67 46.67 15.42
CA ASN E 173 8.14 47.77 16.20
C ASN E 173 7.00 47.30 17.04
N ILE E 174 6.95 46.04 17.29
CA ILE E 174 5.85 45.55 18.03
C ILE E 174 5.74 46.14 19.42
N LEU E 175 6.87 46.56 19.98
CA LEU E 175 6.88 47.13 21.33
C LEU E 175 6.70 48.63 21.44
N SER E 176 6.61 49.24 20.26
CA SER E 176 6.43 50.67 20.07
C SER E 176 5.52 51.23 21.14
N ALA E 177 4.33 50.73 21.26
CA ALA E 177 3.44 51.26 22.27
C ALA E 177 3.63 50.79 23.69
N PHE E 178 4.71 50.01 23.99
CA PHE E 178 4.97 49.45 25.29
C PHE E 178 6.33 49.80 25.80
N PRO E 179 6.38 51.00 26.21
CA PRO E 179 7.54 51.68 26.74
C PRO E 179 8.07 50.99 27.95
N PHE E 180 7.19 50.53 28.82
CA PHE E 180 7.69 49.76 29.97
C PHE E 180 8.32 48.48 29.50
N LEU E 181 7.61 47.79 28.58
CA LEU E 181 8.13 46.57 28.06
C LEU E 181 9.43 46.83 27.36
N GLN E 182 9.52 47.99 26.71
CA GLN E 182 10.81 48.21 26.03
C GLN E 182 11.93 48.33 27.00
N GLU E 183 11.72 49.06 28.05
CA GLU E 183 12.78 49.19 28.97
C GLU E 183 13.13 47.91 29.63
N TYR E 184 12.11 47.23 30.08
CA TYR E 184 12.28 45.96 30.75
C TYR E 184 13.16 45.01 29.91
N THR E 185 12.84 44.99 28.62
CA THR E 185 13.54 44.14 27.67
C THR E 185 14.99 44.49 27.61
N VAL E 186 15.18 45.75 27.57
CA VAL E 186 16.53 46.21 27.50
C VAL E 186 17.34 45.81 28.69
N LYS E 187 16.83 46.12 29.83
CA LYS E 187 17.54 45.71 31.00
C LYS E 187 17.79 44.22 31.11
N LEU E 188 16.75 43.46 30.86
CA LEU E 188 16.86 42.04 30.99
C LEU E 188 17.94 41.61 30.08
N SER E 189 17.95 42.22 28.91
CA SER E 189 18.93 41.74 27.99
C SER E 189 20.32 42.05 28.39
N ASN E 190 20.41 42.88 29.41
CA ASN E 190 21.74 43.27 29.89
C ASN E 190 22.23 42.41 31.01
N ILE E 191 21.38 41.50 31.49
CA ILE E 191 21.80 40.53 32.46
C ILE E 191 22.82 39.67 31.71
N PRO E 192 23.87 39.54 32.39
CA PRO E 192 25.08 38.98 31.87
C PRO E 192 24.97 37.66 31.22
N THR E 193 24.29 36.72 31.87
CA THR E 193 24.07 35.41 31.26
C THR E 193 23.32 35.62 29.98
N ILE E 194 22.33 36.49 30.10
CA ILE E 194 21.47 36.80 28.97
C ILE E 194 22.22 37.54 27.92
N LYS E 195 22.98 38.51 28.40
CA LYS E 195 23.78 39.28 27.49
C LYS E 195 24.66 38.36 26.67
N ARG E 196 25.25 37.35 27.32
CA ARG E 196 26.08 36.40 26.61
C ARG E 196 25.30 35.55 25.63
N PHE E 197 24.14 35.11 26.08
CA PHE E 197 23.30 34.24 25.28
C PHE E 197 22.97 34.95 24.00
N LEU E 198 22.75 36.23 24.16
CA LEU E 198 22.44 37.00 23.00
C LEU E 198 23.62 37.23 22.12
N GLU E 199 24.80 37.18 22.70
CA GLU E 199 26.02 37.33 21.93
C GLU E 199 26.36 36.08 21.16
N PRO E 200 27.28 36.25 20.26
CA PRO E 200 27.75 35.20 19.39
C PRO E 200 28.42 34.05 20.09
N GLY E 201 28.19 32.90 19.47
CA GLY E 201 28.74 31.67 20.00
C GLY E 201 27.96 31.04 21.15
N SER E 202 26.67 31.45 21.38
CA SER E 202 25.81 30.91 22.45
C SER E 202 25.13 29.69 21.87
N LYS E 203 24.38 28.95 22.68
CA LYS E 203 23.68 27.83 22.06
C LYS E 203 22.28 28.29 21.56
N LYS E 204 22.04 29.59 21.68
CA LYS E 204 20.88 30.24 21.19
C LYS E 204 20.80 29.92 19.73
N LYS E 205 19.63 29.55 19.24
CA LYS E 205 19.45 29.18 17.86
C LYS E 205 18.76 30.27 17.05
N PRO E 206 19.05 30.20 15.80
CA PRO E 206 18.55 31.07 14.77
C PRO E 206 17.17 30.70 14.36
N PRO E 207 16.60 31.63 13.71
CA PRO E 207 15.26 31.46 13.25
C PRO E 207 15.42 30.42 12.23
N PRO E 208 14.50 29.54 12.23
CA PRO E 208 14.40 28.41 11.34
C PRO E 208 14.32 28.76 9.88
N ASP E 209 15.05 27.97 9.09
CA ASP E 209 15.21 28.01 7.65
C ASP E 209 14.55 26.83 6.98
N GLU E 210 14.57 26.93 5.67
CA GLU E 210 14.03 25.91 4.83
C GLU E 210 14.64 24.56 5.18
N ILE E 211 15.86 24.58 5.63
CA ILE E 211 16.48 23.33 5.97
C ILE E 211 15.89 22.70 7.20
N TYR E 212 15.94 23.45 8.31
CA TYR E 212 15.41 23.00 9.55
C TYR E 212 14.01 22.45 9.27
N VAL E 213 13.30 23.24 8.49
CA VAL E 213 11.98 22.80 8.20
C VAL E 213 11.90 21.48 7.55
N ARG E 214 12.71 21.36 6.55
CA ARG E 214 12.84 20.11 5.83
C ARG E 214 13.21 19.00 6.77
N THR E 215 14.25 19.22 7.50
CA THR E 215 14.71 18.23 8.42
C THR E 215 13.68 17.79 9.42
N VAL E 216 12.94 18.76 9.97
CA VAL E 216 12.01 18.34 10.97
C VAL E 216 11.02 17.44 10.38
N TYR E 217 10.58 17.83 9.22
CA TYR E 217 9.66 16.97 8.51
C TYR E 217 10.28 15.62 8.29
N ASN E 218 11.54 15.60 8.00
CA ASN E 218 12.09 14.29 7.79
C ASN E 218 12.16 13.44 9.03
N ILE E 219 12.28 14.04 10.19
CA ILE E 219 12.39 13.21 11.34
C ILE E 219 11.07 12.82 11.92
N PHE E 220 10.00 13.56 11.60
CA PHE E 220 8.68 13.29 12.21
C PHE E 220 7.42 13.19 11.28
N ARG F 4 -15.90 29.47 48.43
CA ARG F 4 -16.31 28.42 47.47
C ARG F 4 -15.98 28.83 46.02
N PRO F 5 -15.10 28.06 45.34
CA PRO F 5 -14.68 28.42 44.00
C PRO F 5 -15.77 28.55 43.04
N LYS F 6 -15.51 29.48 42.16
CA LYS F 6 -16.45 29.78 41.12
C LYS F 6 -15.79 29.63 39.78
N LEU F 7 -16.43 28.78 39.01
CA LEU F 7 -16.00 28.40 37.71
C LEU F 7 -16.72 29.11 36.61
N HIS F 8 -15.92 29.78 35.78
CA HIS F 8 -16.48 30.45 34.62
C HIS F 8 -16.25 29.67 33.38
N TYR F 9 -17.31 29.29 32.73
CA TYR F 9 -17.15 28.55 31.54
C TYR F 9 -18.51 28.27 31.05
N PRO F 10 -18.55 27.88 29.82
CA PRO F 10 -19.75 27.43 29.21
C PRO F 10 -20.17 26.21 29.97
N ASN F 11 -21.42 25.83 29.78
CA ASN F 11 -21.88 24.66 30.49
C ASN F 11 -21.59 23.40 29.73
N GLY F 12 -20.36 22.89 29.89
CA GLY F 12 -19.92 21.69 29.19
C GLY F 12 -18.54 21.42 29.64
N ARG F 13 -17.99 20.35 29.12
CA ARG F 13 -16.68 19.89 29.54
C ARG F 13 -15.53 20.82 29.21
N GLY F 14 -15.27 20.86 27.91
CA GLY F 14 -14.18 21.60 27.31
C GLY F 14 -12.95 21.38 28.09
N ARG F 15 -12.26 22.48 28.35
CA ARG F 15 -11.05 22.43 29.12
C ARG F 15 -11.25 22.48 30.62
N MET F 16 -12.45 22.90 31.04
CA MET F 16 -12.75 23.06 32.48
C MET F 16 -12.94 21.76 33.28
N GLU F 17 -13.28 20.73 32.52
CA GLU F 17 -13.55 19.49 33.16
C GLU F 17 -12.48 18.95 34.06
N SER F 18 -11.26 19.17 33.68
CA SER F 18 -10.18 18.70 34.50
C SER F 18 -10.22 19.33 35.83
N VAL F 19 -10.53 20.59 35.79
CA VAL F 19 -10.68 21.35 37.02
C VAL F 19 -11.81 20.83 37.86
N ARG F 20 -12.93 20.51 37.21
CA ARG F 20 -14.00 19.91 38.01
C ARG F 20 -13.49 18.63 38.61
N TRP F 21 -12.88 17.77 37.81
CA TRP F 21 -12.39 16.53 38.37
C TRP F 21 -11.53 16.71 39.58
N VAL F 22 -10.61 17.64 39.51
CA VAL F 22 -9.70 17.80 40.59
C VAL F 22 -10.34 18.31 41.82
N LEU F 23 -11.12 19.34 41.64
CA LEU F 23 -11.83 19.91 42.76
C LEU F 23 -12.63 18.84 43.44
N ALA F 24 -13.46 18.12 42.65
CA ALA F 24 -14.29 17.03 43.16
C ALA F 24 -13.49 16.01 43.89
N ALA F 25 -12.42 15.58 43.28
CA ALA F 25 -11.61 14.58 43.91
C ALA F 25 -11.08 15.03 45.22
N ALA F 26 -10.68 16.28 45.28
CA ALA F 26 -10.10 16.87 46.49
C ALA F 26 -11.17 17.11 47.53
N GLY F 27 -12.37 16.78 47.17
CA GLY F 27 -13.49 16.95 48.03
C GLY F 27 -14.00 18.37 48.15
N VAL F 28 -13.60 19.25 47.23
CA VAL F 28 -14.02 20.66 47.28
C VAL F 28 -15.27 20.96 46.50
N GLU F 29 -16.23 21.66 47.16
CA GLU F 29 -17.50 22.05 46.55
C GLU F 29 -17.29 23.36 45.84
N PHE F 30 -18.00 23.58 44.74
CA PHE F 30 -17.74 24.82 44.06
C PHE F 30 -18.91 25.23 43.28
N ASP F 31 -18.84 26.46 42.80
CA ASP F 31 -19.94 26.93 42.02
C ASP F 31 -19.53 27.11 40.61
N GLU F 32 -20.53 27.30 39.78
CA GLU F 32 -20.31 27.51 38.38
C GLU F 32 -21.12 28.67 37.83
N GLU F 33 -20.54 29.49 36.95
CA GLU F 33 -21.22 30.55 36.32
C GLU F 33 -21.12 30.39 34.84
N PHE F 34 -22.18 29.89 34.25
CA PHE F 34 -22.10 29.56 32.86
C PHE F 34 -22.12 30.60 31.81
N LEU F 35 -21.26 30.42 30.83
CA LEU F 35 -21.36 31.30 29.69
C LEU F 35 -22.27 30.67 28.68
N GLU F 36 -23.18 31.52 28.16
CA GLU F 36 -24.14 31.19 27.12
C GLU F 36 -24.06 31.98 25.83
N THR F 37 -23.48 33.19 25.87
CA THR F 37 -23.36 34.12 24.75
C THR F 37 -22.05 34.92 24.68
N LYS F 38 -21.82 35.48 23.48
CA LYS F 38 -20.64 36.33 23.26
C LYS F 38 -20.62 37.42 24.31
N GLU F 39 -21.79 37.99 24.44
CA GLU F 39 -22.01 39.07 25.33
C GLU F 39 -21.63 38.83 26.76
N GLN F 40 -22.03 37.70 27.30
CA GLN F 40 -21.60 37.44 28.67
C GLN F 40 -20.10 37.32 28.76
N LEU F 41 -19.50 36.81 27.69
CA LEU F 41 -18.09 36.71 27.65
C LEU F 41 -17.54 38.11 27.67
N TYR F 42 -18.09 38.96 26.81
CA TYR F 42 -17.64 40.36 26.84
C TYR F 42 -17.70 41.02 28.16
N LYS F 43 -18.76 40.78 28.86
CA LYS F 43 -18.78 41.44 30.13
C LYS F 43 -17.70 40.96 31.05
N LEU F 44 -17.40 39.72 30.91
CA LEU F 44 -16.42 39.16 31.78
C LEU F 44 -15.08 39.78 31.46
N GLN F 45 -14.90 39.92 30.17
CA GLN F 45 -13.69 40.43 29.63
C GLN F 45 -13.57 41.85 29.99
N ASP F 46 -14.68 42.53 29.69
CA ASP F 46 -14.78 43.95 29.96
C ASP F 46 -14.47 44.30 31.41
N GLY F 47 -14.94 43.56 32.37
CA GLY F 47 -14.61 43.94 33.71
C GLY F 47 -13.23 43.55 34.12
N ASN F 48 -12.44 43.06 33.17
CA ASN F 48 -11.10 42.68 33.52
C ASN F 48 -11.03 41.49 34.43
N HIS F 49 -11.88 40.52 34.21
CA HIS F 49 -11.80 39.40 35.10
C HIS F 49 -10.94 38.28 34.59
N LEU F 50 -10.74 38.27 33.28
CA LEU F 50 -9.98 37.31 32.57
C LEU F 50 -8.63 37.91 32.28
N LEU F 51 -7.60 37.45 32.98
CA LEU F 51 -6.25 37.97 32.80
C LEU F 51 -5.84 38.05 31.39
N PHE F 52 -6.19 37.04 30.62
CA PHE F 52 -5.78 37.00 29.22
C PHE F 52 -6.98 36.95 28.32
N GLN F 53 -8.14 37.34 28.84
CA GLN F 53 -9.33 37.36 28.03
C GLN F 53 -9.91 36.02 27.70
N GLN F 54 -9.42 34.98 28.35
CA GLN F 54 -9.99 33.71 28.06
C GLN F 54 -10.37 33.04 29.32
N VAL F 55 -11.15 31.97 29.12
CA VAL F 55 -11.57 31.00 30.10
C VAL F 55 -10.92 29.65 29.67
N PRO F 56 -10.73 28.74 30.60
CA PRO F 56 -11.19 28.80 31.96
C PRO F 56 -10.67 29.87 32.82
N MET F 57 -11.52 30.31 33.71
CA MET F 57 -11.12 31.21 34.79
C MET F 57 -11.83 30.66 36.02
N VAL F 58 -11.15 30.62 37.11
CA VAL F 58 -11.73 30.11 38.33
C VAL F 58 -11.40 31.09 39.43
N GLU F 59 -12.43 31.44 40.16
CA GLU F 59 -12.23 32.34 41.27
C GLU F 59 -12.08 31.56 42.50
N ILE F 60 -10.90 31.66 43.04
CA ILE F 60 -10.59 30.91 44.20
C ILE F 60 -9.58 31.63 45.09
N ASP F 61 -9.82 31.52 46.37
CA ASP F 61 -8.92 32.12 47.37
C ASP F 61 -8.61 33.54 47.12
N GLY F 62 -9.65 34.19 46.62
CA GLY F 62 -9.61 35.59 46.30
C GLY F 62 -8.91 35.96 45.01
N MET F 63 -8.54 34.95 44.20
CA MET F 63 -7.89 35.23 42.96
C MET F 63 -8.79 34.80 41.84
N LYS F 64 -8.43 35.27 40.65
CA LYS F 64 -9.10 34.87 39.47
C LYS F 64 -8.07 34.17 38.61
N LEU F 65 -7.88 32.91 38.85
CA LEU F 65 -6.93 32.20 38.07
C LEU F 65 -7.49 31.82 36.76
N VAL F 66 -6.57 31.82 35.79
CA VAL F 66 -6.70 31.49 34.37
C VAL F 66 -5.60 30.51 33.90
N GLN F 67 -5.79 29.84 32.75
CA GLN F 67 -4.85 28.82 32.26
C GLN F 67 -5.07 27.58 33.01
N THR F 68 -5.69 26.66 32.32
CA THR F 68 -6.01 25.37 32.91
C THR F 68 -4.88 24.77 33.68
N ARG F 69 -3.70 24.68 33.09
CA ARG F 69 -2.67 24.03 33.89
C ARG F 69 -2.28 24.72 35.16
N SER F 70 -2.32 26.03 35.11
CA SER F 70 -1.91 26.83 36.23
C SER F 70 -2.91 26.70 37.36
N ILE F 71 -4.13 26.63 36.93
CA ILE F 71 -5.21 26.42 37.84
C ILE F 71 -5.07 25.06 38.54
N LEU F 72 -4.83 24.03 37.75
CA LEU F 72 -4.67 22.68 38.28
C LEU F 72 -3.53 22.62 39.22
N HIS F 73 -2.41 23.21 38.88
CA HIS F 73 -1.30 23.20 39.86
C HIS F 73 -1.68 23.90 41.15
N TYR F 74 -2.39 25.00 41.05
CA TYR F 74 -2.74 25.68 42.30
C TYR F 74 -3.52 24.76 43.23
N ILE F 75 -4.57 24.17 42.66
CA ILE F 75 -5.39 23.33 43.47
C ILE F 75 -4.63 22.17 44.03
N ALA F 76 -3.80 21.56 43.21
CA ALA F 76 -3.05 20.42 43.64
C ALA F 76 -2.21 20.78 44.82
N ASP F 77 -1.57 21.88 44.70
CA ASP F 77 -0.71 22.34 45.73
C ASP F 77 -1.49 22.74 46.96
N LYS F 78 -2.72 23.18 46.81
CA LYS F 78 -3.46 23.49 48.02
C LYS F 78 -4.00 22.18 48.57
N HIS F 79 -3.92 21.08 47.86
CA HIS F 79 -4.57 19.94 48.45
C HIS F 79 -3.81 18.65 48.47
N ASN F 80 -2.50 18.74 48.64
CA ASN F 80 -1.75 17.53 48.63
C ASN F 80 -1.92 16.62 47.45
N LEU F 81 -2.05 17.19 46.26
CA LEU F 81 -2.16 16.33 45.11
C LEU F 81 -0.95 16.51 44.24
N PHE F 82 0.09 17.09 44.80
CA PHE F 82 1.33 17.38 44.02
C PHE F 82 2.60 16.76 44.54
N GLY F 83 2.43 15.63 45.21
CA GLY F 83 3.61 14.96 45.70
C GLY F 83 4.04 15.50 47.04
N LYS F 84 5.23 15.05 47.45
CA LYS F 84 5.83 15.38 48.73
C LYS F 84 7.25 15.86 48.55
N ASN F 85 7.68 15.87 47.30
CA ASN F 85 9.00 16.39 47.03
C ASN F 85 9.24 16.65 45.54
N LEU F 86 10.33 17.35 45.23
CA LEU F 86 10.66 17.68 43.85
C LEU F 86 10.60 16.51 42.90
N LYS F 87 11.14 15.41 43.38
CA LYS F 87 11.18 14.21 42.55
C LYS F 87 9.84 13.77 42.10
N GLU F 88 8.96 13.71 43.05
CA GLU F 88 7.59 13.35 42.84
C GLU F 88 6.89 14.34 41.98
N ARG F 89 6.98 15.57 42.45
CA ARG F 89 6.38 16.69 41.79
C ARG F 89 6.78 16.66 40.34
N THR F 90 8.03 16.37 40.14
CA THR F 90 8.52 16.29 38.76
C THR F 90 7.80 15.23 37.89
N LEU F 91 7.59 14.04 38.48
CA LEU F 91 6.93 12.96 37.81
C LEU F 91 5.50 13.26 37.51
N ILE F 92 4.84 13.76 38.53
CA ILE F 92 3.45 14.08 38.43
C ILE F 92 3.25 15.09 37.34
N ASP F 93 4.17 16.04 37.31
CA ASP F 93 4.08 17.08 36.29
C ASP F 93 4.15 16.50 34.88
N MET F 94 5.17 15.71 34.67
CA MET F 94 5.29 15.12 33.38
C MET F 94 4.13 14.28 32.99
N TYR F 95 3.65 13.50 33.94
CA TYR F 95 2.58 12.60 33.63
C TYR F 95 1.39 13.38 33.20
N VAL F 96 1.18 14.38 33.96
CA VAL F 96 0.08 15.22 33.66
C VAL F 96 0.18 15.87 32.31
N GLU F 97 1.32 16.46 31.99
CA GLU F 97 1.41 17.09 30.67
C GLU F 97 1.22 16.11 29.55
N GLY F 98 1.83 14.96 29.70
CA GLY F 98 1.67 13.94 28.67
C GLY F 98 0.22 13.59 28.52
N THR F 99 -0.41 13.37 29.65
CA THR F 99 -1.82 13.03 29.63
C THR F 99 -2.69 14.09 28.98
N LEU F 100 -2.47 15.36 29.33
CA LEU F 100 -3.21 16.47 28.69
C LEU F 100 -3.03 16.47 27.17
N ASP F 101 -1.91 15.96 26.74
CA ASP F 101 -1.75 15.90 25.30
C ASP F 101 -2.67 14.87 24.65
N LEU F 102 -2.99 13.88 25.39
CA LEU F 102 -3.87 12.86 24.92
C LEU F 102 -5.29 13.34 25.03
N LEU F 103 -5.60 13.89 26.16
CA LEU F 103 -6.91 14.44 26.39
C LEU F 103 -7.31 15.46 25.37
N GLU F 104 -6.36 16.15 24.85
CA GLU F 104 -6.64 17.16 23.85
C GLU F 104 -7.39 16.64 22.68
N LEU F 105 -7.07 15.46 22.29
CA LEU F 105 -7.79 14.83 21.22
C LEU F 105 -9.29 14.77 21.50
N LEU F 106 -9.57 14.47 22.74
CA LEU F 106 -10.96 14.40 23.13
C LEU F 106 -11.60 15.78 23.08
N ILE F 107 -10.84 16.77 23.62
CA ILE F 107 -11.28 18.18 23.62
C ILE F 107 -11.59 18.78 22.26
N MET F 108 -10.72 18.47 21.30
CA MET F 108 -10.92 18.93 19.95
C MET F 108 -12.00 18.20 19.18
N HIS F 109 -12.19 16.96 19.50
CA HIS F 109 -13.08 16.09 18.79
C HIS F 109 -14.37 16.63 18.25
N PRO F 110 -15.19 17.15 19.09
CA PRO F 110 -16.47 17.71 18.67
C PRO F 110 -16.40 18.82 17.68
N PHE F 111 -15.28 19.46 17.56
CA PHE F 111 -15.23 20.54 16.59
C PHE F 111 -14.65 20.16 15.24
N LEU F 112 -14.43 18.88 15.05
CA LEU F 112 -13.92 18.29 13.84
C LEU F 112 -15.06 18.17 12.89
N LYS F 113 -14.69 17.98 11.64
CA LYS F 113 -15.63 17.73 10.59
C LYS F 113 -15.91 16.26 10.66
N PRO F 114 -17.12 16.00 10.97
CA PRO F 114 -17.77 14.70 11.10
C PRO F 114 -17.07 13.54 10.38
N ASP F 115 -16.61 13.86 9.19
CA ASP F 115 -15.87 12.91 8.42
C ASP F 115 -14.57 12.56 9.17
N ASP F 116 -13.87 13.60 9.58
CA ASP F 116 -12.63 13.45 10.30
C ASP F 116 -12.80 12.94 11.70
N GLN F 117 -14.01 13.03 12.17
CA GLN F 117 -14.21 12.61 13.51
C GLN F 117 -13.88 11.18 13.73
N GLN F 118 -14.24 10.40 12.75
CA GLN F 118 -14.00 9.00 12.85
C GLN F 118 -12.55 8.59 12.74
N LYS F 119 -11.85 9.19 11.80
CA LYS F 119 -10.45 8.90 11.67
C LYS F 119 -9.74 9.15 13.02
N GLU F 120 -10.19 10.19 13.64
CA GLU F 120 -9.70 10.65 14.90
C GLU F 120 -9.84 9.76 16.07
N VAL F 121 -10.97 9.09 16.09
CA VAL F 121 -11.17 8.17 17.15
C VAL F 121 -10.13 7.06 17.04
N VAL F 122 -9.95 6.63 15.83
CA VAL F 122 -8.95 5.61 15.59
C VAL F 122 -7.61 6.10 16.07
N ASN F 123 -7.33 7.35 15.74
CA ASN F 123 -6.08 7.88 16.24
C ASN F 123 -5.92 7.92 17.75
N MET F 124 -6.95 8.37 18.47
CA MET F 124 -6.85 8.37 19.93
C MET F 124 -6.55 7.00 20.39
N ALA F 125 -7.25 6.05 19.75
CA ALA F 125 -7.05 4.67 20.18
C ALA F 125 -5.60 4.33 20.06
N GLN F 126 -5.05 4.58 18.88
CA GLN F 126 -3.65 4.24 18.72
C GLN F 126 -2.69 4.94 19.64
N LYS F 127 -2.91 6.24 19.87
CA LYS F 127 -2.00 6.93 20.71
C LYS F 127 -2.04 6.40 22.10
N ALA F 128 -3.28 6.19 22.56
CA ALA F 128 -3.48 5.73 23.89
C ALA F 128 -2.72 4.44 24.09
N ILE F 129 -3.00 3.54 23.19
CA ILE F 129 -2.50 2.18 23.23
C ILE F 129 -1.02 2.11 23.15
N ILE F 130 -0.53 2.88 22.26
CA ILE F 130 0.89 2.84 22.01
C ILE F 130 1.76 3.81 22.78
N ARG F 131 1.30 5.02 22.93
CA ARG F 131 2.12 6.01 23.52
C ARG F 131 1.94 6.27 24.97
N TYR F 132 0.70 6.17 25.48
CA TYR F 132 0.41 6.45 26.89
C TYR F 132 0.17 5.32 27.84
N PHE F 133 -0.87 4.54 27.56
CA PHE F 133 -1.25 3.45 28.44
C PHE F 133 -0.08 2.57 28.91
N PRO F 134 0.81 2.37 28.00
CA PRO F 134 1.92 1.49 28.32
C PRO F 134 2.88 1.97 29.40
N VAL F 135 2.98 3.27 29.52
CA VAL F 135 3.85 3.92 30.43
C VAL F 135 3.28 3.76 31.81
N PHE F 136 2.01 4.00 31.86
CA PHE F 136 1.37 3.95 33.12
C PHE F 136 1.24 2.54 33.59
N GLU F 137 0.83 1.67 32.67
CA GLU F 137 0.72 0.28 33.01
C GLU F 137 2.03 -0.24 33.63
N LYS F 138 3.11 0.08 33.01
CA LYS F 138 4.37 -0.33 33.55
C LYS F 138 4.73 0.32 34.85
N ILE F 139 4.34 1.54 35.05
CA ILE F 139 4.70 2.19 36.28
C ILE F 139 4.10 1.46 37.44
N LEU F 140 2.82 1.25 37.27
CA LEU F 140 1.95 0.59 38.21
C LEU F 140 2.37 -0.82 38.47
N ARG F 141 2.70 -1.48 37.36
CA ARG F 141 3.09 -2.85 37.43
C ARG F 141 4.39 -2.86 38.14
N GLY F 142 5.11 -1.83 37.97
CA GLY F 142 6.38 -1.85 38.62
C GLY F 142 6.40 -1.64 40.11
N HIS F 143 5.42 -1.01 40.73
CA HIS F 143 5.54 -0.73 42.17
C HIS F 143 4.42 -1.36 42.98
N GLY F 144 3.41 -1.80 42.25
CA GLY F 144 2.26 -2.44 42.80
C GLY F 144 1.32 -1.52 43.57
N GLN F 145 1.63 -0.20 43.67
CA GLN F 145 0.73 0.69 44.41
C GLN F 145 -0.50 1.11 43.67
N SER F 146 -1.40 1.72 44.41
CA SER F 146 -2.63 2.10 43.72
C SER F 146 -2.61 3.49 43.11
N PHE F 147 -1.49 4.18 43.25
CA PHE F 147 -1.28 5.48 42.75
C PHE F 147 -0.06 5.50 41.92
N LEU F 148 -0.03 6.39 40.94
CA LEU F 148 1.10 6.50 40.03
C LEU F 148 2.37 6.91 40.71
N VAL F 149 2.15 7.83 41.63
CA VAL F 149 3.25 8.42 42.34
C VAL F 149 2.95 8.61 43.83
N GLY F 150 3.99 8.29 44.59
CA GLY F 150 4.07 8.41 46.03
C GLY F 150 3.02 7.68 46.89
N ASN F 151 2.40 6.72 46.33
CA ASN F 151 1.43 5.98 47.07
C ASN F 151 0.36 6.79 47.69
N GLN F 152 0.09 7.84 47.00
CA GLN F 152 -0.99 8.72 47.34
C GLN F 152 -1.55 9.34 46.09
N LEU F 153 -2.77 9.77 46.20
CA LEU F 153 -3.43 10.37 45.08
C LEU F 153 -2.70 11.66 44.73
N SER F 154 -2.58 11.86 43.43
CA SER F 154 -1.93 12.97 42.88
C SER F 154 -2.76 13.48 41.74
N LEU F 155 -2.35 14.62 41.33
CA LEU F 155 -3.00 15.24 40.21
C LEU F 155 -2.88 14.33 38.98
N ALA F 156 -1.77 13.60 38.88
CA ALA F 156 -1.58 12.70 37.76
C ALA F 156 -2.66 11.63 37.69
N ASP F 157 -3.03 11.08 38.84
CA ASP F 157 -4.05 10.05 38.83
C ASP F 157 -5.41 10.61 38.39
N VAL F 158 -5.75 11.79 38.85
CA VAL F 158 -7.06 12.30 38.44
C VAL F 158 -7.18 12.54 36.94
N ILE F 159 -6.16 13.18 36.37
CA ILE F 159 -6.19 13.50 34.95
C ILE F 159 -6.22 12.25 34.11
N LEU F 160 -5.49 11.27 34.60
CA LEU F 160 -5.41 10.00 33.92
C LEU F 160 -6.71 9.32 33.99
N LEU F 161 -7.24 9.26 35.19
CA LEU F 161 -8.56 8.71 35.32
C LEU F 161 -9.58 9.41 34.44
N GLN F 162 -9.53 10.71 34.46
CA GLN F 162 -10.48 11.44 33.65
C GLN F 162 -10.45 11.11 32.18
N THR F 163 -9.22 10.99 31.72
CA THR F 163 -8.91 10.73 30.33
C THR F 163 -9.29 9.34 29.89
N ILE F 164 -8.87 8.39 30.67
CA ILE F 164 -9.20 7.02 30.38
C ILE F 164 -10.72 6.85 30.27
N LEU F 165 -11.42 7.38 31.27
CA LEU F 165 -12.86 7.25 31.19
C LEU F 165 -13.47 7.88 29.98
N ALA F 166 -12.93 9.00 29.61
CA ALA F 166 -13.43 9.70 28.45
C ALA F 166 -13.18 8.90 27.19
N LEU F 167 -12.05 8.24 27.15
CA LEU F 167 -11.72 7.47 26.01
C LEU F 167 -12.65 6.30 25.96
N GLU F 168 -12.84 5.69 27.13
CA GLU F 168 -13.74 4.55 27.14
C GLU F 168 -15.12 4.88 26.67
N GLU F 169 -15.48 6.11 26.78
CA GLU F 169 -16.76 6.44 26.27
C GLU F 169 -16.76 6.22 24.78
N LYS F 170 -15.64 6.42 24.10
CA LYS F 170 -15.64 6.22 22.67
C LYS F 170 -15.13 4.85 22.28
N ILE F 171 -14.22 4.29 23.09
CA ILE F 171 -13.59 3.00 22.83
C ILE F 171 -13.48 2.24 24.11
N PRO F 172 -14.58 1.63 24.30
CA PRO F 172 -14.98 0.91 25.45
C PRO F 172 -14.08 -0.13 25.95
N ASN F 173 -13.30 -0.70 25.06
CA ASN F 173 -12.36 -1.76 25.37
C ASN F 173 -10.96 -1.26 25.26
N ILE F 174 -10.79 0.02 25.33
CA ILE F 174 -9.49 0.53 25.16
C ILE F 174 -8.50 0.02 26.19
N LEU F 175 -9.00 -0.34 27.37
CA LEU F 175 -8.13 -0.81 28.44
C LEU F 175 -7.89 -2.31 28.52
N SER F 176 -8.54 -2.99 27.59
CA SER F 176 -8.50 -4.44 27.42
C SER F 176 -7.11 -4.95 27.69
N ALA F 177 -6.13 -4.47 26.98
CA ALA F 177 -4.79 -4.96 27.21
C ALA F 177 -4.04 -4.39 28.40
N PHE F 178 -4.69 -3.58 29.27
CA PHE F 178 -4.07 -2.93 30.40
C PHE F 178 -4.78 -3.21 31.68
N PRO F 179 -4.52 -4.38 32.10
CA PRO F 179 -5.05 -5.01 33.29
C PRO F 179 -4.70 -4.22 34.52
N PHE F 180 -3.48 -3.73 34.59
CA PHE F 180 -3.15 -2.88 35.73
C PHE F 180 -3.96 -1.61 35.70
N LEU F 181 -4.01 -1.00 34.50
CA LEU F 181 -4.77 0.19 34.36
C LEU F 181 -6.23 -0.09 34.66
N GLN F 182 -6.69 -1.28 34.31
CA GLN F 182 -8.09 -1.52 34.63
C GLN F 182 -8.34 -1.55 36.10
N GLU F 183 -7.48 -2.21 36.81
CA GLU F 183 -7.70 -2.26 38.20
C GLU F 183 -7.58 -0.94 38.85
N TYR F 184 -6.53 -0.25 38.50
CA TYR F 184 -6.25 1.06 39.03
C TYR F 184 -7.48 1.98 38.90
N THR F 185 -8.07 1.92 37.71
CA THR F 185 -9.23 2.71 37.38
C THR F 185 -10.38 2.38 38.28
N VAL F 186 -10.53 1.13 38.45
CA VAL F 186 -11.58 0.68 39.29
C VAL F 186 -11.46 1.18 40.70
N LYS F 187 -10.33 0.94 41.27
CA LYS F 187 -10.13 1.44 42.59
C LYS F 187 -10.29 2.94 42.75
N LEU F 188 -9.67 3.67 41.83
CA LEU F 188 -9.70 5.09 41.92
C LEU F 188 -11.13 5.49 41.90
N SER F 189 -11.87 4.80 41.04
CA SER F 189 -13.23 5.25 40.93
C SER F 189 -14.03 4.98 42.14
N ASN F 190 -13.42 4.22 43.04
CA ASN F 190 -14.12 3.91 44.29
C ASN F 190 -13.81 4.84 45.40
N ILE F 191 -12.86 5.75 45.17
CA ILE F 191 -12.58 6.79 46.11
C ILE F 191 -13.87 7.62 46.14
N PRO F 192 -14.25 7.82 47.33
CA PRO F 192 -15.51 8.38 47.68
C PRO F 192 -15.89 9.64 47.02
N THR F 193 -14.97 10.61 47.03
CA THR F 193 -15.23 11.88 46.34
C THR F 193 -15.46 11.57 44.89
N ILE F 194 -14.61 10.69 44.40
CA ILE F 194 -14.67 10.29 43.01
C ILE F 194 -15.90 9.51 42.72
N LYS F 195 -16.15 8.58 43.65
CA LYS F 195 -17.33 7.76 43.51
C LYS F 195 -18.55 8.65 43.39
N ARG F 196 -18.61 9.71 44.20
CA ARG F 196 -19.73 10.64 44.13
C ARG F 196 -19.78 11.40 42.83
N PHE F 197 -18.61 11.84 42.40
CA PHE F 197 -18.50 12.65 41.20
C PHE F 197 -19.04 11.85 40.06
N LEU F 198 -18.75 10.58 40.11
CA LEU F 198 -19.23 9.73 39.07
C LEU F 198 -20.70 9.46 39.17
N GLU F 199 -21.23 9.58 40.37
CA GLU F 199 -22.66 9.40 40.58
C GLU F 199 -23.44 10.62 40.13
N PRO F 200 -24.72 10.41 40.03
CA PRO F 200 -25.65 11.41 39.62
C PRO F 200 -25.75 12.63 40.50
N GLY F 201 -26.00 13.72 39.80
CA GLY F 201 -26.12 14.99 40.48
C GLY F 201 -24.79 15.69 40.83
N SER F 202 -23.64 15.26 40.20
CA SER F 202 -22.33 15.85 40.42
C SER F 202 -22.20 17.01 39.48
N LYS F 203 -21.11 17.78 39.57
CA LYS F 203 -21.01 18.85 38.58
C LYS F 203 -20.25 18.33 37.32
N LYS F 204 -19.95 17.03 37.34
CA LYS F 204 -19.36 16.33 36.26
C LYS F 204 -20.25 16.56 35.07
N LYS F 205 -19.66 16.87 33.93
CA LYS F 205 -20.42 17.15 32.73
C LYS F 205 -20.39 16.00 31.74
N PRO F 206 -21.41 15.99 30.97
CA PRO F 206 -21.67 15.04 29.91
C PRO F 206 -20.88 15.36 28.69
N PRO F 207 -20.84 14.37 27.88
CA PRO F 207 -20.11 14.48 26.66
C PRO F 207 -20.91 15.46 25.93
N PRO F 208 -20.24 16.33 25.28
CA PRO F 208 -20.76 17.39 24.46
C PRO F 208 -21.62 16.95 23.32
N ASP F 209 -22.71 17.70 23.14
CA ASP F 209 -23.75 17.57 22.14
C ASP F 209 -23.70 18.70 21.13
N GLU F 210 -24.56 18.51 20.15
CA GLU F 210 -24.71 19.46 19.09
C GLU F 210 -24.98 20.85 19.67
N ILE F 211 -25.64 20.87 20.80
CA ILE F 211 -25.91 22.16 21.37
C ILE F 211 -24.68 22.86 21.90
N TYR F 212 -23.99 22.17 22.83
CA TYR F 212 -22.80 22.70 23.41
C TYR F 212 -21.92 23.19 22.26
N VAL F 213 -21.86 22.34 21.27
CA VAL F 213 -21.05 22.73 20.16
C VAL F 213 -21.44 24.01 19.53
N ARG F 214 -22.70 24.09 19.27
CA ARG F 214 -23.29 25.29 18.73
C ARG F 214 -22.99 26.46 19.62
N THR F 215 -23.32 26.31 20.86
CA THR F 215 -23.11 27.37 21.80
C THR F 215 -21.70 27.85 21.86
N VAL F 216 -20.74 26.91 21.88
CA VAL F 216 -19.40 27.36 22.03
C VAL F 216 -19.04 28.19 20.87
N TYR F 217 -19.44 27.73 19.73
CA TYR F 217 -19.22 28.53 18.55
C TYR F 217 -19.86 29.88 18.69
N ASN F 218 -21.01 29.89 19.28
CA ASN F 218 -21.60 31.20 19.39
C ASN F 218 -20.88 32.13 20.32
N ILE F 219 -20.22 31.62 21.33
CA ILE F 219 -19.57 32.52 22.23
C ILE F 219 -18.20 32.91 21.80
N PHE F 220 -17.58 32.13 20.91
CA PHE F 220 -16.18 32.40 20.52
C PHE F 220 -15.82 32.41 18.99
N ARG G 4 -3.91 -24.68 -15.80
CA ARG G 4 -4.11 -23.33 -15.23
C ARG G 4 -5.30 -23.32 -14.23
N PRO G 5 -5.03 -23.01 -12.94
CA PRO G 5 -6.06 -23.06 -11.95
C PRO G 5 -7.21 -22.20 -12.21
N LYS G 6 -8.32 -22.75 -11.76
CA LYS G 6 -9.57 -22.07 -11.92
C LYS G 6 -10.23 -21.88 -10.58
N LEU G 7 -10.49 -20.61 -10.37
CA LEU G 7 -11.06 -20.13 -9.16
C LEU G 7 -12.52 -19.86 -9.24
N HIS G 8 -13.25 -20.53 -8.34
CA HIS G 8 -14.68 -20.31 -8.26
C HIS G 8 -15.04 -19.45 -7.13
N TYR G 9 -15.64 -18.33 -7.41
CA TYR G 9 -16.01 -17.45 -6.36
C TYR G 9 -16.67 -16.30 -7.01
N PRO G 10 -17.34 -15.57 -6.19
CA PRO G 10 -17.93 -14.34 -6.60
C PRO G 10 -16.80 -13.44 -7.01
N ASN G 11 -17.15 -12.39 -7.72
CA ASN G 11 -16.09 -11.50 -8.14
C ASN G 11 -15.78 -10.46 -7.10
N GLY G 12 -14.93 -10.82 -6.14
CA GLY G 12 -14.58 -9.94 -5.04
C GLY G 12 -13.60 -10.67 -4.20
N ARG G 13 -13.15 -10.01 -3.17
CA ARG G 13 -12.13 -10.55 -2.32
C ARG G 13 -12.52 -11.78 -1.52
N GLY G 14 -13.39 -11.51 -0.56
CA GLY G 14 -13.90 -12.47 0.39
C GLY G 14 -12.77 -13.28 0.93
N ARG G 15 -13.01 -14.59 0.96
CA ARG G 15 -11.99 -15.50 1.42
C ARG G 15 -11.00 -15.93 0.35
N MET G 16 -11.36 -15.72 -0.91
CA MET G 16 -10.53 -16.16 -2.04
C MET G 16 -9.25 -15.37 -2.28
N GLU G 17 -9.29 -14.14 -1.80
CA GLU G 17 -8.18 -13.27 -2.02
C GLU G 17 -6.83 -13.79 -1.60
N SER G 18 -6.82 -14.51 -0.53
CA SER G 18 -5.57 -15.05 -0.06
C SER G 18 -5.00 -15.98 -1.07
N VAL G 19 -5.88 -16.71 -1.65
CA VAL G 19 -5.50 -17.63 -2.71
C VAL G 19 -4.98 -16.89 -3.92
N ARG G 20 -5.64 -15.79 -4.28
CA ARG G 20 -5.08 -15.02 -5.37
C ARG G 20 -3.70 -14.55 -4.97
N TRP G 21 -3.55 -13.98 -3.80
CA TRP G 21 -2.24 -13.53 -3.40
C TRP G 21 -1.17 -14.57 -3.54
N VAL G 22 -1.46 -15.76 -3.08
CA VAL G 22 -0.46 -16.77 -3.08
C VAL G 22 -0.10 -17.21 -4.45
N LEU G 23 -1.12 -17.48 -5.23
CA LEU G 23 -0.89 -17.88 -6.59
C LEU G 23 -0.02 -16.87 -7.28
N ALA G 24 -0.46 -15.59 -7.23
CA ALA G 24 0.27 -14.47 -7.83
C ALA G 24 1.69 -14.42 -7.36
N ALA G 25 1.87 -14.49 -6.08
CA ALA G 25 3.20 -14.42 -5.56
C ALA G 25 4.06 -15.52 -6.08
N ALA G 26 3.50 -16.70 -6.18
CA ALA G 26 4.22 -17.88 -6.64
C ALA G 26 4.46 -17.81 -8.13
N GLY G 27 3.98 -16.75 -8.71
CA GLY G 27 4.11 -16.54 -10.12
C GLY G 27 3.17 -17.37 -10.98
N VAL G 28 2.13 -17.94 -10.40
CA VAL G 28 1.18 -18.76 -11.14
C VAL G 28 -0.01 -18.01 -11.70
N GLU G 29 -0.28 -18.22 -13.02
CA GLU G 29 -1.40 -17.57 -13.71
C GLU G 29 -2.61 -18.44 -13.51
N PHE G 30 -3.79 -17.82 -13.45
CA PHE G 30 -4.93 -18.66 -13.21
C PHE G 30 -6.15 -18.02 -13.73
N ASP G 31 -7.20 -18.82 -13.75
CA ASP G 31 -8.43 -18.28 -14.24
C ASP G 31 -9.41 -18.15 -13.15
N GLU G 32 -10.48 -17.44 -13.45
CA GLU G 32 -11.53 -17.24 -12.51
C GLU G 32 -12.91 -17.46 -13.13
N GLU G 33 -13.83 -18.10 -12.40
CA GLU G 33 -15.15 -18.29 -12.84
C GLU G 33 -16.10 -17.72 -11.84
N PHE G 34 -16.59 -16.54 -12.14
CA PHE G 34 -17.39 -15.86 -11.15
C PHE G 34 -18.77 -16.26 -10.84
N LEU G 35 -19.07 -16.28 -9.56
CA LEU G 35 -20.45 -16.48 -9.21
C LEU G 35 -21.12 -15.14 -9.11
N GLU G 36 -22.32 -15.09 -9.72
CA GLU G 36 -23.20 -13.93 -9.71
C GLU G 36 -24.58 -14.12 -9.11
N THR G 37 -25.07 -15.37 -9.05
CA THR G 37 -26.40 -15.75 -8.57
C THR G 37 -26.46 -17.06 -7.78
N LYS G 38 -27.59 -17.19 -7.05
CA LYS G 38 -27.85 -18.43 -6.29
C LYS G 38 -27.74 -19.62 -7.22
N GLU G 39 -28.39 -19.41 -8.33
CA GLU G 39 -28.47 -20.42 -9.34
C GLU G 39 -27.16 -20.95 -9.85
N GLN G 40 -26.23 -20.06 -10.14
CA GLN G 40 -24.93 -20.57 -10.56
C GLN G 40 -24.28 -21.38 -9.46
N LEU G 41 -24.54 -20.96 -8.23
CA LEU G 41 -24.01 -21.67 -7.12
C LEU G 41 -24.65 -23.04 -7.13
N TYR G 42 -25.98 -23.06 -7.27
CA TYR G 42 -26.64 -24.38 -7.35
C TYR G 42 -26.09 -25.29 -8.38
N LYS G 43 -25.81 -24.76 -9.51
CA LYS G 43 -25.28 -25.68 -10.49
C LYS G 43 -23.96 -26.25 -10.08
N LEU G 44 -23.23 -25.45 -9.43
CA LEU G 44 -21.92 -25.89 -9.05
C LEU G 44 -22.05 -26.99 -8.03
N GLN G 45 -23.00 -26.75 -7.17
CA GLN G 45 -23.29 -27.64 -6.10
C GLN G 45 -23.84 -28.88 -6.63
N ASP G 46 -24.84 -28.66 -7.48
CA ASP G 46 -25.53 -29.76 -8.13
C ASP G 46 -24.59 -30.70 -8.87
N GLY G 47 -23.61 -30.21 -9.57
CA GLY G 47 -22.76 -31.15 -10.25
C GLY G 47 -21.74 -31.77 -9.34
N ASN G 48 -21.86 -31.53 -8.04
CA ASN G 48 -20.92 -32.14 -7.13
C ASN G 48 -19.52 -31.59 -7.29
N HIS G 49 -19.40 -30.31 -7.50
CA HIS G 49 -18.06 -29.83 -7.65
C HIS G 49 -17.46 -29.30 -6.38
N LEU G 50 -18.33 -28.95 -5.45
CA LEU G 50 -18.01 -28.43 -4.17
C LEU G 50 -18.12 -29.53 -3.16
N LEU G 51 -16.98 -30.02 -2.67
CA LEU G 51 -16.94 -31.11 -1.72
C LEU G 51 -17.87 -30.92 -0.59
N PHE G 52 -17.95 -29.69 -0.10
CA PHE G 52 -18.79 -29.41 1.05
C PHE G 52 -19.84 -28.38 0.72
N GLN G 53 -20.08 -28.20 -0.57
CA GLN G 53 -21.09 -27.26 -0.99
C GLN G 53 -20.73 -25.81 -0.83
N GLN G 54 -19.49 -25.54 -0.55
CA GLN G 54 -19.12 -24.16 -0.43
C GLN G 54 -17.95 -23.89 -1.28
N VAL G 55 -17.73 -22.58 -1.43
CA VAL G 55 -16.58 -21.95 -2.04
C VAL G 55 -15.85 -21.17 -0.92
N PRO G 56 -14.58 -20.91 -1.07
CA PRO G 56 -13.79 -21.16 -2.23
C PRO G 56 -13.63 -22.56 -2.67
N MET G 57 -13.54 -22.72 -3.97
CA MET G 57 -13.15 -23.99 -4.57
C MET G 57 -12.18 -23.59 -5.69
N VAL G 58 -11.13 -24.32 -5.82
CA VAL G 58 -10.16 -24.03 -6.83
C VAL G 58 -9.82 -25.33 -7.53
N GLU G 59 -9.86 -25.26 -8.83
CA GLU G 59 -9.53 -26.43 -9.60
C GLU G 59 -8.11 -26.36 -10.00
N ILE G 60 -7.38 -27.29 -9.48
CA ILE G 60 -5.99 -27.31 -9.73
C ILE G 60 -5.42 -28.72 -9.71
N ASP G 61 -4.52 -28.96 -10.61
CA ASP G 61 -3.83 -30.25 -10.72
C ASP G 61 -4.76 -31.41 -10.74
N GLY G 62 -5.86 -31.13 -11.42
CA GLY G 62 -6.92 -32.09 -11.59
C GLY G 62 -7.83 -32.32 -10.42
N MET G 63 -7.68 -31.49 -9.36
CA MET G 63 -8.53 -31.64 -8.22
C MET G 63 -9.39 -30.43 -8.10
N LYS G 64 -10.41 -30.56 -7.26
CA LYS G 64 -11.26 -29.47 -6.94
C LYS G 64 -11.11 -29.24 -5.44
N LEU G 65 -10.12 -28.50 -5.08
CA LEU G 65 -9.92 -28.24 -3.69
C LEU G 65 -10.83 -27.17 -3.22
N VAL G 66 -11.22 -27.36 -1.94
CA VAL G 66 -12.10 -26.55 -1.11
C VAL G 66 -11.47 -26.28 0.28
N GLN G 67 -11.97 -25.28 1.02
CA GLN G 67 -11.40 -24.88 2.32
C GLN G 67 -10.19 -24.08 2.06
N THR G 68 -10.35 -22.80 2.27
CA THR G 68 -9.26 -21.86 2.07
C THR G 68 -7.95 -22.32 2.62
N ARG G 69 -7.91 -22.72 3.88
CA ARG G 69 -6.59 -23.10 4.37
C ARG G 69 -5.95 -24.27 3.70
N SER G 70 -6.78 -25.21 3.31
CA SER G 70 -6.31 -26.43 2.71
C SER G 70 -5.77 -26.14 1.33
N ILE G 71 -6.45 -25.25 0.70
CA ILE G 71 -6.04 -24.80 -0.59
C ILE G 71 -4.69 -24.11 -0.51
N LEU G 72 -4.55 -23.21 0.43
CA LEU G 72 -3.30 -22.47 0.64
C LEU G 72 -2.20 -23.40 0.94
N HIS G 73 -2.39 -24.36 1.81
CA HIS G 73 -1.30 -25.32 2.05
C HIS G 73 -0.92 -26.06 0.80
N TYR G 74 -1.90 -26.46 0.00
CA TYR G 74 -1.51 -27.20 -1.18
C TYR G 74 -0.57 -26.38 -2.07
N ILE G 75 -0.98 -25.15 -2.34
CA ILE G 75 -0.18 -24.34 -3.19
C ILE G 75 1.19 -24.10 -2.62
N ALA G 76 1.23 -23.82 -1.34
CA ALA G 76 2.49 -23.54 -0.70
C ALA G 76 3.41 -24.70 -0.89
N ASP G 77 2.88 -25.83 -0.64
CA ASP G 77 3.66 -27.03 -0.76
C ASP G 77 4.04 -27.32 -2.20
N LYS G 78 3.25 -26.90 -3.15
CA LYS G 78 3.69 -27.12 -4.52
C LYS G 78 4.68 -26.02 -4.87
N HIS G 79 4.84 -25.00 -4.06
CA HIS G 79 5.72 -23.99 -4.57
C HIS G 79 6.77 -23.47 -3.64
N ASN G 80 7.30 -24.33 -2.79
CA ASN G 80 8.28 -23.85 -1.87
C ASN G 80 7.90 -22.66 -1.03
N LEU G 81 6.66 -22.61 -0.59
CA LEU G 81 6.29 -21.50 0.27
C LEU G 81 5.99 -22.02 1.64
N PHE G 82 6.40 -23.24 1.91
CA PHE G 82 6.09 -23.89 3.22
C PHE G 82 7.28 -24.32 4.05
N GLY G 83 8.37 -23.62 3.85
CA GLY G 83 9.54 -23.95 4.63
C GLY G 83 10.34 -25.07 4.00
N LYS G 84 11.31 -25.54 4.77
CA LYS G 84 12.25 -26.57 4.36
C LYS G 84 12.33 -27.68 5.38
N ASN G 85 11.57 -27.50 6.45
CA ASN G 85 11.52 -28.54 7.44
C ASN G 85 10.37 -28.35 8.44
N LEU G 86 10.10 -29.39 9.24
CA LEU G 86 9.03 -29.35 10.22
C LEU G 86 9.01 -28.11 11.08
N LYS G 87 10.20 -27.75 11.52
CA LYS G 87 10.34 -26.60 12.39
C LYS G 87 9.80 -25.36 11.79
N GLU G 88 10.23 -25.14 10.57
CA GLU G 88 9.82 -24.02 9.77
C GLU G 88 8.35 -24.07 9.48
N ARG G 89 8.00 -25.20 8.92
CA ARG G 89 6.64 -25.46 8.54
C ARG G 89 5.74 -25.16 9.71
N THR G 90 6.22 -25.59 10.85
CA THR G 90 5.42 -25.33 12.05
C THR G 90 5.19 -23.83 12.36
N LEU G 91 6.25 -23.03 12.18
CA LEU G 91 6.17 -21.61 12.41
C LEU G 91 5.28 -20.93 11.44
N ILE G 92 5.50 -21.27 10.19
CA ILE G 92 4.74 -20.69 9.11
C ILE G 92 3.30 -20.97 9.33
N ASP G 93 3.02 -22.18 9.75
CA ASP G 93 1.63 -22.55 9.99
C ASP G 93 0.98 -21.67 11.05
N MET G 94 1.65 -21.59 12.17
CA MET G 94 1.12 -20.77 13.19
C MET G 94 0.94 -19.35 12.81
N TYR G 95 1.93 -18.83 12.12
CA TYR G 95 1.86 -17.43 11.76
C TYR G 95 0.68 -17.19 10.90
N VAL G 96 0.56 -18.09 10.01
CA VAL G 96 -0.55 -18.00 9.11
C VAL G 96 -1.88 -18.07 9.80
N GLU G 97 -2.07 -19.05 10.68
CA GLU G 97 -3.37 -19.11 11.35
C GLU G 97 -3.65 -17.87 12.17
N GLY G 98 -2.64 -17.41 12.86
CA GLY G 98 -2.84 -16.21 13.67
C GLY G 98 -3.24 -15.07 12.77
N THR G 99 -2.51 -14.94 11.69
CA THR G 99 -2.82 -13.88 10.74
C THR G 99 -4.22 -13.95 10.16
N LEU G 100 -4.65 -15.15 9.75
CA LEU G 100 -6.03 -15.34 9.26
C LEU G 100 -7.07 -14.92 10.31
N ASP G 101 -6.69 -15.01 11.55
CA ASP G 101 -7.63 -14.57 12.55
C ASP G 101 -7.81 -13.06 12.55
N LEU G 102 -6.79 -12.39 12.15
CA LEU G 102 -6.83 -10.95 12.06
C LEU G 102 -7.54 -10.55 10.80
N LEU G 103 -7.14 -11.18 9.73
CA LEU G 103 -7.76 -10.92 8.46
C LEU G 103 -9.25 -11.11 8.47
N GLU G 104 -9.71 -11.98 9.30
CA GLU G 104 -11.12 -12.24 9.39
C GLU G 104 -11.93 -11.01 9.68
N LEU G 105 -11.39 -10.19 10.49
CA LEU G 105 -12.04 -8.93 10.78
C LEU G 105 -12.31 -8.14 9.51
N LEU G 106 -11.35 -8.18 8.65
CA LEU G 106 -11.51 -7.47 7.40
C LEU G 106 -12.58 -8.13 6.54
N ILE G 107 -12.52 -9.48 6.50
CA ILE G 107 -13.51 -10.30 5.76
C ILE G 107 -14.96 -10.09 6.16
N MET G 108 -15.17 -10.02 7.49
CA MET G 108 -16.49 -9.78 8.01
C MET G 108 -16.99 -8.37 7.88
N HIS G 109 -16.08 -7.44 7.89
CA HIS G 109 -16.38 -6.04 7.91
C HIS G 109 -17.55 -5.53 7.12
N PRO G 110 -17.53 -5.74 5.84
CA PRO G 110 -18.61 -5.29 4.98
C PRO G 110 -19.97 -5.81 5.31
N PHE G 111 -20.05 -6.89 6.04
CA PHE G 111 -21.38 -7.39 6.33
C PHE G 111 -21.93 -6.96 7.68
N LEU G 112 -21.22 -6.06 8.31
CA LEU G 112 -21.57 -5.50 9.60
C LEU G 112 -22.58 -4.43 9.35
N LYS G 113 -23.24 -4.06 10.44
CA LYS G 113 -24.18 -2.97 10.43
C LYS G 113 -23.35 -1.75 10.61
N PRO G 114 -23.40 -0.98 9.59
CA PRO G 114 -22.74 0.31 9.41
C PRO G 114 -22.33 1.04 10.69
N ASP G 115 -23.22 0.94 11.66
CA ASP G 115 -22.96 1.51 12.95
C ASP G 115 -21.75 0.78 13.57
N ASP G 116 -21.83 -0.55 13.54
CA ASP G 116 -20.80 -1.39 14.09
C ASP G 116 -19.53 -1.39 13.28
N GLN G 117 -19.67 -0.93 12.07
CA GLN G 117 -18.52 -0.96 11.24
C GLN G 117 -17.39 -0.16 11.77
N GLN G 118 -17.76 0.96 12.31
CA GLN G 118 -16.77 1.84 12.85
C GLN G 118 -16.10 1.36 14.10
N LYS G 119 -16.90 0.83 15.01
CA LYS G 119 -16.32 0.31 16.23
C LYS G 119 -15.27 -0.75 15.88
N GLU G 120 -15.58 -1.48 14.86
CA GLU G 120 -14.79 -2.55 14.34
C GLU G 120 -13.45 -2.20 13.80
N VAL G 121 -13.42 -1.07 13.13
CA VAL G 121 -12.18 -0.63 12.62
C VAL G 121 -11.24 -0.36 13.79
N VAL G 122 -11.78 0.29 14.77
CA VAL G 122 -11.01 0.56 15.96
C VAL G 122 -10.49 -0.73 16.52
N ASN G 123 -11.38 -1.71 16.57
CA ASN G 123 -10.90 -2.99 17.06
C ASN G 123 -9.78 -3.63 16.26
N MET G 124 -9.87 -3.62 14.93
CA MET G 124 -8.79 -4.19 14.14
C MET G 124 -7.54 -3.50 14.48
N ALA G 125 -7.67 -2.17 14.62
CA ALA G 125 -6.46 -1.40 14.91
C ALA G 125 -5.84 -1.93 16.16
N GLN G 126 -6.67 -2.01 17.20
CA GLN G 126 -6.10 -2.50 18.44
C GLN G 126 -5.51 -3.88 18.41
N LYS G 127 -6.20 -4.81 17.74
CA LYS G 127 -5.68 -6.14 17.71
C LYS G 127 -4.38 -6.18 17.00
N ALA G 128 -4.35 -5.49 15.86
CA ALA G 128 -3.18 -5.50 15.05
C ALA G 128 -2.00 -5.02 15.86
N ILE G 129 -2.22 -3.88 16.46
CA ILE G 129 -1.20 -3.16 17.20
C ILE G 129 -0.71 -3.93 18.38
N ILE G 130 -1.64 -4.46 19.06
CA ILE G 130 -1.30 -5.16 20.28
C ILE G 130 -1.03 -6.64 20.19
N ARG G 131 -1.79 -7.34 19.40
CA ARG G 131 -1.68 -8.75 19.37
C ARG G 131 -0.85 -9.34 18.29
N TYR G 132 -0.84 -8.74 17.09
CA TYR G 132 -0.10 -9.28 15.96
C TYR G 132 1.19 -8.61 15.53
N PHE G 133 1.08 -7.35 15.15
CA PHE G 133 2.25 -6.62 14.66
C PHE G 133 3.51 -6.79 15.51
N PRO G 134 3.29 -6.84 16.78
CA PRO G 134 4.43 -6.92 17.66
C PRO G 134 5.25 -8.19 17.60
N VAL G 135 4.60 -9.26 17.22
CA VAL G 135 5.17 -10.56 17.15
C VAL G 135 6.07 -10.59 15.94
N PHE G 136 5.51 -10.07 14.90
CA PHE G 136 6.24 -10.10 13.68
C PHE G 136 7.37 -9.14 13.71
N GLU G 137 7.08 -7.93 14.21
CA GLU G 137 8.13 -6.95 14.33
C GLU G 137 9.33 -7.52 15.09
N LYS G 138 9.07 -8.16 16.17
CA LYS G 138 10.15 -8.75 16.90
C LYS G 138 10.82 -9.89 16.21
N ILE G 139 10.10 -10.65 15.44
CA ILE G 139 10.73 -11.76 14.79
C ILE G 139 11.80 -11.28 13.86
N LEU G 140 11.35 -10.34 13.06
CA LEU G 140 12.14 -9.68 12.04
C LEU G 140 13.31 -8.96 12.61
N ARG G 141 13.01 -8.27 13.71
CA ARG G 141 14.02 -7.48 14.37
C ARG G 141 14.99 -8.46 14.91
N GLY G 142 14.49 -9.58 15.26
CA GLY G 142 15.42 -10.49 15.82
C GLY G 142 16.38 -11.20 14.88
N HIS G 143 16.11 -11.33 13.59
CA HIS G 143 17.03 -12.09 12.74
C HIS G 143 17.60 -11.27 11.60
N GLY G 144 16.98 -10.11 11.41
CA GLY G 144 17.37 -9.18 10.40
C GLY G 144 17.05 -9.59 8.98
N GLN G 145 16.44 -10.80 8.77
CA GLN G 145 16.13 -11.20 7.40
C GLN G 145 14.92 -10.56 6.79
N SER G 146 14.77 -10.76 5.51
CA SER G 146 13.63 -10.11 4.89
C SER G 146 12.37 -10.95 4.87
N PHE G 147 12.45 -12.15 5.41
CA PHE G 147 11.37 -13.07 5.49
C PHE G 147 11.19 -13.49 6.90
N LEU G 148 9.95 -13.83 7.25
CA LEU G 148 9.62 -14.23 8.60
C LEU G 148 10.32 -15.51 9.03
N VAL G 149 10.35 -16.39 8.05
CA VAL G 149 10.90 -17.70 8.26
C VAL G 149 11.75 -18.18 7.10
N GLY G 150 12.86 -18.80 7.52
CA GLY G 150 13.85 -19.43 6.67
C GLY G 150 14.54 -18.59 5.60
N ASN G 151 14.49 -17.32 5.74
CA ASN G 151 15.14 -16.47 4.79
C ASN G 151 14.73 -16.69 3.40
N GLN G 152 13.52 -17.09 3.29
CA GLN G 152 12.87 -17.25 2.02
C GLN G 152 11.39 -16.96 2.17
N LEU G 153 10.79 -16.62 1.07
CA LEU G 153 9.40 -16.32 1.07
C LEU G 153 8.62 -17.57 1.46
N SER G 154 7.61 -17.34 2.26
CA SER G 154 6.77 -18.35 2.75
C SER G 154 5.36 -17.87 2.67
N LEU G 155 4.52 -18.81 2.89
CA LEU G 155 3.12 -18.52 2.89
C LEU G 155 2.82 -17.48 3.98
N ALA G 156 3.56 -17.52 5.08
CA ALA G 156 3.34 -16.58 6.15
C ALA G 156 3.56 -15.13 5.69
N ASP G 157 4.60 -14.92 4.89
CA ASP G 157 4.84 -13.55 4.44
C ASP G 157 3.73 -13.07 3.52
N VAL G 158 3.24 -13.91 2.65
CA VAL G 158 2.18 -13.40 1.77
C VAL G 158 0.91 -12.99 2.51
N ILE G 159 0.48 -13.86 3.43
CA ILE G 159 -0.75 -13.59 4.16
C ILE G 159 -0.63 -12.35 5.00
N LEU G 160 0.56 -12.20 5.54
CA LEU G 160 0.85 -11.07 6.37
C LEU G 160 0.86 -9.83 5.55
N LEU G 161 1.58 -9.91 4.47
CA LEU G 161 1.55 -8.80 3.55
C LEU G 161 0.13 -8.43 3.12
N GLN G 162 -0.61 -9.45 2.77
CA GLN G 162 -1.95 -9.17 2.32
C GLN G 162 -2.81 -8.43 3.33
N THR G 163 -2.64 -8.88 4.56
CA THR G 163 -3.39 -8.38 5.68
C THR G 163 -3.01 -6.97 6.08
N ILE G 164 -1.73 -6.77 6.20
CA ILE G 164 -1.25 -5.46 6.52
C ILE G 164 -1.74 -4.43 5.50
N LEU G 165 -1.58 -4.78 4.23
CA LEU G 165 -2.05 -3.84 3.24
C LEU G 165 -3.52 -3.54 3.32
N ALA G 166 -4.27 -4.56 3.62
CA ALA G 166 -5.70 -4.39 3.74
C ALA G 166 -6.05 -3.50 4.90
N LEU G 167 -5.29 -3.65 5.97
CA LEU G 167 -5.54 -2.85 7.12
C LEU G 167 -5.20 -1.43 6.79
N GLU G 168 -4.06 -1.28 6.13
CA GLU G 168 -3.67 0.07 5.78
C GLU G 168 -4.69 0.78 4.94
N GLU G 169 -5.48 0.02 4.24
CA GLU G 169 -6.49 0.69 3.50
C GLU G 169 -7.44 1.35 4.45
N LYS G 170 -7.65 0.80 5.63
CA LYS G 170 -8.57 1.45 6.55
C LYS G 170 -7.85 2.33 7.57
N ILE G 171 -6.62 1.94 7.92
CA ILE G 171 -5.82 2.65 8.93
C ILE G 171 -4.41 2.71 8.46
N PRO G 172 -4.28 3.73 7.71
CA PRO G 172 -3.16 4.08 6.92
C PRO G 172 -1.86 4.18 7.60
N ASN G 173 -1.90 4.48 8.88
CA ASN G 173 -0.72 4.63 9.70
C ASN G 173 -0.61 3.51 10.67
N ILE G 174 -1.26 2.43 10.37
CA ILE G 174 -1.24 1.36 11.31
C ILE G 174 0.15 0.82 11.58
N LEU G 175 1.05 0.97 10.61
CA LEU G 175 2.41 0.46 10.76
C LEU G 175 3.44 1.41 11.33
N SER G 176 2.94 2.62 11.59
CA SER G 176 3.71 3.73 12.14
C SER G 176 4.69 3.24 13.17
N ALA G 177 4.23 2.56 14.18
CA ALA G 177 5.15 2.09 15.19
C ALA G 177 5.93 0.83 14.88
N PHE G 178 5.84 0.29 13.63
CA PHE G 178 6.49 -0.94 13.24
C PHE G 178 7.34 -0.77 12.02
N PRO G 179 8.44 -0.18 12.31
CA PRO G 179 9.48 0.18 11.38
C PRO G 179 10.02 -1.04 10.68
N PHE G 180 10.21 -2.12 11.41
CA PHE G 180 10.65 -3.34 10.73
C PHE G 180 9.58 -3.81 9.76
N LEU G 181 8.33 -3.83 10.26
CA LEU G 181 7.24 -4.24 9.44
C LEU G 181 7.14 -3.31 8.25
N GLN G 182 7.43 -2.04 8.46
CA GLN G 182 7.31 -1.18 7.29
C GLN G 182 8.31 -1.52 6.24
N GLU G 183 9.52 -1.75 6.64
CA GLU G 183 10.48 -2.07 5.66
C GLU G 183 10.20 -3.35 4.98
N TYR G 184 9.91 -4.34 5.78
CA TYR G 184 9.60 -5.67 5.27
C TYR G 184 8.53 -5.61 4.18
N THR G 185 7.51 -4.81 4.46
CA THR G 185 6.39 -4.63 3.56
C THR G 185 6.84 -4.06 2.26
N VAL G 186 7.67 -3.09 2.42
CA VAL G 186 8.16 -2.45 1.25
C VAL G 186 8.93 -3.38 0.36
N LYS G 187 9.88 -4.03 0.93
CA LYS G 187 10.61 -4.99 0.15
C LYS G 187 9.76 -6.06 -0.49
N LEU G 188 8.89 -6.64 0.30
CA LEU G 188 8.08 -7.73 -0.19
C LEU G 188 7.33 -7.20 -1.36
N SER G 189 6.88 -5.97 -1.20
CA SER G 189 6.05 -5.49 -2.28
C SER G 189 6.81 -5.27 -3.52
N ASN G 190 8.13 -5.35 -3.39
CA ASN G 190 8.97 -5.14 -4.56
C ASN G 190 9.34 -6.41 -5.26
N ILE G 191 8.95 -7.54 -4.69
CA ILE G 191 9.11 -8.80 -5.34
C ILE G 191 8.19 -8.71 -6.56
N PRO G 192 8.80 -9.05 -7.61
CA PRO G 192 8.28 -8.87 -8.94
C PRO G 192 6.92 -9.38 -9.19
N THR G 193 6.66 -10.63 -8.78
CA THR G 193 5.31 -11.19 -8.93
C THR G 193 4.37 -10.32 -8.16
N ILE G 194 4.84 -9.98 -6.96
CA ILE G 194 4.06 -9.16 -6.05
C ILE G 194 3.89 -7.78 -6.59
N LYS G 195 5.02 -7.26 -7.05
CA LYS G 195 5.00 -5.95 -7.61
C LYS G 195 3.95 -5.86 -8.71
N ARG G 196 3.89 -6.91 -9.56
CA ARG G 196 2.89 -6.95 -10.62
C ARG G 196 1.48 -7.04 -10.10
N PHE G 197 1.33 -7.88 -9.09
CA PHE G 197 0.00 -8.14 -8.52
C PHE G 197 -0.54 -6.84 -8.02
N LEU G 198 0.36 -6.07 -7.47
CA LEU G 198 -0.03 -4.81 -6.96
C LEU G 198 -0.32 -3.80 -8.03
N GLU G 199 0.29 -4.00 -9.19
CA GLU G 199 0.05 -3.13 -10.32
C GLU G 199 -1.26 -3.44 -10.99
N PRO G 200 -1.66 -2.53 -11.82
CA PRO G 200 -2.88 -2.61 -12.57
C PRO G 200 -3.00 -3.76 -13.53
N GLY G 201 -4.25 -4.20 -13.62
CA GLY G 201 -4.55 -5.31 -14.47
C GLY G 201 -4.25 -6.70 -13.90
N SER G 202 -4.06 -6.83 -12.54
CA SER G 202 -3.78 -8.09 -11.86
C SER G 202 -5.14 -8.70 -11.53
N LYS G 203 -5.15 -9.93 -11.01
CA LYS G 203 -6.47 -10.44 -10.63
C LYS G 203 -6.79 -10.05 -9.17
N LYS G 204 -5.90 -9.25 -8.58
CA LYS G 204 -6.06 -8.69 -7.29
C LYS G 204 -7.37 -7.94 -7.30
N LYS G 205 -8.18 -8.12 -6.28
CA LYS G 205 -9.47 -7.47 -6.21
C LYS G 205 -9.49 -6.30 -5.26
N PRO G 206 -10.39 -5.44 -5.57
CA PRO G 206 -10.69 -4.23 -4.85
C PRO G 206 -11.49 -4.48 -3.62
N PRO G 207 -11.47 -3.49 -2.82
CA PRO G 207 -12.17 -3.57 -1.58
C PRO G 207 -13.56 -3.59 -2.03
N PRO G 208 -14.31 -4.39 -1.38
CA PRO G 208 -15.72 -4.61 -1.59
C PRO G 208 -16.59 -3.40 -1.42
N ASP G 209 -17.53 -3.28 -2.36
CA ASP G 209 -18.54 -2.25 -2.50
C ASP G 209 -19.92 -2.77 -2.18
N GLU G 210 -20.82 -1.81 -2.18
CA GLU G 210 -22.21 -2.07 -1.94
C GLU G 210 -22.71 -3.15 -2.89
N ILE G 211 -22.14 -3.19 -4.06
CA ILE G 211 -22.58 -4.19 -4.99
C ILE G 211 -22.20 -5.59 -4.59
N TYR G 212 -20.88 -5.79 -4.43
CA TYR G 212 -20.35 -7.06 -4.04
C TYR G 212 -21.17 -7.53 -2.84
N VAL G 213 -21.37 -6.58 -1.94
CA VAL G 213 -22.11 -6.96 -0.79
C VAL G 213 -23.48 -7.47 -1.08
N ARG G 214 -24.15 -6.73 -1.89
CA ARG G 214 -25.46 -7.10 -2.36
C ARG G 214 -25.42 -8.46 -3.01
N THR G 215 -24.53 -8.58 -3.94
CA THR G 215 -24.42 -9.81 -4.65
C THR G 215 -24.16 -11.00 -3.77
N VAL G 216 -23.26 -10.85 -2.80
CA VAL G 216 -22.97 -12.00 -2.01
C VAL G 216 -24.17 -12.42 -1.30
N TYR G 217 -24.86 -11.45 -0.79
CA TYR G 217 -26.11 -11.78 -0.14
C TYR G 217 -27.04 -12.46 -1.10
N ASN G 218 -27.02 -12.03 -2.31
CA ASN G 218 -27.92 -12.71 -3.20
C ASN G 218 -27.55 -14.13 -3.49
N ILE G 219 -26.29 -14.48 -3.44
CA ILE G 219 -25.95 -15.82 -3.77
C ILE G 219 -26.02 -16.75 -2.59
N PHE G 220 -25.98 -16.22 -1.37
CA PHE G 220 -25.95 -17.07 -0.18
C PHE G 220 -26.93 -16.76 1.01
N ARG H 4 6.32 -34.89 28.35
CA ARG H 4 4.85 -35.05 28.44
C ARG H 4 4.12 -33.71 28.20
N PRO H 5 3.29 -33.63 27.14
CA PRO H 5 2.64 -32.39 26.80
C PRO H 5 1.79 -31.84 27.87
N LYS H 6 1.81 -30.52 27.84
CA LYS H 6 1.05 -29.78 28.80
C LYS H 6 0.10 -28.85 28.09
N LEU H 7 -1.12 -29.05 28.47
CA LEU H 7 -2.23 -28.35 27.93
C LEU H 7 -2.74 -27.23 28.77
N HIS H 8 -2.74 -26.04 28.18
CA HIS H 8 -3.27 -24.89 28.87
C HIS H 8 -4.62 -24.55 28.42
N TYR H 9 -5.56 -24.57 29.31
CA TYR H 9 -6.90 -24.25 28.93
C TYR H 9 -7.70 -24.36 30.16
N PRO H 10 -8.86 -23.80 30.06
CA PRO H 10 -9.84 -23.93 31.09
C PRO H 10 -10.16 -25.38 31.19
N ASN H 11 -10.81 -25.76 32.27
CA ASN H 11 -11.13 -27.16 32.41
C ASN H 11 -12.45 -27.48 31.77
N GLY H 12 -12.43 -27.73 30.46
CA GLY H 12 -13.63 -28.01 29.70
C GLY H 12 -13.21 -28.27 28.30
N ARG H 13 -14.17 -28.56 27.47
CA ARG H 13 -13.90 -28.92 26.10
C ARG H 13 -13.31 -27.84 25.23
N GLY H 14 -14.19 -26.87 24.97
CA GLY H 14 -13.92 -25.74 24.11
C GLY H 14 -13.26 -26.21 22.88
N ARG H 15 -12.20 -25.47 22.52
CA ARG H 15 -11.44 -25.82 21.36
C ARG H 15 -10.35 -26.85 21.60
N MET H 16 -10.00 -27.05 22.87
CA MET H 16 -8.91 -27.97 23.23
C MET H 16 -9.21 -29.46 23.09
N GLU H 17 -10.50 -29.74 23.12
CA GLU H 17 -10.89 -31.11 23.06
C GLU H 17 -10.37 -31.90 21.90
N SER H 18 -10.26 -31.27 20.78
CA SER H 18 -9.77 -31.96 19.62
C SER H 18 -8.37 -32.43 19.86
N VAL H 19 -7.65 -31.58 20.51
CA VAL H 19 -6.28 -31.90 20.88
C VAL H 19 -6.23 -33.06 21.85
N ARG H 20 -7.14 -33.04 22.82
CA ARG H 20 -7.17 -34.20 23.70
C ARG H 20 -7.45 -35.43 22.88
N TRP H 21 -8.47 -35.37 22.04
CA TRP H 21 -8.77 -36.54 21.24
C TRP H 21 -7.60 -37.09 20.50
N VAL H 22 -6.86 -36.20 19.86
CA VAL H 22 -5.79 -36.66 19.05
C VAL H 22 -4.69 -37.26 19.84
N LEU H 23 -4.30 -36.54 20.86
CA LEU H 23 -3.26 -37.03 21.73
C LEU H 23 -3.61 -38.42 22.21
N ALA H 24 -4.82 -38.53 22.80
CA ALA H 24 -5.33 -39.81 23.32
C ALA H 24 -5.30 -40.88 22.28
N ALA H 25 -5.81 -40.58 21.13
CA ALA H 25 -5.84 -41.55 20.10
C ALA H 25 -4.48 -42.03 19.73
N ALA H 26 -3.54 -41.12 19.69
CA ALA H 26 -2.16 -41.41 19.31
C ALA H 26 -1.46 -42.15 20.43
N GLY H 27 -2.19 -42.36 21.49
CA GLY H 27 -1.66 -43.03 22.63
C GLY H 27 -0.74 -42.20 23.51
N VAL H 28 -0.76 -40.88 23.35
CA VAL H 28 0.10 -39.99 24.13
C VAL H 28 -0.52 -39.48 25.41
N GLU H 29 0.23 -39.61 26.52
CA GLU H 29 -0.23 -39.15 27.84
C GLU H 29 0.17 -37.69 27.98
N PHE H 30 -0.64 -36.92 28.70
CA PHE H 30 -0.27 -35.54 28.77
C PHE H 30 -0.81 -34.92 29.99
N ASP H 31 -0.35 -33.72 30.24
CA ASP H 31 -0.83 -33.06 31.41
C ASP H 31 -1.68 -31.89 31.03
N GLU H 32 -2.36 -31.37 32.02
CA GLU H 32 -3.20 -30.23 31.84
C GLU H 32 -2.99 -29.18 32.93
N GLU H 33 -3.00 -27.90 32.56
CA GLU H 33 -2.90 -26.83 33.50
C GLU H 33 -4.06 -25.92 33.33
N PHE H 34 -5.04 -26.07 34.20
CA PHE H 34 -6.25 -25.34 34.01
C PHE H 34 -6.35 -23.89 34.28
N LEU H 35 -7.02 -23.19 33.38
CA LEU H 35 -7.29 -21.82 33.69
C LEU H 35 -8.62 -21.74 34.38
N GLU H 36 -8.63 -20.96 35.47
CA GLU H 36 -9.80 -20.66 36.27
C GLU H 36 -10.22 -19.20 36.38
N THR H 37 -9.27 -18.26 36.15
CA THR H 37 -9.46 -16.82 36.27
C THR H 37 -8.74 -15.97 35.23
N LYS H 38 -9.20 -14.70 35.13
CA LYS H 38 -8.57 -13.73 34.22
C LYS H 38 -7.08 -13.68 34.52
N GLU H 39 -6.86 -13.58 35.80
CA GLU H 39 -5.54 -13.45 36.33
C GLU H 39 -4.58 -14.53 35.93
N GLN H 40 -5.00 -15.78 36.02
CA GLN H 40 -4.09 -16.81 35.57
C GLN H 40 -3.79 -16.69 34.09
N LEU H 41 -4.79 -16.20 33.35
CA LEU H 41 -4.60 -16.00 31.96
C LEU H 41 -3.57 -14.91 31.82
N TYR H 42 -3.75 -13.82 32.56
CA TYR H 42 -2.73 -12.77 32.50
C TYR H 42 -1.35 -13.21 32.76
N LYS H 43 -1.20 -14.06 33.73
CA LYS H 43 0.16 -14.47 33.96
C LYS H 43 0.73 -15.23 32.81
N LEU H 44 -0.11 -15.95 32.19
CA LEU H 44 0.36 -16.77 31.11
C LEU H 44 0.79 -15.86 29.98
N GLN H 45 -0.03 -14.86 29.82
CA GLN H 45 0.15 -13.91 28.78
C GLN H 45 1.36 -13.11 29.07
N ASP H 46 1.37 -12.63 30.30
CA ASP H 46 2.47 -11.83 30.79
C ASP H 46 3.82 -12.50 30.62
N GLY H 47 3.94 -13.78 30.89
CA GLY H 47 5.24 -14.36 30.71
C GLY H 47 5.56 -14.67 29.29
N ASN H 48 4.70 -14.22 28.37
CA ASN H 48 4.98 -14.48 26.97
C ASN H 48 4.89 -15.94 26.61
N HIS H 49 3.91 -16.62 27.16
CA HIS H 49 3.86 -18.01 26.80
C HIS H 49 2.94 -18.30 25.66
N LEU H 50 2.00 -17.37 25.44
CA LEU H 50 1.02 -17.43 24.43
C LEU H 50 1.46 -16.56 23.29
N LEU H 51 1.88 -17.17 22.19
CA LEU H 51 2.35 -16.45 21.02
C LEU H 51 1.46 -15.34 20.62
N PHE H 52 0.16 -15.60 20.67
CA PHE H 52 -0.81 -14.59 20.24
C PHE H 52 -1.74 -14.23 21.36
N GLN H 53 -1.34 -14.53 22.58
CA GLN H 53 -2.15 -14.19 23.71
C GLN H 53 -3.38 -15.01 23.90
N GLN H 54 -3.49 -16.10 23.17
CA GLN H 54 -4.64 -16.91 23.36
C GLN H 54 -4.22 -18.31 23.58
N VAL H 55 -5.23 -19.07 24.03
CA VAL H 55 -5.23 -20.51 24.20
C VAL H 55 -6.29 -21.05 23.19
N PRO H 56 -6.17 -22.30 22.79
CA PRO H 56 -5.22 -23.26 23.27
C PRO H 56 -3.80 -22.99 23.08
N MET H 57 -3.02 -23.44 24.04
CA MET H 57 -1.57 -23.47 23.92
C MET H 57 -1.17 -24.83 24.49
N VAL H 58 -0.27 -25.48 23.84
CA VAL H 58 0.17 -26.77 24.29
C VAL H 58 1.69 -26.78 24.25
N GLU H 59 2.24 -27.22 25.37
CA GLU H 59 3.68 -27.29 25.43
C GLU H 59 4.10 -28.66 25.11
N ILE H 60 4.79 -28.74 24.01
CA ILE H 60 5.22 -30.01 23.55
C ILE H 60 6.53 -29.92 22.78
N ASP H 61 7.36 -30.90 23.00
CA ASP H 61 8.66 -31.01 22.33
C ASP H 61 9.46 -29.76 22.41
N GLY H 62 9.32 -29.16 23.57
CA GLY H 62 10.01 -27.94 23.91
C GLY H 62 9.44 -26.67 23.30
N MET H 63 8.27 -26.76 22.66
CA MET H 63 7.66 -25.61 22.08
C MET H 63 6.39 -25.31 22.81
N LYS H 64 5.90 -24.11 22.57
CA LYS H 64 4.64 -23.70 23.08
C LYS H 64 3.76 -23.42 21.88
N LEU H 65 3.16 -24.44 21.36
CA LEU H 65 2.32 -24.24 20.23
C LEU H 65 0.99 -23.72 20.64
N VAL H 66 0.46 -22.89 19.72
CA VAL H 66 -0.81 -22.18 19.74
C VAL H 66 -1.57 -22.35 18.41
N GLN H 67 -2.89 -22.07 18.38
CA GLN H 67 -3.73 -22.28 17.19
C GLN H 67 -4.03 -23.72 17.08
N THR H 68 -5.26 -24.01 17.41
CA THR H 68 -5.73 -25.38 17.38
C THR H 68 -5.33 -26.13 16.15
N ARG H 69 -5.59 -25.58 14.97
CA ARG H 69 -5.22 -26.39 13.82
C ARG H 69 -3.76 -26.69 13.66
N SER H 70 -2.96 -25.75 14.05
CA SER H 70 -1.53 -25.87 13.91
C SER H 70 -0.99 -26.91 14.86
N ILE H 71 -1.60 -26.90 16.01
CA ILE H 71 -1.29 -27.86 17.00
C ILE H 71 -1.64 -29.26 16.52
N LEU H 72 -2.83 -29.42 15.99
CA LEU H 72 -3.29 -30.71 15.48
C LEU H 72 -2.41 -31.18 14.39
N HIS H 73 -2.05 -30.33 13.46
CA HIS H 73 -1.12 -30.80 12.41
C HIS H 73 0.20 -31.26 13.00
N TYR H 74 0.71 -30.53 13.98
CA TYR H 74 2.00 -30.97 14.51
C TYR H 74 1.90 -32.40 15.05
N ILE H 75 0.90 -32.63 15.88
CA ILE H 75 0.77 -33.93 16.46
C ILE H 75 0.59 -34.98 15.42
N ALA H 76 -0.25 -34.70 14.46
CA ALA H 76 -0.53 -35.66 13.43
C ALA H 76 0.75 -36.05 12.75
N ASP H 77 1.49 -35.08 12.42
CA ASP H 77 2.73 -35.30 11.74
C ASP H 77 3.74 -35.99 12.62
N LYS H 78 3.67 -35.81 13.92
CA LYS H 78 4.61 -36.56 14.74
C LYS H 78 4.04 -37.95 14.93
N HIS H 79 2.83 -38.23 14.54
CA HIS H 79 2.38 -39.57 14.87
C HIS H 79 1.71 -40.35 13.80
N ASN H 80 2.14 -40.16 12.56
CA ASN H 80 1.51 -40.88 11.50
C ASN H 80 0.01 -40.75 11.40
N LEU H 81 -0.51 -39.56 11.65
CA LEU H 81 -1.94 -39.39 11.50
C LEU H 81 -2.22 -38.46 10.36
N PHE H 82 -1.21 -38.23 9.53
CA PHE H 82 -1.35 -37.27 8.41
C PHE H 82 -1.12 -37.83 7.02
N GLY H 83 -1.40 -39.11 6.89
CA GLY H 83 -1.24 -39.71 5.60
C GLY H 83 0.17 -40.16 5.34
N LYS H 84 0.41 -40.54 4.09
CA LYS H 84 1.68 -41.07 3.63
C LYS H 84 2.15 -40.34 2.39
N ASN H 85 1.34 -39.41 1.95
CA ASN H 85 1.74 -38.61 0.82
C ASN H 85 0.86 -37.37 0.62
N LEU H 86 1.31 -36.46 -0.25
CA LEU H 86 0.59 -35.23 -0.51
C LEU H 86 -0.88 -35.42 -0.79
N LYS H 87 -1.15 -36.43 -1.59
CA LYS H 87 -2.52 -36.71 -1.97
C LYS H 87 -3.40 -36.95 -0.81
N GLU H 88 -2.92 -37.82 0.04
CA GLU H 88 -3.58 -38.18 1.26
C GLU H 88 -3.70 -37.01 2.18
N ARG H 89 -2.55 -36.45 2.43
CA ARG H 89 -2.43 -35.31 3.29
C ARG H 89 -3.43 -34.27 2.89
N THR H 90 -3.50 -34.12 1.59
CA THR H 90 -4.48 -33.13 1.08
C THR H 90 -5.95 -33.43 1.46
N LEU H 91 -6.33 -34.71 1.35
CA LEU H 91 -7.66 -35.14 1.68
C LEU H 91 -7.97 -34.97 3.13
N ILE H 92 -7.04 -35.44 3.92
CA ILE H 92 -7.16 -35.40 5.35
C ILE H 92 -7.34 -33.98 5.78
N ASP H 93 -6.57 -33.12 5.16
CA ASP H 93 -6.65 -31.71 5.50
C ASP H 93 -8.05 -31.15 5.25
N MET H 94 -8.51 -31.38 4.05
CA MET H 94 -9.81 -30.89 3.75
C MET H 94 -10.87 -31.44 4.62
N TYR H 95 -10.78 -32.73 4.89
CA TYR H 95 -11.82 -33.35 5.68
C TYR H 95 -11.86 -32.72 7.02
N VAL H 96 -10.69 -32.57 7.52
CA VAL H 96 -10.58 -31.97 8.80
C VAL H 96 -11.13 -30.56 8.85
N GLU H 97 -10.75 -29.73 7.90
CA GLU H 97 -11.29 -28.36 7.95
C GLU H 97 -12.79 -28.33 7.84
N GLY H 98 -13.30 -29.15 6.95
CA GLY H 98 -14.76 -29.18 6.80
C GLY H 98 -15.37 -29.59 8.10
N THR H 99 -14.82 -30.64 8.67
CA THR H 99 -15.34 -31.12 9.94
C THR H 99 -15.30 -30.09 11.06
N LEU H 100 -14.17 -29.39 11.19
CA LEU H 100 -14.06 -28.31 12.18
C LEU H 100 -15.13 -27.24 11.99
N ASP H 101 -15.57 -27.09 10.76
CA ASP H 101 -16.62 -26.13 10.55
C ASP H 101 -17.95 -26.57 11.14
N LEU H 102 -18.12 -27.85 11.21
CA LEU H 102 -19.31 -28.42 11.77
C LEU H 102 -19.20 -28.40 13.26
N LEU H 103 -18.08 -28.85 13.74
CA LEU H 103 -17.81 -28.86 15.15
C LEU H 103 -17.98 -27.51 15.79
N GLU H 104 -17.70 -26.48 15.05
CA GLU H 104 -17.84 -25.15 15.57
C GLU H 104 -19.19 -24.86 16.13
N LEU H 105 -20.17 -25.37 15.48
CA LEU H 105 -21.51 -25.21 15.98
C LEU H 105 -21.65 -25.72 17.42
N LEU H 106 -20.99 -26.83 17.64
CA LEU H 106 -21.04 -27.40 18.96
C LEU H 106 -20.29 -26.51 19.95
N ILE H 107 -19.10 -26.03 19.50
CA ILE H 107 -18.26 -25.12 20.31
C ILE H 107 -18.94 -23.83 20.74
N MET H 108 -19.67 -23.23 19.79
CA MET H 108 -20.39 -22.02 20.08
C MET H 108 -21.65 -22.20 20.91
N HIS H 109 -22.25 -23.35 20.78
CA HIS H 109 -23.51 -23.64 21.37
C HIS H 109 -23.83 -23.11 22.74
N PRO H 110 -23.03 -23.48 23.70
CA PRO H 110 -23.23 -23.04 25.07
C PRO H 110 -23.23 -21.55 25.28
N PHE H 111 -22.68 -20.81 24.37
CA PHE H 111 -22.67 -19.38 24.59
C PHE H 111 -23.78 -18.62 23.90
N LEU H 112 -24.71 -19.37 23.35
CA LEU H 112 -25.88 -18.85 22.67
C LEU H 112 -26.88 -18.51 23.71
N LYS H 113 -27.85 -17.72 23.27
CA LYS H 113 -28.97 -17.36 24.10
C LYS H 113 -29.92 -18.49 23.95
N PRO H 114 -30.10 -19.11 25.07
CA PRO H 114 -30.98 -20.24 25.34
C PRO H 114 -32.13 -20.45 24.34
N ASP H 115 -32.70 -19.33 23.95
CA ASP H 115 -33.74 -19.34 22.97
C ASP H 115 -33.17 -19.86 21.64
N ASP H 116 -32.04 -19.27 21.25
CA ASP H 116 -31.37 -19.63 20.04
C ASP H 116 -30.71 -20.98 20.09
N GLN H 117 -30.55 -21.47 21.29
CA GLN H 117 -29.89 -22.71 21.40
C GLN H 117 -30.59 -23.81 20.70
N GLN H 118 -31.88 -23.77 20.81
CA GLN H 118 -32.68 -24.77 20.20
C GLN H 118 -32.74 -24.73 18.70
N LYS H 119 -32.88 -23.53 18.17
CA LYS H 119 -32.89 -23.39 16.73
C LYS H 119 -31.60 -24.00 16.15
N GLU H 120 -30.56 -23.77 16.88
CA GLU H 120 -29.24 -24.21 16.57
C GLU H 120 -28.99 -25.67 16.47
N VAL H 121 -29.64 -26.37 17.39
CA VAL H 121 -29.50 -27.77 17.34
C VAL H 121 -30.10 -28.30 16.05
N VAL H 122 -31.23 -27.74 15.73
CA VAL H 122 -31.87 -28.12 14.49
C VAL H 122 -30.93 -27.86 13.34
N ASN H 123 -30.30 -26.69 13.41
CA ASN H 123 -29.34 -26.43 12.35
C ASN H 123 -28.18 -27.40 12.24
N MET H 124 -27.56 -27.77 13.37
CA MET H 124 -26.48 -28.74 13.30
C MET H 124 -26.98 -29.96 12.67
N ALA H 125 -28.20 -30.33 13.06
CA ALA H 125 -28.75 -31.56 12.49
C ALA H 125 -28.77 -31.46 11.01
N GLN H 126 -29.36 -30.37 10.53
CA GLN H 126 -29.42 -30.24 9.09
C GLN H 126 -28.09 -30.21 8.37
N LYS H 127 -27.13 -29.48 8.94
CA LYS H 127 -25.88 -29.39 8.26
C LYS H 127 -25.23 -30.73 8.19
N ALA H 128 -25.27 -31.42 9.34
CA ALA H 128 -24.63 -32.69 9.43
C ALA H 128 -25.18 -33.59 8.37
N ILE H 129 -26.48 -33.67 8.37
CA ILE H 129 -27.23 -34.57 7.52
C ILE H 129 -27.04 -34.29 6.07
N ILE H 130 -27.10 -33.05 5.78
CA ILE H 130 -27.02 -32.66 4.40
C ILE H 130 -25.65 -32.32 3.85
N ARG H 131 -24.84 -31.66 4.63
CA ARG H 131 -23.60 -31.21 4.12
C ARG H 131 -22.41 -32.05 4.39
N TYR H 132 -22.35 -32.69 5.57
CA TYR H 132 -21.19 -33.50 5.95
C TYR H 132 -21.28 -35.01 5.90
N PHE H 133 -22.20 -35.54 6.69
CA PHE H 133 -22.35 -37.00 6.77
C PHE H 133 -22.35 -37.72 5.42
N PRO H 134 -22.96 -37.08 4.49
CA PRO H 134 -23.07 -37.72 3.19
C PRO H 134 -21.78 -37.94 2.42
N VAL H 135 -20.82 -37.08 2.69
CA VAL H 135 -19.56 -37.08 2.04
C VAL H 135 -18.78 -38.24 2.57
N PHE H 136 -18.83 -38.33 3.85
CA PHE H 136 -18.08 -39.35 4.49
C PHE H 136 -18.67 -40.69 4.25
N GLU H 137 -20.00 -40.76 4.38
CA GLU H 137 -20.68 -41.99 4.12
C GLU H 137 -20.30 -42.53 2.73
N LYS H 138 -20.33 -41.69 1.76
CA LYS H 138 -19.95 -42.12 0.45
C LYS H 138 -18.51 -42.48 0.30
N ILE H 139 -17.64 -41.82 1.01
CA ILE H 139 -16.24 -42.14 0.88
C ILE H 139 -15.99 -43.56 1.28
N LEU H 140 -16.51 -43.81 2.46
CA LEU H 140 -16.42 -45.09 3.13
C LEU H 140 -17.06 -46.19 2.34
N ARG H 141 -18.24 -45.84 1.83
CA ARG H 141 -19.01 -46.79 1.08
C ARG H 141 -18.24 -47.03 -0.15
N GLY H 142 -17.54 -46.06 -0.58
CA GLY H 142 -16.84 -46.29 -1.78
C GLY H 142 -15.59 -47.15 -1.71
N HIS H 143 -14.92 -47.31 -0.58
CA HIS H 143 -13.67 -48.07 -0.60
C HIS H 143 -13.71 -49.27 0.33
N GLY H 144 -14.74 -49.27 1.17
CA GLY H 144 -14.97 -50.31 2.12
C GLY H 144 -14.00 -50.36 3.29
N GLN H 145 -13.01 -49.43 3.34
CA GLN H 145 -12.07 -49.47 4.46
C GLN H 145 -12.58 -48.89 5.75
N SER H 146 -11.82 -49.13 6.80
CA SER H 146 -12.32 -48.62 8.07
C SER H 146 -11.87 -47.22 8.41
N PHE H 147 -11.08 -46.63 7.52
CA PHE H 147 -10.56 -45.31 7.66
C PHE H 147 -10.92 -44.52 6.47
N LEU H 148 -11.05 -43.21 6.67
CA LEU H 148 -11.42 -42.30 5.60
C LEU H 148 -10.39 -42.25 4.49
N VAL H 149 -9.16 -42.26 4.97
CA VAL H 149 -8.03 -42.13 4.10
C VAL H 149 -6.88 -43.06 4.47
N GLY H 150 -6.32 -43.61 3.38
CA GLY H 150 -5.18 -44.49 3.38
C GLY H 150 -5.23 -45.79 4.21
N ASN H 151 -6.40 -46.19 4.54
CA ASN H 151 -6.54 -47.40 5.29
C ASN H 151 -5.77 -47.44 6.54
N GLN H 152 -5.63 -46.29 7.08
CA GLN H 152 -5.02 -46.10 8.36
C GLN H 152 -5.67 -44.90 9.04
N LEU H 153 -5.54 -44.91 10.34
CA LEU H 153 -6.10 -43.83 11.10
C LEU H 153 -5.37 -42.55 10.74
N SER H 154 -6.16 -41.50 10.65
CA SER H 154 -5.71 -40.21 10.32
C SER H 154 -6.37 -39.23 11.23
N LEU H 155 -5.85 -38.06 11.14
CA LEU H 155 -6.40 -36.99 11.90
C LEU H 155 -7.87 -36.77 11.51
N ALA H 156 -8.21 -37.01 10.24
CA ALA H 156 -9.56 -36.85 9.80
C ALA H 156 -10.53 -37.77 10.55
N ASP H 157 -10.12 -39.01 10.78
CA ASP H 157 -11.01 -39.91 11.49
C ASP H 157 -11.23 -39.47 12.93
N VAL H 158 -10.20 -39.01 13.59
CA VAL H 158 -10.42 -38.60 14.98
C VAL H 158 -11.39 -37.44 15.12
N ILE H 159 -11.17 -36.41 14.31
CA ILE H 159 -12.02 -35.22 14.39
C ILE H 159 -13.46 -35.54 14.06
N LEU H 160 -13.59 -36.44 13.10
CA LEU H 160 -14.90 -36.84 12.67
C LEU H 160 -15.55 -37.62 13.74
N LEU H 161 -14.82 -38.57 14.25
CA LEU H 161 -15.34 -39.30 15.38
C LEU H 161 -15.73 -38.38 16.53
N GLN H 162 -14.86 -37.48 16.84
CA GLN H 162 -15.17 -36.58 17.93
C GLN H 162 -16.45 -35.80 17.77
N THR H 163 -16.62 -35.35 16.55
CA THR H 163 -17.75 -34.54 16.15
C THR H 163 -19.05 -35.28 16.14
N ILE H 164 -19.01 -36.41 15.49
CA ILE H 164 -20.19 -37.24 15.43
C ILE H 164 -20.68 -37.57 16.85
N LEU H 165 -19.75 -38.01 17.68
CA LEU H 165 -20.18 -38.32 19.03
C LEU H 165 -20.77 -37.16 19.77
N ALA H 166 -20.21 -36.00 19.54
CA ALA H 166 -20.70 -34.82 20.19
C ALA H 166 -22.09 -34.47 19.70
N LEU H 167 -22.32 -34.71 18.44
CA LEU H 167 -23.60 -34.42 17.88
C LEU H 167 -24.59 -35.38 18.47
N GLU H 168 -24.16 -36.64 18.51
CA GLU H 168 -25.06 -37.62 19.06
C GLU H 168 -25.48 -37.32 20.46
N GLU H 169 -24.67 -36.59 21.15
CA GLU H 169 -25.08 -36.25 22.46
C GLU H 169 -26.30 -35.38 22.38
N LYS H 170 -26.45 -34.58 21.33
CA LYS H 170 -27.63 -33.74 21.25
C LYS H 170 -28.71 -34.36 20.37
N ILE H 171 -28.30 -35.14 19.36
CA ILE H 171 -29.21 -35.75 18.40
C ILE H 171 -28.75 -37.15 18.13
N PRO H 172 -29.22 -37.91 19.01
CA PRO H 172 -28.93 -39.28 19.24
C PRO H 172 -29.06 -40.19 18.09
N ASN H 173 -29.93 -39.84 17.17
CA ASN H 173 -30.21 -40.64 15.99
C ASN H 173 -29.69 -39.95 14.77
N ILE H 174 -28.76 -39.06 14.97
CA ILE H 174 -28.30 -38.34 13.84
C ILE H 174 -27.67 -39.22 12.77
N LEU H 175 -27.15 -40.37 13.19
CA LEU H 175 -26.50 -41.28 12.24
C LEU H 175 -27.38 -42.34 11.60
N SER H 176 -28.63 -42.32 12.04
CA SER H 176 -29.68 -43.22 11.59
C SER H 176 -29.55 -43.51 10.12
N ALA H 177 -29.54 -42.51 9.30
CA ALA H 177 -29.43 -42.76 7.88
C ALA H 177 -28.04 -43.03 7.33
N PHE H 178 -27.00 -43.17 8.20
CA PHE H 178 -25.63 -43.36 7.81
C PHE H 178 -25.02 -44.57 8.43
N PRO H 179 -25.43 -45.63 7.88
CA PRO H 179 -25.08 -46.98 8.24
C PRO H 179 -23.59 -47.20 8.14
N PHE H 180 -22.97 -46.68 7.11
CA PHE H 180 -21.52 -46.79 7.04
C PHE H 180 -20.88 -46.02 8.17
N LEU H 181 -21.36 -44.78 8.36
CA LEU H 181 -20.84 -43.98 9.42
C LEU H 181 -21.10 -44.65 10.74
N GLN H 182 -22.22 -45.34 10.85
CA GLN H 182 -22.43 -45.99 12.15
C GLN H 182 -21.42 -47.05 12.40
N GLU H 183 -21.17 -47.85 11.42
CA GLU H 183 -20.22 -48.88 11.65
C GLU H 183 -18.86 -48.36 11.90
N TYR H 184 -18.46 -47.44 11.06
CA TYR H 184 -17.15 -46.82 11.18
C TYR H 184 -16.90 -46.31 12.60
N THR H 185 -17.93 -45.66 13.13
CA THR H 185 -17.87 -45.08 14.46
C THR H 185 -17.66 -46.13 15.49
N VAL H 186 -18.38 -47.17 15.29
CA VAL H 186 -18.28 -48.25 16.21
C VAL H 186 -16.90 -48.83 16.26
N LYS H 187 -16.41 -49.19 15.11
CA LYS H 187 -15.07 -49.69 15.09
C LYS H 187 -14.02 -48.76 15.64
N LEU H 188 -14.09 -47.51 15.22
CA LEU H 188 -13.11 -46.57 15.65
C LEU H 188 -13.15 -46.54 17.13
N SER H 189 -14.37 -46.58 17.63
CA SER H 189 -14.44 -46.43 19.06
C SER H 189 -13.87 -47.59 19.78
N ASN H 190 -13.60 -48.63 19.02
CA ASN H 190 -13.03 -49.84 19.63
C ASN H 190 -11.54 -49.88 19.61
N ILE H 191 -10.93 -48.90 18.94
CA ILE H 191 -9.51 -48.75 18.97
C ILE H 191 -9.20 -48.43 20.43
N PRO H 192 -8.28 -49.16 20.88
CA PRO H 192 -7.91 -49.24 22.26
C PRO H 192 -7.64 -47.96 22.95
N THR H 193 -6.83 -47.11 22.32
CA THR H 193 -6.55 -45.79 22.90
C THR H 193 -7.85 -45.06 23.01
N ILE H 194 -8.62 -45.20 21.93
CA ILE H 194 -9.91 -44.54 21.85
C ILE H 194 -10.87 -45.13 22.82
N LYS H 195 -10.85 -46.46 22.83
CA LYS H 195 -11.72 -47.17 23.74
C LYS H 195 -11.48 -46.67 25.16
N ARG H 196 -10.20 -46.49 25.52
CA ARG H 196 -9.87 -45.98 26.85
C ARG H 196 -10.34 -44.57 27.07
N PHE H 197 -10.13 -43.75 26.06
CA PHE H 197 -10.46 -42.34 26.14
C PHE H 197 -11.92 -42.22 26.42
N LEU H 198 -12.65 -43.11 25.80
CA LEU H 198 -14.06 -43.11 26.00
C LEU H 198 -14.46 -43.63 27.35
N GLU H 199 -13.62 -44.45 27.93
CA GLU H 199 -13.87 -44.98 29.25
C GLU H 199 -13.56 -43.97 30.32
N PRO H 200 -14.01 -44.27 31.50
CA PRO H 200 -13.86 -43.46 32.66
C PRO H 200 -12.45 -43.22 33.10
N GLY H 201 -12.28 -42.02 33.62
CA GLY H 201 -10.97 -41.60 34.09
C GLY H 201 -10.01 -41.10 33.01
N SER H 202 -10.52 -40.76 31.77
CA SER H 202 -9.70 -40.25 30.67
C SER H 202 -9.62 -38.75 30.85
N LYS H 203 -8.83 -38.08 30.02
CA LYS H 203 -8.84 -36.63 30.18
C LYS H 203 -9.95 -36.00 29.27
N LYS H 204 -10.72 -36.88 28.65
CA LYS H 204 -11.84 -36.53 27.85
C LYS H 204 -12.75 -35.72 28.75
N LYS H 205 -13.26 -34.62 28.25
CA LYS H 205 -14.11 -33.73 29.02
C LYS H 205 -15.57 -33.88 28.66
N PRO H 206 -16.35 -33.54 29.63
CA PRO H 206 -17.80 -33.54 29.59
C PRO H 206 -18.32 -32.35 28.90
N PRO H 207 -19.55 -32.47 28.57
CA PRO H 207 -20.21 -31.44 27.87
C PRO H 207 -20.29 -30.39 28.90
N PRO H 208 -20.06 -29.21 28.46
CA PRO H 208 -20.06 -28.00 29.24
C PRO H 208 -21.36 -27.68 29.92
N ASP H 209 -21.22 -27.23 31.17
CA ASP H 209 -22.25 -26.83 32.12
C ASP H 209 -22.24 -25.34 32.35
N GLU H 210 -23.24 -24.95 33.11
CA GLU H 210 -23.42 -23.59 33.48
C GLU H 210 -22.16 -23.05 34.13
N ILE H 211 -21.44 -23.93 34.79
CA ILE H 211 -20.24 -23.46 35.42
C ILE H 211 -19.16 -23.10 34.43
N TYR H 212 -18.78 -24.08 33.61
CA TYR H 212 -17.78 -23.90 32.61
C TYR H 212 -18.12 -22.60 31.87
N VAL H 213 -19.40 -22.51 31.57
CA VAL H 213 -19.78 -21.33 30.87
C VAL H 213 -19.49 -20.07 31.58
N ARG H 214 -19.88 -20.06 32.81
CA ARG H 214 -19.61 -18.95 33.69
C ARG H 214 -18.14 -18.68 33.74
N THR H 215 -17.40 -19.70 34.03
CA THR H 215 -15.99 -19.54 34.13
C THR H 215 -15.34 -18.99 32.91
N VAL H 216 -15.75 -19.49 31.74
CA VAL H 216 -15.07 -19.02 30.57
C VAL H 216 -15.30 -17.58 30.43
N TYR H 217 -16.52 -17.20 30.66
CA TYR H 217 -16.82 -15.80 30.62
C TYR H 217 -15.97 -15.06 31.63
N ASN H 218 -15.75 -15.65 32.75
CA ASN H 218 -14.94 -14.91 33.68
C ASN H 218 -13.51 -14.76 33.25
N ILE H 219 -12.98 -15.69 32.49
CA ILE H 219 -11.60 -15.54 32.14
C ILE H 219 -11.38 -14.72 30.91
N PHE H 220 -12.41 -14.55 30.09
CA PHE H 220 -12.25 -13.83 28.81
C PHE H 220 -13.28 -12.71 28.42
#